data_8YAQ
#
_entry.id   8YAQ
#
_cell.length_a   1.00
_cell.length_b   1.00
_cell.length_c   1.00
_cell.angle_alpha   90.00
_cell.angle_beta   90.00
_cell.angle_gamma   90.00
#
_symmetry.space_group_name_H-M   'P 1'
#
loop_
_entity.id
_entity.type
_entity.pdbx_description
1 polymer 'Cellodextrin phosphorylase'
2 branched beta-D-glucopyranose-(1-4)-beta-D-glucopyranose-(1-4)-beta-D-glucopyranose-(1-4)-beta-D-glucopyranose-(1-4)-beta-D-glucopyranose
3 branched beta-D-glucopyranose-(1-4)-beta-D-glucopyranose-(1-4)-beta-D-glucopyranose
4 non-polymer 'CHLORIDE ION'
5 water water
#
_entity_poly.entity_id   1
_entity_poly.type   'polypeptide(L)'
_entity_poly.pdbx_seq_one_letter_code
;MVTKVTARNNKITPVELLNQKFGNKINLGNFADAVFTDAAFKNVAGIANLPMKAPVMQVLMENCIVSKYLKQFVPDRSVC
FVEEGQKFYIVLEDGQKIEVPEDVNKALKATVSDVKHWAGYLTEDGEHVIDLLKPAPGPHFYVNLLIGNRLGFKRTLQTT
PKSVVDRFGRGSFRSHAATQVLATRFDMRQEENGFPANRQFYLYEDGKQIFYSALIDDNIVEATCKHSCNRTVIKYKTAC
NLEITRTIFLVPHKKGFPLATELQRIEIKNASDKARNLSITYTGMFGTGAVHAIFEDVTYTNVIMQSAALYNDKGEFIGI
TPDYYPEEFKQDTRFVTMIVRNGDEKSFPQSFCTDYNDFVGTGTLEHPAGGCNLNNKLNRKGPGFFALGAPFTVEPGKTV
IIDTFTGLSSSKDNENYSDAVMLRELDNLLRYFEKSESVEETLNEIINFHENYGKYFQFNTGNKLFDSGFNRNLAFQVLY
QTFMSRSFGQTQKGYREIGFREIQDLFASMYYFINIGYQDFVKELLFEWTANVYKMGYANHNFYWVGKQPGLYSDDSLWL
LQAYYRYIIYTKDTSVLNEEVPVADGNNEKRAVRETLKAIIQYSACISVGDHGLPLLDLADWNDCLKIDSNSIDGATKEK
LYYEQLKKTNGKYGDRFMSDYSESVMNAFLLKLAIDHLAEIATLDNDTQLAQQMSELSKEVTDRIQKHAWKENFFARVLI
NRYKDGSYTYLGAKGDKLSADPNIDGVYFLNSFAWSVLSDVATDEQIAIMVDVIKKHLLTPYGLRLVTPADLNKIANDTA
TGHYFFGDRENGAVFKHASMMAVAALIKAAKKVKDNELAKEMARIAYFMIDLVLPYKNLENPFQVAGNPRICTQYINTDT
GENIGPLLSGTATWLNLNLISLAGIEYTRDGISFNPILREEETQLNFTLKAPKCSYKFSITKPVGFARMESSEYELFVDG
QKIDNTVIPMYTDEKEHIVTLKFKHHHHHH
;
_entity_poly.pdbx_strand_id   A,B
#
# COMPACT_ATOMS: atom_id res chain seq x y z
N VAL A 2 25.72 25.37 2.10
CA VAL A 2 24.32 25.77 1.93
C VAL A 2 23.62 25.79 3.28
N THR A 3 22.43 26.40 3.33
CA THR A 3 21.67 26.54 4.55
C THR A 3 20.26 26.02 4.33
N LYS A 4 19.61 25.65 5.43
CA LYS A 4 18.27 25.08 5.40
C LYS A 4 17.34 25.90 6.27
N VAL A 5 16.13 26.16 5.76
CA VAL A 5 15.09 26.87 6.49
C VAL A 5 13.83 26.01 6.46
N THR A 6 13.38 25.57 7.63
CA THR A 6 12.23 24.70 7.71
C THR A 6 10.93 25.51 7.70
N ALA A 7 9.82 24.80 7.54
CA ALA A 7 8.52 25.46 7.47
C ALA A 7 8.19 26.15 8.78
N ARG A 8 8.48 25.51 9.91
CA ARG A 8 8.15 26.10 11.20
C ARG A 8 9.12 27.21 11.59
N ASN A 9 10.36 27.16 11.10
CA ASN A 9 11.32 28.22 11.39
C ASN A 9 11.05 29.49 10.60
N ASN A 10 10.29 29.40 9.50
CA ASN A 10 9.93 30.57 8.71
C ASN A 10 8.82 31.29 9.46
N LYS A 11 9.22 32.16 10.39
CA LYS A 11 8.26 32.77 11.30
C LYS A 11 7.31 33.71 10.57
N ILE A 12 7.81 34.50 9.63
CA ILE A 12 7.01 35.54 8.99
C ILE A 12 6.08 34.90 7.96
N THR A 13 4.79 35.05 8.17
CA THR A 13 3.77 34.59 7.24
C THR A 13 3.45 35.68 6.22
N PRO A 14 2.92 35.31 5.05
CA PRO A 14 2.56 36.34 4.07
C PRO A 14 1.59 37.38 4.57
N VAL A 15 0.64 36.97 5.43
CA VAL A 15 -0.33 37.92 5.96
C VAL A 15 0.34 38.95 6.86
N GLU A 16 1.30 38.51 7.68
CA GLU A 16 2.01 39.45 8.53
C GLU A 16 2.81 40.45 7.72
N LEU A 17 3.47 39.98 6.65
CA LEU A 17 4.21 40.89 5.78
C LEU A 17 3.27 41.86 5.09
N LEU A 18 2.10 41.39 4.66
CA LEU A 18 1.12 42.27 4.05
C LEU A 18 0.65 43.34 5.03
N ASN A 19 0.42 42.94 6.28
CA ASN A 19 0.02 43.91 7.30
C ASN A 19 1.13 44.92 7.56
N GLN A 20 2.38 44.47 7.58
CA GLN A 20 3.49 45.40 7.77
C GLN A 20 3.58 46.40 6.63
N LYS A 21 3.42 45.92 5.39
CA LYS A 21 3.61 46.80 4.24
C LYS A 21 2.44 47.75 4.02
N PHE A 22 1.20 47.28 4.22
CA PHE A 22 0.02 48.07 3.90
C PHE A 22 -0.87 48.33 5.10
N GLY A 23 -0.33 48.24 6.32
CA GLY A 23 -1.16 48.39 7.50
C GLY A 23 -1.76 49.78 7.64
N ASN A 24 -0.94 50.82 7.42
CA ASN A 24 -1.40 52.18 7.59
C ASN A 24 -1.86 52.84 6.30
N LYS A 25 -1.46 52.31 5.14
CA LYS A 25 -1.84 52.93 3.88
C LYS A 25 -3.31 52.67 3.54
N ILE A 26 -3.77 51.43 3.76
CA ILE A 26 -5.14 51.05 3.45
C ILE A 26 -5.70 50.25 4.62
N ASN A 27 -7.03 50.13 4.64
CA ASN A 27 -7.73 49.37 5.66
C ASN A 27 -7.84 47.91 5.20
N LEU A 28 -7.08 47.03 5.86
CA LEU A 28 -7.06 45.63 5.48
C LEU A 28 -8.27 44.86 5.97
N GLY A 29 -9.06 45.42 6.88
CA GLY A 29 -10.22 44.74 7.39
C GLY A 29 -9.88 43.66 8.40
N ASN A 30 -10.92 42.91 8.78
CA ASN A 30 -10.73 41.86 9.78
C ASN A 30 -9.89 40.71 9.24
N PHE A 31 -10.11 40.34 7.98
CA PHE A 31 -9.42 39.22 7.37
C PHE A 31 -8.84 39.63 6.02
N ALA A 32 -7.69 39.04 5.70
CA ALA A 32 -7.03 39.28 4.42
C ALA A 32 -6.23 38.05 4.05
N ASP A 33 -5.92 37.92 2.76
CA ASP A 33 -5.15 36.80 2.26
C ASP A 33 -3.95 37.32 1.48
N ALA A 34 -2.87 36.55 1.50
CA ALA A 34 -1.65 36.97 0.84
C ALA A 34 -0.83 35.73 0.48
N VAL A 35 0.13 35.93 -0.42
CA VAL A 35 0.99 34.85 -0.88
C VAL A 35 2.34 35.44 -1.25
N PHE A 36 3.42 34.68 -0.95
CA PHE A 36 4.75 35.12 -1.32
C PHE A 36 4.93 35.05 -2.83
N THR A 37 5.60 36.06 -3.38
CA THR A 37 5.78 36.17 -4.82
C THR A 37 7.09 35.60 -5.31
N ASP A 38 7.98 35.19 -4.41
CA ASP A 38 9.25 34.60 -4.81
C ASP A 38 9.76 33.74 -3.68
N ALA A 39 10.74 32.90 -3.99
CA ALA A 39 11.29 31.99 -3.00
C ALA A 39 12.14 32.69 -1.95
N ALA A 40 12.45 33.98 -2.14
CA ALA A 40 13.22 34.72 -1.17
C ALA A 40 12.38 35.27 -0.02
N PHE A 41 11.05 35.16 -0.12
CA PHE A 41 10.14 35.62 0.94
C PHE A 41 10.34 37.10 1.25
N LYS A 42 10.57 37.90 0.22
CA LYS A 42 10.80 39.33 0.39
C LYS A 42 9.61 40.19 -0.01
N ASN A 43 8.81 39.76 -0.98
CA ASN A 43 7.66 40.52 -1.42
C ASN A 43 6.42 39.64 -1.38
N VAL A 44 5.27 40.28 -1.20
CA VAL A 44 4.00 39.57 -1.04
C VAL A 44 2.97 40.18 -1.96
N ALA A 45 1.98 39.38 -2.33
CA ALA A 45 0.84 39.84 -3.11
C ALA A 45 -0.43 39.33 -2.45
N GLY A 46 -1.40 40.21 -2.23
CA GLY A 46 -2.56 39.79 -1.49
C GLY A 46 -3.78 40.64 -1.77
N ILE A 47 -4.88 40.22 -1.14
CA ILE A 47 -6.16 40.90 -1.22
C ILE A 47 -6.68 41.09 0.19
N ALA A 48 -7.28 42.26 0.46
CA ALA A 48 -7.67 42.66 1.79
C ALA A 48 -9.19 42.69 1.92
N ASN A 49 -9.64 42.84 3.18
CA ASN A 49 -11.04 43.01 3.53
C ASN A 49 -11.88 41.81 3.07
N LEU A 50 -11.54 40.66 3.61
CA LEU A 50 -12.31 39.46 3.33
C LEU A 50 -13.27 39.14 4.48
N PRO A 51 -14.44 38.59 4.18
CA PRO A 51 -15.36 38.22 5.27
C PRO A 51 -14.79 37.18 6.21
N MET A 52 -13.96 36.26 5.71
CA MET A 52 -13.35 35.24 6.55
C MET A 52 -12.06 34.78 5.88
N LYS A 53 -11.24 34.08 6.65
CA LYS A 53 -9.98 33.55 6.12
C LYS A 53 -10.27 32.49 5.08
N ALA A 54 -9.65 32.61 3.90
CA ALA A 54 -9.87 31.68 2.81
C ALA A 54 -8.70 31.81 1.84
N PRO A 55 -8.37 30.74 1.10
CA PRO A 55 -7.29 30.81 0.11
C PRO A 55 -7.72 31.48 -1.19
N VAL A 56 -8.09 32.76 -1.09
CA VAL A 56 -8.55 33.50 -2.26
C VAL A 56 -7.41 33.71 -3.25
N MET A 57 -6.20 33.93 -2.73
CA MET A 57 -5.07 34.24 -3.61
C MET A 57 -4.75 33.08 -4.54
N GLN A 58 -4.83 31.85 -4.04
CA GLN A 58 -4.57 30.69 -4.89
C GLN A 58 -5.57 30.62 -6.04
N VAL A 59 -6.85 30.84 -5.74
CA VAL A 59 -7.87 30.83 -6.78
C VAL A 59 -7.61 31.95 -7.79
N LEU A 60 -7.21 33.12 -7.30
CA LEU A 60 -6.92 34.23 -8.21
C LEU A 60 -5.75 33.90 -9.13
N MET A 61 -4.69 33.31 -8.59
CA MET A 61 -3.55 32.93 -9.43
C MET A 61 -3.93 31.80 -10.40
N GLU A 62 -4.94 31.01 -10.06
CA GLU A 62 -5.43 30.02 -11.02
C GLU A 62 -6.05 30.69 -12.25
N ASN A 63 -6.66 31.85 -12.07
CA ASN A 63 -7.25 32.56 -13.19
C ASN A 63 -6.15 33.10 -14.11
N CYS A 64 -6.37 32.97 -15.42
CA CYS A 64 -5.35 33.38 -16.38
C CYS A 64 -5.26 34.90 -16.50
N ILE A 65 -6.41 35.58 -16.55
CA ILE A 65 -6.42 37.03 -16.75
C ILE A 65 -5.76 37.73 -15.57
N VAL A 66 -6.12 37.34 -14.36
CA VAL A 66 -5.57 37.98 -13.16
C VAL A 66 -4.07 37.72 -13.07
N SER A 67 -3.65 36.49 -13.37
CA SER A 67 -2.23 36.17 -13.33
C SER A 67 -1.46 36.99 -14.36
N LYS A 68 -1.99 37.11 -15.58
CA LYS A 68 -1.33 37.90 -16.60
C LYS A 68 -1.23 39.36 -16.20
N TYR A 69 -2.29 39.91 -15.60
CA TYR A 69 -2.25 41.29 -15.14
C TYR A 69 -1.22 41.47 -14.04
N LEU A 70 -1.15 40.53 -13.11
CA LEU A 70 -0.20 40.63 -12.01
C LEU A 70 1.24 40.49 -12.50
N LYS A 71 1.46 39.72 -13.56
CA LYS A 71 2.81 39.48 -14.04
C LYS A 71 3.53 40.79 -14.37
N GLN A 72 2.80 41.75 -14.93
CA GLN A 72 3.40 43.06 -15.24
C GLN A 72 3.64 43.90 -13.99
N PHE A 73 3.10 43.50 -12.84
CA PHE A 73 3.16 44.31 -11.63
C PHE A 73 3.99 43.68 -10.52
N VAL A 74 3.95 42.37 -10.34
CA VAL A 74 4.54 41.78 -9.15
C VAL A 74 5.48 40.64 -9.51
N PRO A 75 6.63 40.92 -10.13
CA PRO A 75 7.74 39.96 -10.04
C PRO A 75 8.62 40.26 -8.84
N ASP A 76 8.69 41.55 -8.46
CA ASP A 76 9.51 41.97 -7.33
C ASP A 76 8.91 43.11 -6.51
N ARG A 77 7.70 43.55 -6.82
CA ARG A 77 7.06 44.66 -6.12
C ARG A 77 5.80 44.18 -5.43
N SER A 78 5.70 44.43 -4.13
CA SER A 78 4.53 44.00 -3.37
C SER A 78 3.31 44.80 -3.79
N VAL A 79 2.20 44.09 -4.04
CA VAL A 79 0.95 44.72 -4.45
C VAL A 79 -0.18 44.18 -3.57
N CYS A 80 -1.25 44.97 -3.49
CA CYS A 80 -2.44 44.56 -2.75
C CYS A 80 -3.68 44.91 -3.55
N PHE A 81 -4.75 44.16 -3.33
CA PHE A 81 -6.04 44.39 -3.97
C PHE A 81 -7.01 44.97 -2.96
N VAL A 82 -7.66 46.06 -3.32
CA VAL A 82 -8.66 46.70 -2.47
C VAL A 82 -9.93 46.92 -3.29
N GLU A 83 -11.05 47.00 -2.60
CA GLU A 83 -12.36 47.19 -3.23
C GLU A 83 -12.98 48.47 -2.70
N GLU A 84 -13.28 49.40 -3.61
CA GLU A 84 -13.92 50.66 -3.25
C GLU A 84 -14.96 51.00 -4.33
N GLY A 85 -16.15 51.36 -3.89
CA GLY A 85 -17.18 51.82 -4.80
C GLY A 85 -17.54 50.83 -5.88
N GLN A 86 -17.64 49.54 -5.52
CA GLN A 86 -17.93 48.47 -6.47
C GLN A 86 -16.88 48.39 -7.58
N LYS A 87 -15.67 48.83 -7.29
CA LYS A 87 -14.56 48.73 -8.22
C LYS A 87 -13.34 48.20 -7.49
N PHE A 88 -12.40 47.65 -8.24
CA PHE A 88 -11.19 47.06 -7.68
C PHE A 88 -9.98 47.91 -8.03
N TYR A 89 -9.18 48.23 -7.04
CA TYR A 89 -7.94 48.97 -7.21
C TYR A 89 -6.76 48.11 -6.75
N ILE A 90 -5.61 48.36 -7.36
CA ILE A 90 -4.37 47.73 -6.95
C ILE A 90 -3.48 48.81 -6.33
N VAL A 91 -2.97 48.51 -5.14
CA VAL A 91 -2.17 49.46 -4.36
C VAL A 91 -0.75 48.94 -4.30
N LEU A 92 0.21 49.80 -4.64
CA LEU A 92 1.62 49.46 -4.57
C LEU A 92 2.20 49.88 -3.22
N GLU A 93 3.43 49.42 -2.97
CA GLU A 93 4.05 49.70 -1.68
C GLU A 93 4.39 51.17 -1.52
N ASP A 94 4.70 51.86 -2.62
CA ASP A 94 5.04 53.28 -2.51
C ASP A 94 3.81 54.13 -2.21
N GLY A 95 2.65 53.73 -2.76
CA GLY A 95 1.42 54.42 -2.42
C GLY A 95 0.45 54.64 -3.57
N GLN A 96 0.85 54.30 -4.79
CA GLN A 96 -0.02 54.51 -5.93
C GLN A 96 -1.21 53.55 -5.89
N LYS A 97 -2.37 54.06 -6.30
CA LYS A 97 -3.57 53.24 -6.48
C LYS A 97 -3.97 53.30 -7.94
N ILE A 98 -4.10 52.13 -8.57
CA ILE A 98 -4.41 52.03 -9.99
C ILE A 98 -5.72 51.28 -10.14
N GLU A 99 -6.65 51.85 -10.91
CA GLU A 99 -7.90 51.18 -11.22
C GLU A 99 -7.63 50.11 -12.27
N VAL A 100 -7.92 48.86 -11.94
CA VAL A 100 -7.64 47.72 -12.81
C VAL A 100 -8.56 47.77 -14.01
N PRO A 101 -8.16 47.20 -15.16
CA PRO A 101 -9.05 47.18 -16.33
C PRO A 101 -10.31 46.36 -16.10
N GLU A 102 -11.20 46.37 -17.10
CA GLU A 102 -12.54 45.84 -16.91
C GLU A 102 -12.55 44.32 -16.71
N ASP A 103 -11.74 43.59 -17.47
CA ASP A 103 -11.80 42.13 -17.43
C ASP A 103 -11.32 41.60 -16.08
N VAL A 104 -10.17 42.09 -15.60
CA VAL A 104 -9.67 41.65 -14.31
C VAL A 104 -10.60 42.11 -13.19
N ASN A 105 -11.20 43.30 -13.33
CA ASN A 105 -12.16 43.75 -12.32
C ASN A 105 -13.36 42.81 -12.27
N LYS A 106 -13.86 42.38 -13.43
CA LYS A 106 -14.98 41.45 -13.45
C LYS A 106 -14.58 40.11 -12.84
N ALA A 107 -13.37 39.63 -13.14
CA ALA A 107 -12.92 38.37 -12.56
C ALA A 107 -12.82 38.47 -11.04
N LEU A 108 -12.27 39.59 -10.54
CA LEU A 108 -12.17 39.78 -9.10
C LEU A 108 -13.55 39.86 -8.45
N LYS A 109 -14.49 40.56 -9.09
CA LYS A 109 -15.84 40.65 -8.55
C LYS A 109 -16.49 39.28 -8.49
N ALA A 110 -16.30 38.46 -9.53
CA ALA A 110 -16.85 37.11 -9.54
C ALA A 110 -16.23 36.25 -8.45
N THR A 111 -14.92 36.34 -8.27
CA THR A 111 -14.24 35.46 -7.31
C THR A 111 -14.57 35.85 -5.87
N VAL A 112 -14.50 37.15 -5.56
CA VAL A 112 -14.70 37.59 -4.18
C VAL A 112 -16.15 37.38 -3.74
N SER A 113 -17.10 37.40 -4.67
CA SER A 113 -18.50 37.19 -4.32
C SER A 113 -18.70 35.81 -3.70
N ASP A 114 -19.43 35.77 -2.60
CA ASP A 114 -19.79 34.53 -1.91
C ASP A 114 -18.55 33.75 -1.46
N VAL A 115 -17.62 34.46 -0.80
CA VAL A 115 -16.49 33.78 -0.17
C VAL A 115 -16.96 32.97 1.03
N LYS A 116 -17.95 33.48 1.76
CA LYS A 116 -18.39 32.85 3.01
C LYS A 116 -18.89 31.43 2.80
N HIS A 117 -19.31 31.08 1.58
CA HIS A 117 -19.84 29.75 1.30
C HIS A 117 -18.88 28.91 0.46
N TRP A 118 -17.58 29.22 0.50
CA TRP A 118 -16.62 28.42 -0.26
C TRP A 118 -16.55 26.99 0.26
N ALA A 119 -16.62 26.81 1.58
CA ALA A 119 -16.60 25.49 2.17
C ALA A 119 -17.97 24.85 2.24
N GLY A 120 -19.01 25.53 1.77
CA GLY A 120 -20.35 25.00 1.79
C GLY A 120 -21.16 25.53 2.95
N TYR A 121 -22.37 24.98 3.08
CA TYR A 121 -23.28 25.39 4.14
C TYR A 121 -24.14 24.20 4.53
N LEU A 122 -24.75 24.30 5.70
CA LEU A 122 -25.63 23.26 6.22
C LEU A 122 -27.08 23.66 6.06
N THR A 123 -27.91 22.72 5.61
CA THR A 123 -29.32 22.97 5.47
C THR A 123 -30.02 22.89 6.82
N GLU A 124 -31.34 23.08 6.83
CA GLU A 124 -32.09 22.99 8.06
C GLU A 124 -32.12 21.58 8.64
N ASP A 125 -31.82 20.57 7.81
CA ASP A 125 -31.80 19.19 8.27
C ASP A 125 -30.39 18.69 8.54
N GLY A 126 -29.39 19.57 8.54
CA GLY A 126 -28.03 19.18 8.79
C GLY A 126 -27.29 18.63 7.60
N GLU A 127 -27.91 18.59 6.43
CA GLU A 127 -27.22 18.11 5.23
C GLU A 127 -26.21 19.14 4.76
N HIS A 128 -25.07 18.67 4.30
CA HIS A 128 -23.97 19.54 3.89
C HIS A 128 -24.00 19.71 2.37
N VAL A 129 -24.13 20.94 1.91
CA VAL A 129 -24.15 21.26 0.49
C VAL A 129 -22.79 21.79 0.10
N ILE A 130 -22.16 21.14 -0.88
CA ILE A 130 -20.77 21.40 -1.25
C ILE A 130 -20.72 21.77 -2.72
N ASP A 131 -19.99 22.84 -3.04
CA ASP A 131 -19.68 23.16 -4.42
C ASP A 131 -18.43 22.40 -4.83
N LEU A 132 -18.46 21.81 -6.03
CA LEU A 132 -17.38 20.94 -6.47
C LEU A 132 -16.20 21.69 -7.06
N LEU A 133 -16.29 23.02 -7.19
CA LEU A 133 -15.22 23.82 -7.76
C LEU A 133 -14.41 24.57 -6.70
N LYS A 134 -14.62 24.28 -5.43
CA LYS A 134 -13.99 25.06 -4.38
C LYS A 134 -12.92 24.22 -3.66
N PRO A 135 -11.88 24.87 -3.13
CA PRO A 135 -10.84 24.12 -2.42
C PRO A 135 -11.36 23.52 -1.12
N ALA A 136 -10.72 22.42 -0.71
CA ALA A 136 -11.11 21.68 0.48
C ALA A 136 -10.36 22.21 1.70
N PRO A 137 -11.07 22.57 2.78
CA PRO A 137 -10.36 23.00 3.99
C PRO A 137 -9.46 21.92 4.57
N GLY A 138 -9.84 20.65 4.45
CA GLY A 138 -9.05 19.57 4.97
C GLY A 138 -9.40 18.25 4.31
N PRO A 139 -8.57 17.23 4.51
CA PRO A 139 -8.84 15.93 3.88
C PRO A 139 -10.14 15.30 4.32
N HIS A 140 -10.59 15.53 5.55
CA HIS A 140 -11.81 14.92 6.07
C HIS A 140 -13.04 15.82 5.96
N PHE A 141 -12.90 17.01 5.37
CA PHE A 141 -14.00 17.97 5.41
C PHE A 141 -15.15 17.54 4.50
N TYR A 142 -14.84 16.99 3.33
CA TYR A 142 -15.86 16.62 2.34
C TYR A 142 -16.10 15.11 2.32
N VAL A 143 -16.06 14.46 3.47
CA VAL A 143 -16.15 13.01 3.56
C VAL A 143 -17.47 12.63 4.20
N ASN A 144 -18.13 11.61 3.64
CA ASN A 144 -19.36 11.07 4.17
C ASN A 144 -19.21 9.56 4.34
N LEU A 145 -19.83 9.03 5.39
CA LEU A 145 -19.74 7.62 5.73
C LEU A 145 -21.11 6.97 5.57
N LEU A 146 -21.15 5.85 4.84
CA LEU A 146 -22.37 5.11 4.59
C LEU A 146 -22.30 3.76 5.29
N ILE A 147 -23.43 3.31 5.82
CA ILE A 147 -23.50 2.10 6.62
C ILE A 147 -24.65 1.25 6.12
N GLY A 148 -24.52 -0.07 6.34
CA GLY A 148 -25.58 -1.00 6.05
C GLY A 148 -26.52 -1.17 7.22
N ASN A 149 -27.26 -2.28 7.19
CA ASN A 149 -28.20 -2.58 8.27
C ASN A 149 -28.33 -4.09 8.37
N ARG A 150 -27.64 -4.69 9.34
CA ARG A 150 -27.68 -6.13 9.58
C ARG A 150 -28.47 -6.48 10.84
N LEU A 151 -29.34 -5.58 11.30
CA LEU A 151 -30.16 -5.86 12.47
C LEU A 151 -31.09 -7.02 12.20
N GLY A 152 -31.20 -7.92 13.18
CA GLY A 152 -32.00 -9.12 13.01
C GLY A 152 -31.29 -10.26 12.31
N PHE A 153 -29.99 -10.18 12.13
CA PHE A 153 -29.21 -11.22 11.47
C PHE A 153 -27.97 -11.53 12.30
N LYS A 154 -27.43 -12.72 12.06
CA LYS A 154 -26.30 -13.20 12.87
C LYS A 154 -25.05 -12.36 12.63
N ARG A 155 -24.27 -12.17 13.69
CA ARG A 155 -23.00 -11.46 13.64
C ARG A 155 -23.18 -10.06 13.05
N THR A 156 -23.97 -9.25 13.75
CA THR A 156 -24.29 -7.91 13.26
C THR A 156 -23.05 -7.03 13.21
N LEU A 157 -22.21 -7.07 14.25
CA LEU A 157 -21.01 -6.24 14.29
C LEU A 157 -20.03 -6.62 13.19
N GLN A 158 -19.85 -7.92 12.96
CA GLN A 158 -18.81 -8.38 12.05
C GLN A 158 -19.20 -8.19 10.59
N THR A 159 -20.46 -8.40 10.25
CA THR A 159 -20.88 -8.53 8.86
C THR A 159 -21.55 -7.27 8.31
N THR A 160 -21.50 -6.16 9.01
CA THR A 160 -22.15 -4.94 8.53
C THR A 160 -21.30 -4.27 7.46
N PRO A 161 -21.83 -4.05 6.26
CA PRO A 161 -21.05 -3.37 5.23
C PRO A 161 -20.85 -1.90 5.56
N LYS A 162 -19.77 -1.34 5.01
CA LYS A 162 -19.40 0.04 5.29
C LYS A 162 -18.86 0.67 4.01
N SER A 163 -18.92 2.00 3.93
CA SER A 163 -18.42 2.67 2.75
C SER A 163 -18.07 4.11 3.08
N VAL A 164 -17.12 4.66 2.34
CA VAL A 164 -16.73 6.05 2.47
C VAL A 164 -16.82 6.70 1.10
N VAL A 165 -17.49 7.85 1.03
CA VAL A 165 -17.75 8.56 -0.22
C VAL A 165 -17.37 10.02 -0.02
N ASP A 166 -16.56 10.57 -0.93
CA ASP A 166 -16.19 11.97 -0.88
C ASP A 166 -17.17 12.78 -1.74
N ARG A 167 -16.83 14.06 -1.99
CA ARG A 167 -17.76 14.93 -2.71
C ARG A 167 -17.90 14.54 -4.17
N PHE A 168 -16.85 13.99 -4.77
CA PHE A 168 -16.89 13.57 -6.16
C PHE A 168 -17.38 12.13 -6.33
N GLY A 169 -17.78 11.48 -5.24
CA GLY A 169 -18.16 10.09 -5.29
C GLY A 169 -17.03 9.11 -5.10
N ARG A 170 -15.79 9.58 -5.04
CA ARG A 170 -14.67 8.70 -4.80
C ARG A 170 -14.71 8.16 -3.37
N GLY A 171 -13.98 7.09 -3.15
CA GLY A 171 -13.95 6.47 -1.85
C GLY A 171 -13.77 4.97 -2.00
N SER A 172 -14.36 4.24 -1.06
CA SER A 172 -14.23 2.79 -1.06
C SER A 172 -15.41 2.14 -0.37
N PHE A 173 -15.47 0.83 -0.49
CA PHE A 173 -16.61 0.02 -0.05
C PHE A 173 -16.07 -1.29 0.51
N ARG A 174 -16.32 -1.55 1.78
CA ARG A 174 -15.77 -2.71 2.47
C ARG A 174 -16.87 -3.56 3.07
N SER A 175 -16.70 -4.87 2.97
CA SER A 175 -17.56 -5.86 3.59
C SER A 175 -16.99 -6.21 4.97
N HIS A 176 -17.43 -7.33 5.54
CA HIS A 176 -16.96 -7.78 6.84
C HIS A 176 -15.45 -7.69 6.96
N ALA A 177 -14.98 -7.32 8.16
CA ALA A 177 -13.56 -7.22 8.49
C ALA A 177 -12.93 -6.21 7.52
N ALA A 178 -11.77 -6.50 6.93
CA ALA A 178 -11.13 -5.61 5.97
C ALA A 178 -11.31 -6.07 4.54
N THR A 179 -12.32 -6.89 4.27
CA THR A 179 -12.58 -7.35 2.91
C THR A 179 -13.02 -6.18 2.05
N GLN A 180 -12.38 -6.03 0.89
CA GLN A 180 -12.61 -4.90 0.01
C GLN A 180 -13.49 -5.34 -1.16
N VAL A 181 -14.61 -4.65 -1.36
CA VAL A 181 -15.41 -4.84 -2.57
C VAL A 181 -14.88 -3.97 -3.70
N LEU A 182 -14.64 -2.70 -3.42
CA LEU A 182 -13.95 -1.79 -4.33
C LEU A 182 -12.56 -1.52 -3.78
N ALA A 183 -11.62 -1.34 -4.69
CA ALA A 183 -10.21 -1.28 -4.31
C ALA A 183 -9.93 -0.09 -3.40
N THR A 184 -9.11 -0.32 -2.38
CA THR A 184 -8.63 0.72 -1.49
C THR A 184 -7.19 1.05 -1.86
N ARG A 185 -6.90 2.33 -2.02
CA ARG A 185 -5.57 2.78 -2.42
C ARG A 185 -4.75 3.15 -1.19
N PHE A 186 -3.56 2.56 -1.09
CA PHE A 186 -2.61 2.88 -0.03
C PHE A 186 -1.51 3.74 -0.63
N ASP A 187 -1.68 5.06 -0.56
CA ASP A 187 -0.74 5.97 -1.18
C ASP A 187 -0.22 7.00 -0.17
N MET A 188 0.52 7.99 -0.65
CA MET A 188 1.15 8.95 0.25
C MET A 188 0.18 10.01 0.74
N ARG A 189 -0.92 10.24 0.02
CA ARG A 189 -1.86 11.29 0.37
C ARG A 189 -3.01 10.74 1.20
N GLN A 190 -3.51 11.58 2.11
CA GLN A 190 -4.70 11.23 2.89
C GLN A 190 -5.99 11.37 2.08
N GLU A 191 -5.98 12.16 1.01
CA GLU A 191 -7.20 12.39 0.25
C GLU A 191 -7.57 11.19 -0.61
N GLU A 192 -6.58 10.40 -1.03
CA GLU A 192 -6.82 9.26 -1.90
C GLU A 192 -7.13 8.04 -1.04
N ASN A 193 -8.41 7.70 -0.93
CA ASN A 193 -8.84 6.55 -0.16
C ASN A 193 -9.08 5.31 -1.01
N GLY A 194 -9.54 5.48 -2.25
CA GLY A 194 -9.79 4.37 -3.14
C GLY A 194 -9.20 4.61 -4.52
N PHE A 195 -9.37 3.62 -5.37
CA PHE A 195 -8.90 3.74 -6.74
C PHE A 195 -9.66 4.88 -7.44
N PRO A 196 -8.99 5.67 -8.28
CA PRO A 196 -9.64 6.84 -8.88
C PRO A 196 -10.85 6.51 -9.74
N ALA A 197 -10.93 5.29 -10.27
CA ALA A 197 -12.01 4.92 -11.19
C ALA A 197 -13.26 4.41 -10.49
N ASN A 198 -13.26 4.35 -9.15
CA ASN A 198 -14.40 3.79 -8.44
C ASN A 198 -15.61 4.71 -8.52
N ARG A 199 -16.76 4.13 -8.87
CA ARG A 199 -18.04 4.83 -8.88
C ARG A 199 -18.05 6.02 -9.84
N GLN A 200 -17.30 5.94 -10.94
CA GLN A 200 -17.24 7.00 -11.92
C GLN A 200 -17.73 6.49 -13.26
N PHE A 201 -18.22 7.42 -14.09
CA PHE A 201 -18.74 7.05 -15.40
C PHE A 201 -18.51 8.18 -16.38
N TYR A 202 -18.53 7.82 -17.66
CA TYR A 202 -18.35 8.73 -18.78
C TYR A 202 -19.60 8.74 -19.64
N LEU A 203 -19.93 9.91 -20.19
CA LEU A 203 -21.04 10.05 -21.14
C LEU A 203 -20.47 10.52 -22.46
N TYR A 204 -20.76 9.77 -23.52
CA TYR A 204 -20.33 10.04 -24.88
C TYR A 204 -21.52 10.36 -25.76
N GLU A 205 -21.29 11.22 -26.76
CA GLU A 205 -22.29 11.53 -27.77
C GLU A 205 -21.62 11.50 -29.13
N ASP A 206 -22.12 10.66 -30.04
CA ASP A 206 -21.59 10.53 -31.40
C ASP A 206 -20.10 10.19 -31.38
N GLY A 207 -19.69 9.34 -30.45
CA GLY A 207 -18.32 8.92 -30.36
C GLY A 207 -17.38 9.92 -29.73
N LYS A 208 -17.89 11.04 -29.23
CA LYS A 208 -17.08 12.07 -28.61
C LYS A 208 -17.46 12.20 -27.14
N GLN A 209 -16.47 12.22 -26.27
CA GLN A 209 -16.73 12.32 -24.84
C GLN A 209 -17.29 13.69 -24.51
N ILE A 210 -18.43 13.70 -23.83
CA ILE A 210 -19.05 14.96 -23.42
C ILE A 210 -19.16 15.12 -21.91
N PHE A 211 -18.98 14.06 -21.12
CA PHE A 211 -19.10 14.21 -19.68
C PHE A 211 -18.24 13.19 -18.97
N TYR A 212 -17.58 13.63 -17.90
CA TYR A 212 -16.90 12.75 -16.95
C TYR A 212 -17.33 13.14 -15.55
N SER A 213 -17.68 12.15 -14.73
CA SER A 213 -18.28 12.45 -13.43
C SER A 213 -17.26 13.06 -12.46
N ALA A 214 -15.98 12.77 -12.63
CA ALA A 214 -14.96 13.23 -11.69
C ALA A 214 -14.15 14.41 -12.23
N LEU A 215 -14.62 15.05 -13.30
CA LEU A 215 -13.93 16.20 -13.88
C LEU A 215 -14.94 17.30 -14.14
N ILE A 216 -14.57 18.52 -13.78
CA ILE A 216 -15.42 19.69 -13.98
C ILE A 216 -14.76 20.54 -15.05
N ASP A 217 -15.17 20.37 -16.30
CA ASP A 217 -14.64 21.12 -17.42
C ASP A 217 -15.56 22.30 -17.71
N ASP A 218 -15.30 22.97 -18.85
CA ASP A 218 -16.10 24.13 -19.22
C ASP A 218 -17.53 23.76 -19.61
N ASN A 219 -17.78 22.47 -19.89
CA ASN A 219 -19.12 22.04 -20.29
C ASN A 219 -20.09 21.96 -19.13
N ILE A 220 -19.61 22.07 -17.89
CA ILE A 220 -20.46 21.94 -16.71
C ILE A 220 -20.73 23.33 -16.16
N VAL A 221 -22.00 23.74 -16.20
CA VAL A 221 -22.36 25.06 -15.67
C VAL A 221 -22.27 25.06 -14.15
N GLU A 222 -22.78 24.03 -13.49
CA GLU A 222 -22.75 23.94 -12.05
C GLU A 222 -22.74 22.48 -11.63
N ALA A 223 -22.21 22.24 -10.43
CA ALA A 223 -22.10 20.88 -9.89
C ALA A 223 -22.06 20.97 -8.37
N THR A 224 -22.99 20.31 -7.71
CA THR A 224 -23.09 20.36 -6.26
C THR A 224 -23.26 18.95 -5.71
N CYS A 225 -22.81 18.77 -4.46
CA CYS A 225 -22.96 17.53 -3.74
C CYS A 225 -23.73 17.80 -2.45
N LYS A 226 -24.53 16.82 -2.02
CA LYS A 226 -25.29 16.95 -0.78
C LYS A 226 -25.03 15.71 0.06
N HIS A 227 -24.28 15.90 1.16
CA HIS A 227 -24.01 14.84 2.11
C HIS A 227 -25.13 14.80 3.14
N SER A 228 -25.79 13.65 3.25
CA SER A 228 -26.86 13.46 4.21
C SER A 228 -26.60 12.23 5.06
N CYS A 229 -27.58 11.81 5.85
CA CYS A 229 -27.41 10.64 6.71
C CYS A 229 -27.55 9.38 5.86
N ASN A 230 -26.44 8.66 5.70
CA ASN A 230 -26.42 7.34 5.06
C ASN A 230 -26.85 7.40 3.59
N ARG A 231 -26.58 8.52 2.92
CA ARG A 231 -26.85 8.64 1.49
C ARG A 231 -26.07 9.83 0.94
N THR A 232 -25.78 9.78 -0.35
CA THR A 232 -25.10 10.90 -1.00
C THR A 232 -25.76 11.22 -2.33
N VAL A 233 -25.98 12.50 -2.60
CA VAL A 233 -26.60 12.97 -3.83
C VAL A 233 -25.69 14.01 -4.47
N ILE A 234 -25.37 13.83 -5.75
CA ILE A 234 -24.52 14.73 -6.51
C ILE A 234 -25.28 15.16 -7.76
N LYS A 235 -25.28 16.46 -8.04
CA LYS A 235 -26.03 17.00 -9.17
C LYS A 235 -25.09 17.75 -10.11
N TYR A 236 -25.22 17.48 -11.40
CA TYR A 236 -24.50 18.18 -12.45
C TYR A 236 -25.49 18.78 -13.44
N LYS A 237 -25.19 19.97 -13.94
CA LYS A 237 -25.92 20.58 -15.03
C LYS A 237 -24.93 20.95 -16.12
N THR A 238 -25.18 20.51 -17.34
CA THR A 238 -24.25 20.74 -18.43
C THR A 238 -24.70 21.90 -19.31
N ALA A 239 -23.76 22.43 -20.10
CA ALA A 239 -24.08 23.50 -21.03
C ALA A 239 -24.97 23.03 -22.17
N CYS A 240 -25.00 21.73 -22.45
CA CYS A 240 -25.85 21.16 -23.47
C CYS A 240 -27.23 20.79 -22.96
N ASN A 241 -27.65 21.37 -21.83
CA ASN A 241 -28.98 21.16 -21.24
C ASN A 241 -29.21 19.69 -20.89
N LEU A 242 -28.29 19.16 -20.08
CA LEU A 242 -28.41 17.83 -19.50
C LEU A 242 -28.31 17.95 -17.99
N GLU A 243 -29.23 17.30 -17.27
CA GLU A 243 -29.21 17.26 -15.82
C GLU A 243 -28.89 15.85 -15.38
N ILE A 244 -27.83 15.70 -14.59
CA ILE A 244 -27.34 14.39 -14.16
C ILE A 244 -27.41 14.34 -12.64
N THR A 245 -28.00 13.27 -12.11
CA THR A 245 -28.13 13.10 -10.67
C THR A 245 -27.59 11.73 -10.29
N ARG A 246 -26.67 11.70 -9.33
CA ARG A 246 -26.11 10.47 -8.79
C ARG A 246 -26.56 10.32 -7.34
N THR A 247 -27.15 9.17 -7.03
CA THR A 247 -27.56 8.84 -5.67
C THR A 247 -26.86 7.55 -5.26
N ILE A 248 -26.08 7.62 -4.19
CA ILE A 248 -25.28 6.50 -3.72
C ILE A 248 -25.73 6.13 -2.31
N PHE A 249 -26.01 4.85 -2.10
CA PHE A 249 -26.35 4.38 -0.76
C PHE A 249 -26.16 2.87 -0.68
N LEU A 250 -26.04 2.37 0.55
CA LEU A 250 -25.91 0.95 0.80
C LEU A 250 -27.28 0.32 1.01
N VAL A 251 -27.46 -0.86 0.43
CA VAL A 251 -28.76 -1.54 0.51
C VAL A 251 -28.89 -2.24 1.85
N PRO A 252 -29.94 -1.97 2.62
CA PRO A 252 -30.17 -2.74 3.85
C PRO A 252 -30.36 -4.22 3.54
N HIS A 253 -29.84 -5.07 4.42
CA HIS A 253 -29.85 -6.50 4.15
C HIS A 253 -31.25 -7.07 4.25
N LYS A 254 -31.56 -8.01 3.38
CA LYS A 254 -32.81 -8.75 3.39
C LYS A 254 -32.51 -10.24 3.23
N LYS A 255 -33.55 -11.05 3.41
CA LYS A 255 -33.39 -12.50 3.31
C LYS A 255 -33.03 -12.89 1.89
N GLY A 256 -31.90 -13.58 1.73
CA GLY A 256 -31.44 -14.04 0.44
C GLY A 256 -30.58 -13.07 -0.33
N PHE A 257 -30.37 -11.86 0.17
CA PHE A 257 -29.54 -10.88 -0.51
C PHE A 257 -28.07 -11.18 -0.30
N PRO A 258 -27.20 -10.64 -1.16
CA PRO A 258 -25.75 -10.76 -0.91
C PRO A 258 -25.37 -10.05 0.38
N LEU A 259 -24.21 -10.45 0.92
CA LEU A 259 -23.78 -9.91 2.20
C LEU A 259 -23.57 -8.41 2.14
N ALA A 260 -22.94 -7.92 1.07
CA ALA A 260 -22.71 -6.50 0.90
C ALA A 260 -23.21 -6.06 -0.48
N THR A 261 -23.88 -4.92 -0.52
CA THR A 261 -24.38 -4.39 -1.78
C THR A 261 -24.48 -2.87 -1.70
N GLU A 262 -23.93 -2.20 -2.71
CA GLU A 262 -23.99 -0.75 -2.83
C GLU A 262 -24.71 -0.41 -4.11
N LEU A 263 -25.66 0.53 -4.02
CA LEU A 263 -26.50 0.91 -5.13
C LEU A 263 -26.21 2.36 -5.51
N GLN A 264 -25.98 2.58 -6.81
CA GLN A 264 -25.84 3.93 -7.36
C GLN A 264 -26.85 4.11 -8.48
N ARG A 265 -27.69 5.12 -8.35
CA ARG A 265 -28.69 5.45 -9.37
C ARG A 265 -28.29 6.74 -10.06
N ILE A 266 -28.24 6.70 -11.38
CA ILE A 266 -27.85 7.83 -12.21
C ILE A 266 -29.05 8.21 -13.06
N GLU A 267 -29.61 9.38 -12.81
CA GLU A 267 -30.74 9.88 -13.58
C GLU A 267 -30.23 10.94 -14.55
N ILE A 268 -30.52 10.76 -15.83
CA ILE A 268 -30.11 11.69 -16.88
C ILE A 268 -31.38 12.26 -17.51
N LYS A 269 -31.52 13.58 -17.42
CA LYS A 269 -32.69 14.27 -17.94
C LYS A 269 -32.27 15.22 -19.05
N ASN A 270 -32.96 15.15 -20.18
CA ASN A 270 -32.70 16.00 -21.33
C ASN A 270 -33.59 17.23 -21.24
N ALA A 271 -33.00 18.37 -20.89
CA ALA A 271 -33.74 19.62 -20.79
C ALA A 271 -33.90 20.32 -22.13
N SER A 272 -33.28 19.80 -23.19
CA SER A 272 -33.38 20.41 -24.50
C SER A 272 -34.69 20.02 -25.17
N ASP A 273 -34.83 20.35 -26.46
CA ASP A 273 -36.03 20.04 -27.22
C ASP A 273 -35.77 19.03 -28.33
N LYS A 274 -34.63 18.36 -28.30
CA LYS A 274 -34.28 17.35 -29.30
C LYS A 274 -33.84 16.07 -28.62
N ALA A 275 -34.15 14.94 -29.25
CA ALA A 275 -33.72 13.66 -28.74
C ALA A 275 -32.20 13.54 -28.81
N ARG A 276 -31.61 12.95 -27.78
CA ARG A 276 -30.16 12.79 -27.68
C ARG A 276 -29.82 11.30 -27.67
N ASN A 277 -28.92 10.91 -28.57
CA ASN A 277 -28.42 9.54 -28.62
C ASN A 277 -27.09 9.50 -27.89
N LEU A 278 -27.09 8.99 -26.66
CA LEU A 278 -25.92 9.02 -25.82
C LEU A 278 -25.45 7.60 -25.51
N SER A 279 -24.25 7.51 -24.95
CA SER A 279 -23.70 6.25 -24.47
C SER A 279 -23.06 6.48 -23.11
N ILE A 280 -23.15 5.48 -22.24
CA ILE A 280 -22.62 5.59 -20.88
C ILE A 280 -21.62 4.46 -20.67
N THR A 281 -20.49 4.80 -20.04
CA THR A 281 -19.45 3.83 -19.69
C THR A 281 -19.16 3.98 -18.21
N TYR A 282 -19.59 3.00 -17.41
CA TYR A 282 -19.42 3.02 -15.97
C TYR A 282 -18.23 2.15 -15.61
N THR A 283 -17.25 2.73 -14.92
CA THR A 283 -15.98 2.07 -14.65
C THR A 283 -15.78 1.85 -13.15
N GLY A 284 -14.86 0.96 -12.84
CA GLY A 284 -14.50 0.71 -11.46
C GLY A 284 -13.37 -0.29 -11.39
N MET A 285 -12.90 -0.53 -10.16
CA MET A 285 -11.84 -1.50 -9.91
C MET A 285 -12.18 -2.32 -8.69
N PHE A 286 -12.17 -3.64 -8.83
CA PHE A 286 -12.47 -4.53 -7.73
C PHE A 286 -11.29 -4.61 -6.75
N GLY A 287 -11.61 -4.74 -5.47
CA GLY A 287 -10.57 -4.94 -4.48
C GLY A 287 -9.96 -6.32 -4.59
N THR A 288 -8.72 -6.44 -4.14
CA THR A 288 -8.01 -7.72 -4.21
C THR A 288 -8.22 -8.51 -2.94
N GLY A 289 -8.12 -9.84 -3.08
CA GLY A 289 -8.22 -10.71 -1.92
C GLY A 289 -6.92 -10.87 -1.16
N ALA A 290 -5.78 -10.64 -1.82
CA ALA A 290 -4.47 -10.76 -1.20
C ALA A 290 -3.95 -9.34 -0.94
N VAL A 291 -4.32 -8.79 0.21
CA VAL A 291 -3.94 -7.41 0.53
C VAL A 291 -2.44 -7.31 0.80
N HIS A 292 -1.88 -8.28 1.54
CA HIS A 292 -0.47 -8.23 1.86
C HIS A 292 0.40 -8.37 0.61
N ALA A 293 -0.08 -9.10 -0.39
CA ALA A 293 0.69 -9.27 -1.61
C ALA A 293 0.81 -7.96 -2.38
N ILE A 294 -0.02 -6.97 -2.10
CA ILE A 294 0.14 -5.66 -2.74
C ILE A 294 1.50 -5.08 -2.42
N PHE A 295 1.91 -5.15 -1.15
CA PHE A 295 3.26 -4.77 -0.77
C PHE A 295 4.27 -5.84 -1.15
N GLU A 296 3.90 -7.12 -1.02
CA GLU A 296 4.87 -8.19 -1.23
C GLU A 296 5.10 -8.47 -2.71
N ASP A 297 4.06 -8.86 -3.45
CA ASP A 297 4.22 -9.29 -4.83
C ASP A 297 2.95 -8.94 -5.59
N VAL A 298 2.99 -7.84 -6.35
CA VAL A 298 1.81 -7.41 -7.11
C VAL A 298 1.50 -8.41 -8.21
N THR A 299 2.54 -9.00 -8.82
CA THR A 299 2.32 -10.00 -9.86
C THR A 299 1.54 -11.20 -9.31
N TYR A 300 1.74 -11.54 -8.05
CA TYR A 300 0.96 -12.61 -7.44
C TYR A 300 -0.52 -12.26 -7.41
N THR A 301 -0.85 -11.01 -7.04
CA THR A 301 -2.24 -10.59 -7.08
C THR A 301 -2.78 -10.59 -8.50
N ASN A 302 -1.94 -10.29 -9.48
CA ASN A 302 -2.42 -10.22 -10.85
C ASN A 302 -2.69 -11.61 -11.44
N VAL A 303 -1.83 -12.58 -11.15
CA VAL A 303 -1.90 -13.87 -11.84
C VAL A 303 -2.86 -14.87 -11.20
N ILE A 304 -3.32 -14.63 -9.97
CA ILE A 304 -4.19 -15.59 -9.29
C ILE A 304 -5.66 -15.38 -9.62
N MET A 305 -6.00 -14.36 -10.41
CA MET A 305 -7.39 -14.08 -10.70
C MET A 305 -7.56 -13.80 -12.19
N GLN A 306 -8.80 -13.96 -12.65
CA GLN A 306 -9.20 -13.67 -14.01
C GLN A 306 -10.55 -12.98 -13.98
N SER A 307 -11.06 -12.61 -15.15
CA SER A 307 -12.35 -11.96 -15.26
C SER A 307 -13.38 -12.94 -15.81
N ALA A 308 -14.64 -12.74 -15.41
CA ALA A 308 -15.73 -13.58 -15.88
C ALA A 308 -16.93 -12.69 -16.15
N ALA A 309 -17.76 -13.12 -17.10
CA ALA A 309 -18.97 -12.39 -17.46
C ALA A 309 -20.19 -13.08 -16.87
N LEU A 310 -21.22 -12.28 -16.59
CA LEU A 310 -22.46 -12.77 -16.00
C LEU A 310 -23.58 -12.61 -17.01
N TYR A 311 -24.37 -13.67 -17.17
CA TYR A 311 -25.49 -13.68 -18.10
C TYR A 311 -26.76 -14.05 -17.36
N ASN A 312 -27.86 -13.39 -17.70
CA ASN A 312 -29.14 -13.64 -17.05
C ASN A 312 -29.78 -14.89 -17.64
N ASP A 313 -31.04 -15.13 -17.30
CA ASP A 313 -31.73 -16.33 -17.77
C ASP A 313 -31.91 -16.35 -19.28
N LYS A 314 -31.92 -15.19 -19.93
CA LYS A 314 -32.08 -15.10 -21.37
C LYS A 314 -30.75 -15.03 -22.11
N GLY A 315 -29.63 -15.21 -21.40
CA GLY A 315 -28.34 -15.18 -22.04
C GLY A 315 -27.82 -13.80 -22.39
N GLU A 316 -28.32 -12.76 -21.73
CA GLU A 316 -27.90 -11.40 -21.99
C GLU A 316 -26.84 -10.99 -20.97
N PHE A 317 -25.76 -10.36 -21.46
CA PHE A 317 -24.68 -9.92 -20.59
C PHE A 317 -25.19 -8.88 -19.60
N ILE A 318 -24.83 -9.04 -18.33
CA ILE A 318 -25.28 -8.11 -17.30
C ILE A 318 -24.15 -7.54 -16.46
N GLY A 319 -22.99 -8.17 -16.36
CA GLY A 319 -21.95 -7.62 -15.51
C GLY A 319 -20.70 -8.48 -15.51
N ILE A 320 -19.75 -8.08 -14.67
CA ILE A 320 -18.42 -8.67 -14.63
C ILE A 320 -18.11 -9.07 -13.19
N THR A 321 -17.45 -10.21 -13.02
CA THR A 321 -17.02 -10.67 -11.71
C THR A 321 -15.56 -11.11 -11.75
N PRO A 322 -14.83 -10.97 -10.66
CA PRO A 322 -13.48 -11.53 -10.60
C PRO A 322 -13.48 -12.96 -10.09
N ASP A 323 -12.80 -13.85 -10.80
CA ASP A 323 -12.76 -15.27 -10.46
C ASP A 323 -11.36 -15.62 -9.99
N TYR A 324 -11.26 -16.18 -8.79
CA TYR A 324 -9.98 -16.50 -8.17
C TYR A 324 -9.72 -18.01 -8.23
N TYR A 325 -8.47 -18.38 -8.48
CA TYR A 325 -8.08 -19.77 -8.48
C TYR A 325 -7.83 -20.32 -7.07
N PRO A 326 -7.08 -19.65 -6.19
CA PRO A 326 -6.80 -20.24 -4.88
C PRO A 326 -8.08 -20.47 -4.08
N GLU A 327 -8.11 -21.60 -3.37
CA GLU A 327 -9.31 -21.98 -2.63
C GLU A 327 -9.62 -21.00 -1.51
N GLU A 328 -8.60 -20.38 -0.93
CA GLU A 328 -8.82 -19.48 0.19
C GLU A 328 -9.47 -18.18 -0.24
N PHE A 329 -9.14 -17.68 -1.43
CA PHE A 329 -9.71 -16.44 -1.94
C PHE A 329 -11.05 -16.65 -2.62
N LYS A 330 -11.56 -17.87 -2.67
CA LYS A 330 -12.85 -18.15 -3.26
C LYS A 330 -13.99 -18.11 -2.25
N GLN A 331 -13.71 -17.74 -1.01
CA GLN A 331 -14.76 -17.64 0.00
C GLN A 331 -15.57 -16.36 -0.12
N ASP A 332 -15.11 -15.38 -0.89
CA ASP A 332 -15.85 -14.16 -1.16
C ASP A 332 -15.89 -13.95 -2.66
N THR A 333 -17.07 -13.63 -3.19
CA THR A 333 -17.25 -13.44 -4.63
C THR A 333 -17.86 -12.06 -4.87
N ARG A 334 -17.21 -11.26 -5.69
CA ARG A 334 -17.64 -9.90 -5.98
C ARG A 334 -18.38 -9.86 -7.32
N PHE A 335 -19.22 -8.83 -7.48
CA PHE A 335 -19.99 -8.67 -8.70
C PHE A 335 -20.32 -7.21 -8.91
N VAL A 336 -20.55 -6.85 -10.17
CA VAL A 336 -21.07 -5.54 -10.55
C VAL A 336 -22.07 -5.74 -11.67
N THR A 337 -23.18 -5.00 -11.61
CA THR A 337 -24.25 -5.17 -12.58
C THR A 337 -24.88 -3.81 -12.88
N MET A 338 -25.29 -3.63 -14.14
CA MET A 338 -25.91 -2.41 -14.62
C MET A 338 -27.25 -2.73 -15.26
N ILE A 339 -28.25 -1.87 -15.02
CA ILE A 339 -29.54 -1.97 -15.70
C ILE A 339 -29.97 -0.57 -16.10
N VAL A 340 -30.42 -0.42 -17.35
CA VAL A 340 -30.84 0.86 -17.90
C VAL A 340 -32.35 0.84 -18.05
N ARG A 341 -33.02 1.85 -17.51
CA ARG A 341 -34.47 1.98 -17.57
C ARG A 341 -34.80 3.21 -18.40
N ASN A 342 -35.40 2.98 -19.57
CA ASN A 342 -35.90 4.07 -20.40
C ASN A 342 -37.40 4.22 -20.20
N GLY A 343 -37.78 4.59 -18.98
CA GLY A 343 -39.17 4.62 -18.59
C GLY A 343 -39.59 3.32 -17.93
N ASP A 344 -40.23 2.44 -18.68
CA ASP A 344 -40.59 1.11 -18.21
C ASP A 344 -39.89 0.01 -19.00
N GLU A 345 -38.99 0.37 -19.92
CA GLU A 345 -38.26 -0.61 -20.72
C GLU A 345 -36.87 -0.80 -20.13
N LYS A 346 -36.48 -2.06 -19.96
CA LYS A 346 -35.22 -2.42 -19.34
C LYS A 346 -34.22 -2.89 -20.40
N SER A 347 -32.98 -2.47 -20.25
CA SER A 347 -31.89 -2.85 -21.14
C SER A 347 -30.65 -3.12 -20.29
N PHE A 348 -29.69 -3.80 -20.89
CA PHE A 348 -28.48 -4.24 -20.21
C PHE A 348 -27.27 -3.77 -21.00
N PRO A 349 -26.11 -3.66 -20.35
CA PRO A 349 -24.92 -3.15 -21.05
C PRO A 349 -24.57 -4.01 -22.25
N GLN A 350 -24.14 -3.35 -23.33
CA GLN A 350 -23.84 -4.03 -24.57
C GLN A 350 -22.37 -4.30 -24.77
N SER A 351 -21.48 -3.61 -24.04
CA SER A 351 -20.06 -3.83 -24.21
C SER A 351 -19.37 -3.77 -22.85
N PHE A 352 -18.18 -4.35 -22.77
CA PHE A 352 -17.42 -4.34 -21.53
C PHE A 352 -15.94 -4.33 -21.85
N CYS A 353 -15.16 -3.89 -20.86
CA CYS A 353 -13.71 -3.90 -20.91
C CYS A 353 -13.17 -4.29 -19.55
N THR A 354 -12.12 -5.11 -19.54
CA THR A 354 -11.54 -5.58 -18.29
C THR A 354 -10.03 -5.34 -18.23
N ASP A 355 -9.50 -4.49 -19.10
CA ASP A 355 -8.08 -4.18 -19.13
C ASP A 355 -7.91 -2.67 -19.00
N TYR A 356 -7.16 -2.23 -17.99
CA TYR A 356 -6.95 -0.81 -17.77
C TYR A 356 -6.16 -0.19 -18.93
N ASN A 357 -5.13 -0.89 -19.41
CA ASN A 357 -4.31 -0.34 -20.49
C ASN A 357 -5.11 -0.18 -21.77
N ASP A 358 -5.95 -1.15 -22.10
CA ASP A 358 -6.78 -1.05 -23.30
C ASP A 358 -7.80 0.07 -23.16
N PHE A 359 -8.38 0.22 -21.98
CA PHE A 359 -9.38 1.28 -21.78
C PHE A 359 -8.74 2.66 -21.88
N VAL A 360 -7.65 2.89 -21.15
CA VAL A 360 -7.01 4.21 -21.18
C VAL A 360 -6.33 4.45 -22.52
N GLY A 361 -5.61 3.45 -23.03
CA GLY A 361 -4.94 3.62 -24.31
C GLY A 361 -3.83 4.65 -24.21
N THR A 362 -3.81 5.57 -25.18
CA THR A 362 -2.80 6.62 -25.23
C THR A 362 -3.20 7.86 -24.47
N GLY A 363 -4.41 7.90 -23.91
CA GLY A 363 -4.89 9.04 -23.17
C GLY A 363 -4.65 8.90 -21.67
N THR A 364 -5.55 9.49 -20.90
CA THR A 364 -5.52 9.44 -19.44
C THR A 364 -6.86 8.89 -18.94
N LEU A 365 -6.96 8.75 -17.62
CA LEU A 365 -8.21 8.28 -17.03
C LEU A 365 -9.33 9.30 -17.21
N GLU A 366 -9.00 10.58 -17.28
CA GLU A 366 -10.03 11.59 -17.49
C GLU A 366 -10.49 11.62 -18.95
N HIS A 367 -9.60 11.32 -19.89
CA HIS A 367 -9.92 11.28 -21.32
C HIS A 367 -9.39 9.98 -21.91
N PRO A 368 -10.08 8.87 -21.65
CA PRO A 368 -9.61 7.58 -22.19
C PRO A 368 -9.63 7.58 -23.71
N ALA A 369 -8.60 6.95 -24.29
CA ALA A 369 -8.54 6.86 -25.75
C ALA A 369 -9.54 5.84 -26.28
N GLY A 370 -9.69 4.72 -25.59
CA GLY A 370 -10.63 3.70 -26.02
C GLY A 370 -11.78 3.53 -25.06
N GLY A 371 -12.28 4.63 -24.53
CA GLY A 371 -13.38 4.59 -23.58
C GLY A 371 -14.76 4.51 -24.19
N CYS A 372 -14.88 4.71 -25.50
CA CYS A 372 -16.18 4.67 -26.17
C CYS A 372 -16.46 3.32 -26.82
N ASN A 373 -15.46 2.69 -27.42
CA ASN A 373 -15.61 1.39 -28.06
C ASN A 373 -14.79 0.37 -27.27
N LEU A 374 -15.47 -0.38 -26.42
CA LEU A 374 -14.81 -1.39 -25.61
C LEU A 374 -14.58 -2.66 -26.42
N ASN A 375 -13.50 -3.35 -26.10
CA ASN A 375 -13.04 -4.49 -26.90
C ASN A 375 -13.72 -5.81 -26.54
N ASN A 376 -14.49 -5.85 -25.45
CA ASN A 376 -15.22 -7.05 -25.04
C ASN A 376 -14.28 -8.24 -24.86
N LYS A 377 -13.10 -7.99 -24.27
CA LYS A 377 -12.11 -9.03 -24.04
C LYS A 377 -12.02 -9.33 -22.56
N LEU A 378 -12.19 -10.60 -22.21
CA LEU A 378 -12.07 -11.04 -20.83
C LEU A 378 -10.60 -11.24 -20.49
N ASN A 379 -10.10 -10.45 -19.54
CA ASN A 379 -8.69 -10.52 -19.19
C ASN A 379 -8.39 -11.83 -18.45
N ARG A 380 -7.29 -12.48 -18.83
CA ARG A 380 -6.89 -13.73 -18.20
C ARG A 380 -6.16 -13.52 -16.88
N LYS A 381 -5.74 -12.30 -16.58
CA LYS A 381 -5.01 -12.00 -15.36
C LYS A 381 -5.33 -10.57 -14.96
N GLY A 382 -4.52 -10.01 -14.07
CA GLY A 382 -4.55 -8.59 -13.80
C GLY A 382 -5.58 -8.20 -12.77
N PRO A 383 -5.57 -6.93 -12.39
CA PRO A 383 -6.52 -6.46 -11.38
C PRO A 383 -7.95 -6.44 -11.92
N GLY A 384 -8.90 -6.47 -11.00
CA GLY A 384 -10.30 -6.52 -11.36
C GLY A 384 -10.88 -5.21 -11.86
N PHE A 385 -10.20 -4.60 -12.83
CA PHE A 385 -10.76 -3.42 -13.46
C PHE A 385 -11.92 -3.80 -14.36
N PHE A 386 -12.97 -2.98 -14.36
CA PHE A 386 -14.13 -3.25 -15.18
C PHE A 386 -14.69 -1.95 -15.73
N ALA A 387 -15.28 -2.02 -16.91
CA ALA A 387 -15.98 -0.90 -17.52
C ALA A 387 -17.13 -1.46 -18.34
N LEU A 388 -18.35 -1.03 -18.03
CA LEU A 388 -19.55 -1.49 -18.72
C LEU A 388 -20.13 -0.35 -19.53
N GLY A 389 -20.37 -0.60 -20.81
CA GLY A 389 -20.84 0.43 -21.72
C GLY A 389 -22.16 0.05 -22.35
N ALA A 390 -23.08 1.03 -22.42
CA ALA A 390 -24.41 0.83 -22.96
C ALA A 390 -24.91 2.10 -23.63
N PRO A 391 -25.52 1.99 -24.81
CA PRO A 391 -26.13 3.15 -25.45
C PRO A 391 -27.60 3.31 -25.09
N PHE A 392 -28.08 4.55 -25.23
CA PHE A 392 -29.48 4.85 -24.95
C PHE A 392 -29.87 6.13 -25.68
N THR A 393 -31.18 6.39 -25.70
CA THR A 393 -31.74 7.57 -26.35
C THR A 393 -32.67 8.27 -25.36
N VAL A 394 -32.48 9.57 -25.19
CA VAL A 394 -33.28 10.37 -24.27
C VAL A 394 -34.16 11.29 -25.10
N GLU A 395 -35.47 11.14 -24.95
CA GLU A 395 -36.42 12.01 -25.62
C GLU A 395 -36.45 13.38 -24.95
N PRO A 396 -36.90 14.41 -25.66
CA PRO A 396 -36.96 15.76 -25.05
C PRO A 396 -37.87 15.77 -23.83
N GLY A 397 -37.30 16.18 -22.70
CA GLY A 397 -38.04 16.27 -21.46
C GLY A 397 -38.18 14.98 -20.69
N LYS A 398 -37.58 13.89 -21.16
CA LYS A 398 -37.69 12.60 -20.50
C LYS A 398 -36.43 12.31 -19.70
N THR A 399 -36.46 11.21 -18.96
CA THR A 399 -35.36 10.82 -18.08
C THR A 399 -35.00 9.36 -18.29
N VAL A 400 -33.72 9.05 -18.18
CA VAL A 400 -33.21 7.68 -18.28
C VAL A 400 -32.49 7.36 -16.98
N ILE A 401 -32.77 6.19 -16.41
CA ILE A 401 -32.27 5.83 -15.10
C ILE A 401 -31.35 4.62 -15.22
N ILE A 402 -30.09 4.79 -14.84
CA ILE A 402 -29.11 3.70 -14.85
C ILE A 402 -28.86 3.30 -13.41
N ASP A 403 -29.18 2.05 -13.07
CA ASP A 403 -28.94 1.52 -11.73
C ASP A 403 -27.76 0.57 -11.77
N THR A 404 -26.79 0.81 -10.89
CA THR A 404 -25.60 -0.02 -10.78
C THR A 404 -25.56 -0.62 -9.38
N PHE A 405 -25.43 -1.95 -9.32
CA PHE A 405 -25.29 -2.69 -8.08
C PHE A 405 -23.89 -3.27 -8.01
N THR A 406 -23.13 -2.91 -6.99
CA THR A 406 -21.79 -3.44 -6.78
C THR A 406 -21.78 -4.14 -5.43
N GLY A 407 -21.48 -5.44 -5.43
CA GLY A 407 -21.65 -6.18 -4.20
C GLY A 407 -20.69 -7.34 -4.05
N LEU A 408 -20.84 -8.01 -2.91
CA LEU A 408 -19.99 -9.14 -2.53
C LEU A 408 -20.83 -10.12 -1.73
N SER A 409 -20.68 -11.40 -2.02
CA SER A 409 -21.31 -12.49 -1.29
C SER A 409 -20.22 -13.31 -0.63
N SER A 410 -20.37 -13.59 0.66
CA SER A 410 -19.31 -14.21 1.44
C SER A 410 -19.78 -15.50 2.09
N SER A 411 -18.81 -16.33 2.47
CA SER A 411 -19.08 -17.57 3.18
C SER A 411 -19.38 -17.37 4.66
N LYS A 412 -19.18 -16.15 5.18
CA LYS A 412 -19.47 -15.89 6.58
C LYS A 412 -20.97 -15.87 6.86
N ASP A 413 -21.81 -15.90 5.84
CA ASP A 413 -23.24 -15.93 6.01
C ASP A 413 -23.90 -17.16 5.42
N ASN A 414 -23.17 -18.01 4.70
CA ASN A 414 -23.74 -19.18 4.06
C ASN A 414 -22.85 -20.39 4.33
N GLU A 415 -23.48 -21.56 4.31
CA GLU A 415 -22.79 -22.84 4.48
C GLU A 415 -22.63 -23.51 3.12
N ASN A 416 -21.57 -24.29 2.99
CA ASN A 416 -21.22 -24.95 1.73
C ASN A 416 -21.11 -23.93 0.61
N TYR A 417 -20.40 -22.84 0.90
CA TYR A 417 -20.36 -21.70 0.00
C TYR A 417 -19.62 -22.02 -1.28
N SER A 418 -20.12 -21.48 -2.39
CA SER A 418 -19.46 -21.55 -3.69
C SER A 418 -20.01 -20.40 -4.53
N ASP A 419 -19.53 -20.32 -5.78
CA ASP A 419 -20.01 -19.27 -6.67
C ASP A 419 -21.50 -19.43 -7.01
N ALA A 420 -22.04 -20.64 -6.88
CA ALA A 420 -23.47 -20.84 -7.10
C ALA A 420 -24.30 -20.05 -6.09
N VAL A 421 -23.82 -19.98 -4.85
CA VAL A 421 -24.50 -19.17 -3.84
C VAL A 421 -24.52 -17.71 -4.27
N MET A 422 -23.39 -17.20 -4.78
CA MET A 422 -23.34 -15.83 -5.24
C MET A 422 -24.31 -15.60 -6.39
N LEU A 423 -24.37 -16.55 -7.34
CA LEU A 423 -25.27 -16.41 -8.46
C LEU A 423 -26.73 -16.38 -8.01
N ARG A 424 -27.08 -17.26 -7.07
CA ARG A 424 -28.45 -17.29 -6.57
C ARG A 424 -28.81 -16.00 -5.84
N GLU A 425 -27.89 -15.50 -5.00
CA GLU A 425 -28.16 -14.26 -4.27
C GLU A 425 -28.27 -13.07 -5.21
N LEU A 426 -27.42 -13.03 -6.24
CA LEU A 426 -27.50 -11.95 -7.22
C LEU A 426 -28.82 -12.02 -7.99
N ASP A 427 -29.25 -13.22 -8.33
CA ASP A 427 -30.55 -13.37 -8.98
C ASP A 427 -31.67 -12.86 -8.09
N ASN A 428 -31.62 -13.18 -6.79
CA ASN A 428 -32.62 -12.68 -5.86
C ASN A 428 -32.61 -11.16 -5.80
N LEU A 429 -31.42 -10.57 -5.75
CA LEU A 429 -31.31 -9.11 -5.67
C LEU A 429 -31.89 -8.44 -6.91
N LEU A 430 -31.54 -8.97 -8.09
CA LEU A 430 -32.04 -8.39 -9.33
C LEU A 430 -33.55 -8.55 -9.44
N ARG A 431 -34.07 -9.72 -9.04
CA ARG A 431 -35.52 -9.92 -9.07
C ARG A 431 -36.23 -8.96 -8.13
N TYR A 432 -35.66 -8.72 -6.95
CA TYR A 432 -36.25 -7.77 -6.03
C TYR A 432 -36.24 -6.36 -6.59
N PHE A 433 -35.13 -5.95 -7.22
CA PHE A 433 -35.00 -4.60 -7.73
C PHE A 433 -35.37 -4.49 -9.21
N GLU A 434 -36.15 -5.43 -9.73
CA GLU A 434 -36.58 -5.37 -11.13
C GLU A 434 -37.40 -4.12 -11.42
N LYS A 435 -38.35 -3.80 -10.54
CA LYS A 435 -39.20 -2.65 -10.76
C LYS A 435 -38.44 -1.35 -10.52
N SER A 436 -38.77 -0.33 -11.31
CA SER A 436 -38.08 0.95 -11.22
C SER A 436 -38.32 1.63 -9.87
N GLU A 437 -39.57 1.58 -9.38
CA GLU A 437 -39.89 2.24 -8.12
C GLU A 437 -39.28 1.54 -6.92
N SER A 438 -38.98 0.25 -7.02
CA SER A 438 -38.50 -0.52 -5.87
C SER A 438 -37.22 0.07 -5.30
N VAL A 439 -36.38 0.66 -6.14
CA VAL A 439 -35.19 1.34 -5.64
C VAL A 439 -35.59 2.54 -4.78
N GLU A 440 -36.46 3.40 -5.34
CA GLU A 440 -36.81 4.64 -4.67
C GLU A 440 -37.38 4.37 -3.29
N GLU A 441 -38.38 3.48 -3.22
CA GLU A 441 -38.96 3.11 -1.94
C GLU A 441 -37.88 2.69 -0.95
N THR A 442 -36.94 1.86 -1.41
CA THR A 442 -35.86 1.43 -0.53
C THR A 442 -35.13 2.62 0.07
N LEU A 443 -34.77 3.59 -0.78
CA LEU A 443 -34.13 4.79 -0.27
C LEU A 443 -34.97 5.44 0.81
N ASN A 444 -36.27 5.63 0.54
CA ASN A 444 -37.14 6.22 1.53
C ASN A 444 -37.08 5.43 2.83
N GLU A 445 -37.13 4.10 2.74
CA GLU A 445 -37.03 3.27 3.93
C GLU A 445 -35.82 3.66 4.75
N ILE A 446 -34.66 3.75 4.11
CA ILE A 446 -33.44 4.10 4.83
C ILE A 446 -33.64 5.42 5.57
N ILE A 447 -34.15 6.44 4.85
CA ILE A 447 -34.36 7.73 5.47
C ILE A 447 -35.26 7.57 6.69
N ASN A 448 -36.37 6.86 6.52
CA ASN A 448 -37.31 6.71 7.62
C ASN A 448 -36.62 6.10 8.83
N PHE A 449 -35.77 5.10 8.61
CA PHE A 449 -35.06 4.48 9.72
C PHE A 449 -34.28 5.53 10.50
N HIS A 450 -33.49 6.32 9.80
CA HIS A 450 -32.68 7.33 10.48
C HIS A 450 -33.50 8.53 10.91
N GLU A 451 -34.75 8.63 10.47
CA GLU A 451 -35.66 9.62 11.02
C GLU A 451 -36.40 9.11 12.25
N ASN A 452 -36.27 7.83 12.56
CA ASN A 452 -36.90 7.24 13.74
C ASN A 452 -35.90 6.88 14.83
N TYR A 453 -34.76 6.33 14.44
CA TYR A 453 -33.72 5.95 15.40
C TYR A 453 -33.32 7.13 16.27
N GLY A 454 -33.31 8.33 15.70
CA GLY A 454 -32.91 9.51 16.43
C GLY A 454 -34.01 10.18 17.24
N LYS A 455 -35.19 9.58 17.32
CA LYS A 455 -36.30 10.23 18.02
C LYS A 455 -36.29 9.97 19.52
N TYR A 456 -35.28 9.27 20.04
CA TYR A 456 -35.18 9.06 21.48
C TYR A 456 -35.02 10.38 22.22
N PHE A 457 -34.18 11.27 21.70
CA PHE A 457 -33.92 12.57 22.31
C PHE A 457 -33.93 13.62 21.20
N GLN A 458 -34.84 14.58 21.29
CA GLN A 458 -34.99 15.61 20.26
C GLN A 458 -34.87 16.98 20.89
N PHE A 459 -33.97 17.80 20.38
CA PHE A 459 -33.85 19.18 20.82
C PHE A 459 -34.80 20.07 20.02
N ASN A 460 -35.29 21.13 20.67
CA ASN A 460 -36.22 22.05 20.05
C ASN A 460 -35.84 23.48 20.36
N THR A 461 -34.55 23.80 20.23
CA THR A 461 -34.07 25.14 20.49
C THR A 461 -34.27 26.03 19.25
N GLY A 462 -34.00 27.32 19.43
CA GLY A 462 -34.09 28.24 18.31
C GLY A 462 -33.03 27.98 17.26
N ASN A 463 -31.82 27.65 17.69
CA ASN A 463 -30.71 27.41 16.78
C ASN A 463 -30.97 26.13 15.99
N LYS A 464 -31.32 26.28 14.71
CA LYS A 464 -31.63 25.13 13.88
C LYS A 464 -30.40 24.30 13.58
N LEU A 465 -29.23 24.93 13.46
CA LEU A 465 -28.00 24.19 13.17
C LEU A 465 -27.67 23.22 14.28
N PHE A 466 -27.77 23.67 15.54
CA PHE A 466 -27.48 22.79 16.67
C PHE A 466 -28.48 21.64 16.74
N ASP A 467 -29.77 21.93 16.52
CA ASP A 467 -30.78 20.89 16.55
C ASP A 467 -30.54 19.85 15.47
N SER A 468 -30.21 20.30 14.25
CA SER A 468 -29.94 19.36 13.18
C SER A 468 -28.68 18.55 13.45
N GLY A 469 -27.65 19.20 14.03
CA GLY A 469 -26.42 18.48 14.33
C GLY A 469 -26.60 17.42 15.38
N PHE A 470 -27.40 17.70 16.41
CA PHE A 470 -27.58 16.71 17.46
C PHE A 470 -28.61 15.65 17.08
N ASN A 471 -29.80 16.08 16.66
CA ASN A 471 -30.90 15.15 16.43
C ASN A 471 -30.61 14.19 15.29
N ARG A 472 -29.84 14.62 14.29
CA ARG A 472 -29.63 13.81 13.10
C ARG A 472 -28.19 13.36 12.94
N ASN A 473 -27.22 14.28 12.93
CA ASN A 473 -25.85 13.91 12.63
C ASN A 473 -25.22 13.13 13.78
N LEU A 474 -25.38 13.61 15.01
CA LEU A 474 -24.71 12.98 16.15
C LEU A 474 -25.26 11.60 16.42
N ALA A 475 -26.58 11.42 16.31
CA ALA A 475 -27.17 10.11 16.51
C ALA A 475 -26.66 9.12 15.47
N PHE A 476 -26.58 9.54 14.21
CA PHE A 476 -26.08 8.67 13.17
C PHE A 476 -24.62 8.31 13.43
N GLN A 477 -23.81 9.28 13.86
CA GLN A 477 -22.41 8.97 14.15
C GLN A 477 -22.28 7.99 15.31
N VAL A 478 -23.14 8.14 16.33
CA VAL A 478 -23.12 7.20 17.44
C VAL A 478 -23.47 5.80 16.99
N LEU A 479 -24.50 5.68 16.14
CA LEU A 479 -24.87 4.37 15.61
C LEU A 479 -23.75 3.78 14.76
N TYR A 480 -23.12 4.61 13.93
CA TYR A 480 -22.02 4.14 13.09
C TYR A 480 -20.86 3.63 13.93
N GLN A 481 -20.51 4.36 14.99
CA GLN A 481 -19.43 3.93 15.85
C GLN A 481 -19.80 2.67 16.63
N THR A 482 -21.07 2.52 17.00
CA THR A 482 -21.49 1.28 17.64
C THR A 482 -21.32 0.10 16.71
N PHE A 483 -21.67 0.28 15.44
CA PHE A 483 -21.61 -0.83 14.50
C PHE A 483 -20.19 -1.13 14.02
N MET A 484 -19.31 -0.12 13.95
CA MET A 484 -17.98 -0.30 13.38
C MET A 484 -16.81 0.00 14.30
N SER A 485 -17.04 0.61 15.47
CA SER A 485 -15.98 0.94 16.42
C SER A 485 -14.99 1.88 15.72
N ARG A 486 -13.74 1.49 15.50
CA ARG A 486 -12.76 2.35 14.86
C ARG A 486 -12.09 1.64 13.68
N SER A 487 -12.84 0.82 12.94
CA SER A 487 -12.26 -0.06 11.95
C SER A 487 -12.28 0.50 10.53
N PHE A 488 -12.86 1.68 10.30
CA PHE A 488 -12.96 2.20 8.95
C PHE A 488 -13.02 3.73 8.98
N GLY A 489 -12.72 4.33 7.84
CA GLY A 489 -12.74 5.77 7.71
C GLY A 489 -11.98 6.20 6.48
N GLN A 490 -11.88 7.53 6.33
CA GLN A 490 -11.14 8.07 5.19
C GLN A 490 -9.66 7.71 5.25
N THR A 491 -9.06 7.81 6.44
CA THR A 491 -7.66 7.49 6.63
C THR A 491 -7.45 6.23 7.46
N GLN A 492 -8.52 5.64 7.99
CA GLN A 492 -8.41 4.38 8.72
C GLN A 492 -8.65 3.24 7.74
N LYS A 493 -7.58 2.85 7.06
CA LYS A 493 -7.65 1.87 5.99
C LYS A 493 -7.07 0.51 6.36
N GLY A 494 -6.36 0.40 7.47
CA GLY A 494 -5.80 -0.87 7.89
C GLY A 494 -6.83 -1.77 8.51
N TYR A 495 -6.39 -2.96 8.89
CA TYR A 495 -7.24 -3.94 9.54
C TYR A 495 -7.20 -3.73 11.04
N ARG A 496 -8.36 -3.51 11.64
CA ARG A 496 -8.48 -3.27 13.07
C ARG A 496 -9.58 -4.16 13.64
N GLU A 497 -9.35 -4.69 14.83
CA GLU A 497 -10.33 -5.48 15.55
C GLU A 497 -11.04 -4.63 16.60
N ILE A 498 -12.14 -5.15 17.12
CA ILE A 498 -12.96 -4.43 18.08
C ILE A 498 -12.27 -4.48 19.43
N GLY A 499 -11.86 -3.30 19.92
CA GLY A 499 -11.27 -3.24 21.25
C GLY A 499 -12.33 -3.36 22.33
N PHE A 500 -11.90 -3.86 23.49
CA PHE A 500 -12.82 -4.02 24.61
C PHE A 500 -13.33 -2.67 25.09
N ARG A 501 -12.43 -1.69 25.24
CA ARG A 501 -12.82 -0.37 25.72
C ARG A 501 -13.86 0.27 24.83
N GLU A 502 -13.94 -0.15 23.57
CA GLU A 502 -14.88 0.46 22.63
C GLU A 502 -16.32 0.13 23.03
N ILE A 503 -16.50 -0.69 24.06
CA ILE A 503 -17.83 -0.87 24.62
C ILE A 503 -18.39 0.46 25.13
N GLN A 504 -17.53 1.47 25.31
CA GLN A 504 -18.02 2.81 25.65
C GLN A 504 -19.00 3.32 24.61
N ASP A 505 -18.85 2.91 23.35
CA ASP A 505 -19.78 3.34 22.32
C ASP A 505 -21.20 2.87 22.60
N LEU A 506 -21.35 1.76 23.32
CA LEU A 506 -22.66 1.27 23.70
C LEU A 506 -23.28 2.09 24.83
N PHE A 507 -22.50 2.93 25.50
CA PHE A 507 -23.04 3.70 26.62
C PHE A 507 -24.13 4.66 26.15
N ALA A 508 -23.95 5.29 25.01
CA ALA A 508 -24.91 6.27 24.52
C ALA A 508 -25.91 5.70 23.53
N SER A 509 -25.50 4.71 22.73
CA SER A 509 -26.38 4.21 21.68
C SER A 509 -27.50 3.33 22.20
N MET A 510 -27.29 2.66 23.34
CA MET A 510 -28.25 1.67 23.81
C MET A 510 -29.62 2.29 24.01
N TYR A 511 -29.68 3.48 24.60
CA TYR A 511 -30.97 4.13 24.84
C TYR A 511 -31.73 4.33 23.54
N TYR A 512 -31.02 4.56 22.44
CA TYR A 512 -31.69 4.65 21.15
C TYR A 512 -32.28 3.31 20.75
N PHE A 513 -31.47 2.25 20.81
CA PHE A 513 -31.91 0.95 20.32
C PHE A 513 -33.11 0.43 21.11
N ILE A 514 -33.06 0.56 22.44
CA ILE A 514 -34.17 0.12 23.27
C ILE A 514 -35.45 0.84 22.90
N ASN A 515 -35.34 2.05 22.35
CA ASN A 515 -36.52 2.82 22.00
C ASN A 515 -37.00 2.57 20.57
N ILE A 516 -36.37 1.65 19.84
CA ILE A 516 -36.89 1.25 18.54
C ILE A 516 -37.13 -0.25 18.55
N GLY A 517 -37.35 -0.81 19.74
CA GLY A 517 -37.63 -2.23 19.88
C GLY A 517 -36.49 -3.14 19.51
N TYR A 518 -35.27 -2.81 19.92
CA TYR A 518 -34.10 -3.64 19.68
C TYR A 518 -33.33 -3.87 20.97
N GLN A 519 -34.06 -4.10 22.06
CA GLN A 519 -33.41 -4.40 23.34
C GLN A 519 -32.65 -5.72 23.28
N ASP A 520 -33.16 -6.70 22.52
CA ASP A 520 -32.46 -7.97 22.38
C ASP A 520 -31.11 -7.79 21.71
N PHE A 521 -31.00 -6.83 20.78
CA PHE A 521 -29.70 -6.55 20.18
C PHE A 521 -28.71 -6.04 21.22
N VAL A 522 -29.17 -5.17 22.13
CA VAL A 522 -28.31 -4.68 23.19
C VAL A 522 -27.89 -5.83 24.11
N LYS A 523 -28.83 -6.73 24.42
CA LYS A 523 -28.48 -7.89 25.23
C LYS A 523 -27.44 -8.75 24.54
N GLU A 524 -27.60 -8.96 23.23
CA GLU A 524 -26.62 -9.76 22.49
C GLU A 524 -25.25 -9.11 22.49
N LEU A 525 -25.20 -7.78 22.34
CA LEU A 525 -23.91 -7.09 22.40
C LEU A 525 -23.27 -7.24 23.77
N LEU A 526 -24.07 -7.10 24.84
CA LEU A 526 -23.54 -7.25 26.18
C LEU A 526 -23.00 -8.66 26.39
N PHE A 527 -23.73 -9.68 25.93
CA PHE A 527 -23.26 -11.05 26.09
C PHE A 527 -22.01 -11.31 25.26
N GLU A 528 -21.94 -10.73 24.07
CA GLU A 528 -20.74 -10.89 23.24
C GLU A 528 -19.53 -10.28 23.92
N TRP A 529 -19.70 -9.11 24.55
CA TRP A 529 -18.58 -8.52 25.28
C TRP A 529 -18.24 -9.34 26.51
N THR A 530 -19.25 -9.89 27.19
CA THR A 530 -19.00 -10.68 28.39
C THR A 530 -18.28 -11.98 28.06
N ALA A 531 -18.48 -12.51 26.84
CA ALA A 531 -17.84 -13.76 26.46
C ALA A 531 -16.33 -13.63 26.32
N ASN A 532 -15.78 -12.43 26.33
CA ASN A 532 -14.35 -12.21 26.22
C ASN A 532 -13.68 -11.97 27.57
N VAL A 533 -14.33 -12.34 28.66
CA VAL A 533 -13.78 -12.18 30.00
C VAL A 533 -13.42 -13.56 30.54
N TYR A 534 -12.18 -13.69 31.03
CA TYR A 534 -11.69 -14.96 31.52
C TYR A 534 -12.20 -15.24 32.93
N LYS A 535 -11.92 -16.45 33.41
CA LYS A 535 -12.38 -16.84 34.74
C LYS A 535 -11.72 -15.99 35.83
N MET A 536 -10.43 -15.69 35.68
CA MET A 536 -9.72 -14.91 36.69
C MET A 536 -10.29 -13.50 36.78
N GLY A 537 -10.58 -12.87 35.64
CA GLY A 537 -11.17 -11.55 35.65
C GLY A 537 -10.69 -10.64 34.53
N TYR A 538 -9.54 -10.95 33.93
CA TYR A 538 -9.05 -10.15 32.84
C TYR A 538 -9.82 -10.47 31.56
N ALA A 539 -9.63 -9.63 30.55
CA ALA A 539 -10.39 -9.73 29.32
C ALA A 539 -9.47 -9.58 28.11
N ASN A 540 -9.93 -10.12 26.98
CA ASN A 540 -9.20 -9.97 25.73
C ASN A 540 -9.19 -8.50 25.31
N HIS A 541 -8.04 -8.05 24.81
CA HIS A 541 -7.94 -6.65 24.39
C HIS A 541 -8.69 -6.41 23.09
N ASN A 542 -8.60 -7.33 22.15
CA ASN A 542 -9.26 -7.19 20.85
C ASN A 542 -9.96 -8.49 20.50
N PHE A 543 -10.98 -8.37 19.64
CA PHE A 543 -11.71 -9.54 19.16
C PHE A 543 -12.54 -9.14 17.96
N TYR A 544 -12.46 -9.92 16.89
CA TYR A 544 -13.41 -9.79 15.79
C TYR A 544 -14.24 -11.06 15.62
N TRP A 545 -13.61 -12.21 15.41
CA TRP A 545 -14.27 -13.50 15.45
C TRP A 545 -13.92 -14.28 16.70
N VAL A 546 -12.66 -14.20 17.14
CA VAL A 546 -12.21 -14.78 18.39
C VAL A 546 -11.35 -13.74 19.10
N GLY A 547 -11.22 -13.90 20.41
CA GLY A 547 -10.44 -12.98 21.19
C GLY A 547 -8.95 -13.18 21.03
N LYS A 548 -8.19 -12.16 21.46
CA LYS A 548 -6.74 -12.22 21.42
C LYS A 548 -6.19 -11.24 22.44
N GLN A 549 -4.90 -11.42 22.77
CA GLN A 549 -4.19 -10.59 23.74
C GLN A 549 -4.89 -10.62 25.10
N PRO A 550 -4.86 -11.76 25.80
CA PRO A 550 -5.60 -11.87 27.07
C PRO A 550 -4.93 -11.07 28.17
N GLY A 551 -5.70 -10.16 28.77
CA GLY A 551 -5.21 -9.39 29.91
C GLY A 551 -4.03 -8.50 29.61
N LEU A 552 -3.86 -8.08 28.36
CA LEU A 552 -2.73 -7.24 28.01
C LEU A 552 -2.81 -5.88 28.70
N TYR A 553 -4.01 -5.30 28.76
CA TYR A 553 -4.24 -4.01 29.40
C TYR A 553 -5.13 -4.20 30.62
N SER A 554 -4.80 -3.50 31.71
CA SER A 554 -5.41 -3.78 33.00
C SER A 554 -6.78 -3.14 33.19
N ASP A 555 -7.17 -2.18 32.35
CA ASP A 555 -8.39 -1.42 32.56
C ASP A 555 -9.58 -1.91 31.75
N ASP A 556 -9.40 -2.95 30.94
CA ASP A 556 -10.45 -3.33 29.99
C ASP A 556 -11.73 -3.76 30.70
N SER A 557 -11.66 -4.85 31.46
CA SER A 557 -12.88 -5.46 32.00
C SER A 557 -13.65 -4.49 32.89
N LEU A 558 -12.95 -3.55 33.54
CA LEU A 558 -13.63 -2.62 34.44
C LEU A 558 -14.67 -1.78 33.71
N TRP A 559 -14.51 -1.59 32.40
CA TRP A 559 -15.53 -0.85 31.65
C TRP A 559 -16.84 -1.61 31.61
N LEU A 560 -16.77 -2.93 31.44
CA LEU A 560 -17.97 -3.74 31.19
C LEU A 560 -19.05 -3.48 32.23
N LEU A 561 -18.66 -3.44 33.51
CA LEU A 561 -19.62 -3.23 34.59
C LEU A 561 -20.49 -2.02 34.30
N GLN A 562 -19.87 -0.89 33.96
CA GLN A 562 -20.62 0.33 33.70
C GLN A 562 -21.74 0.07 32.71
N ALA A 563 -21.41 -0.56 31.58
CA ALA A 563 -22.42 -0.85 30.56
C ALA A 563 -23.60 -1.57 31.18
N TYR A 564 -23.32 -2.68 31.87
CA TYR A 564 -24.40 -3.45 32.48
C TYR A 564 -25.25 -2.56 33.37
N TYR A 565 -24.59 -1.75 34.21
CA TYR A 565 -25.32 -0.87 35.11
C TYR A 565 -26.34 -0.05 34.33
N ARG A 566 -25.88 0.63 33.28
CA ARG A 566 -26.78 1.46 32.50
C ARG A 566 -27.99 0.66 32.05
N TYR A 567 -27.75 -0.50 31.44
CA TYR A 567 -28.85 -1.32 30.97
C TYR A 567 -29.81 -1.63 32.10
N ILE A 568 -29.27 -2.14 33.22
CA ILE A 568 -30.15 -2.57 34.30
C ILE A 568 -30.87 -1.37 34.89
N ILE A 569 -30.26 -0.18 34.82
CA ILE A 569 -30.95 1.00 35.33
C ILE A 569 -32.10 1.37 34.41
N TYR A 570 -31.90 1.25 33.09
CA TYR A 570 -32.91 1.78 32.18
C TYR A 570 -34.09 0.83 32.00
N THR A 571 -33.83 -0.47 32.00
CA THR A 571 -34.85 -1.46 31.69
C THR A 571 -35.33 -2.24 32.89
N LYS A 572 -34.62 -2.17 34.02
CA LYS A 572 -34.94 -2.97 35.21
C LYS A 572 -34.97 -4.46 34.90
N ASP A 573 -34.17 -4.87 33.91
CA ASP A 573 -34.13 -6.26 33.46
C ASP A 573 -32.96 -6.96 34.14
N THR A 574 -33.22 -7.49 35.34
CA THR A 574 -32.20 -8.20 36.09
C THR A 574 -31.99 -9.63 35.62
N SER A 575 -32.86 -10.13 34.73
CA SER A 575 -32.72 -11.51 34.27
C SER A 575 -31.39 -11.75 33.57
N VAL A 576 -30.80 -10.70 32.99
CA VAL A 576 -29.50 -10.85 32.33
C VAL A 576 -28.44 -11.30 33.31
N LEU A 577 -28.65 -11.10 34.61
CA LEU A 577 -27.68 -11.57 35.59
C LEU A 577 -27.63 -13.09 35.65
N ASN A 578 -28.72 -13.76 35.28
CA ASN A 578 -28.80 -15.21 35.34
C ASN A 578 -28.42 -15.89 34.04
N GLU A 579 -28.07 -15.13 33.01
CA GLU A 579 -27.71 -15.72 31.72
C GLU A 579 -26.38 -16.46 31.83
N GLU A 580 -26.31 -17.60 31.14
CA GLU A 580 -25.09 -18.39 31.10
C GLU A 580 -24.30 -18.02 29.84
N VAL A 581 -23.08 -17.53 30.03
CA VAL A 581 -22.24 -17.09 28.93
C VAL A 581 -20.95 -17.92 28.96
N PRO A 582 -20.46 -18.39 27.81
CA PRO A 582 -19.18 -19.10 27.80
C PRO A 582 -18.04 -18.18 28.25
N VAL A 583 -17.08 -18.77 28.96
CA VAL A 583 -15.94 -18.00 29.43
C VAL A 583 -14.88 -17.92 28.32
N ALA A 584 -13.99 -16.96 28.46
CA ALA A 584 -12.94 -16.75 27.47
C ALA A 584 -11.83 -17.79 27.55
N ASP A 585 -11.79 -18.58 28.62
CA ASP A 585 -10.75 -19.60 28.75
C ASP A 585 -10.85 -20.66 27.68
N GLY A 586 -12.01 -20.82 27.05
CA GLY A 586 -12.18 -21.82 26.03
C GLY A 586 -12.87 -23.06 26.56
N ASN A 587 -12.53 -24.22 25.99
CA ASN A 587 -13.13 -25.51 26.36
C ASN A 587 -14.64 -25.38 26.14
N ASN A 588 -15.47 -25.74 27.12
CA ASN A 588 -16.92 -25.56 26.97
C ASN A 588 -17.54 -25.05 28.26
N GLU A 589 -16.76 -24.42 29.13
CA GLU A 589 -17.27 -23.95 30.41
C GLU A 589 -18.10 -22.68 30.24
N LYS A 590 -19.19 -22.60 31.00
CA LYS A 590 -20.06 -21.43 31.01
C LYS A 590 -20.23 -20.94 32.43
N ARG A 591 -20.42 -19.62 32.56
CA ARG A 591 -20.57 -18.99 33.86
C ARG A 591 -21.73 -18.00 33.81
N ALA A 592 -22.34 -17.76 34.96
CA ALA A 592 -23.39 -16.76 35.04
C ALA A 592 -22.78 -15.36 34.94
N VAL A 593 -23.60 -14.41 34.47
CA VAL A 593 -23.13 -13.04 34.32
C VAL A 593 -22.80 -12.44 35.67
N ARG A 594 -23.59 -12.73 36.69
CA ARG A 594 -23.32 -12.21 38.03
C ARG A 594 -21.98 -12.69 38.55
N GLU A 595 -21.67 -13.97 38.36
CA GLU A 595 -20.37 -14.49 38.78
C GLU A 595 -19.25 -13.86 37.98
N THR A 596 -19.48 -13.59 36.69
CA THR A 596 -18.46 -12.92 35.90
C THR A 596 -18.17 -11.52 36.42
N LEU A 597 -19.22 -10.77 36.77
CA LEU A 597 -19.02 -9.44 37.32
C LEU A 597 -18.29 -9.51 38.67
N LYS A 598 -18.65 -10.49 39.51
CA LYS A 598 -17.96 -10.64 40.79
C LYS A 598 -16.49 -10.97 40.58
N ALA A 599 -16.18 -11.82 39.61
CA ALA A 599 -14.80 -12.15 39.32
C ALA A 599 -14.04 -10.93 38.79
N ILE A 600 -14.69 -10.12 37.96
CA ILE A 600 -14.06 -8.90 37.47
C ILE A 600 -13.73 -7.97 38.62
N ILE A 601 -14.66 -7.81 39.56
CA ILE A 601 -14.40 -6.97 40.72
C ILE A 601 -13.26 -7.53 41.56
N GLN A 602 -13.25 -8.85 41.76
CA GLN A 602 -12.22 -9.47 42.60
C GLN A 602 -10.84 -9.34 41.98
N TYR A 603 -10.75 -9.48 40.65
CA TYR A 603 -9.45 -9.44 39.99
C TYR A 603 -8.75 -8.10 40.15
N SER A 604 -9.50 -7.01 40.37
CA SER A 604 -8.90 -5.70 40.55
C SER A 604 -8.94 -5.20 41.98
N ALA A 605 -9.78 -5.78 42.84
CA ALA A 605 -9.87 -5.33 44.23
C ALA A 605 -9.01 -6.14 45.18
N CYS A 606 -8.85 -7.45 44.95
CA CYS A 606 -8.09 -8.31 45.84
C CYS A 606 -6.82 -8.83 45.18
N ILE A 607 -6.94 -9.47 44.03
CA ILE A 607 -5.78 -9.96 43.28
C ILE A 607 -5.26 -8.82 42.41
N SER A 608 -4.05 -8.97 41.89
CA SER A 608 -3.49 -8.02 40.93
C SER A 608 -3.48 -6.60 41.47
N VAL A 609 -3.01 -6.45 42.71
CA VAL A 609 -2.89 -5.15 43.34
C VAL A 609 -1.47 -4.97 43.85
N GLY A 610 -1.06 -3.72 43.99
CA GLY A 610 0.28 -3.38 44.42
C GLY A 610 0.40 -3.30 45.93
N ASP A 611 1.48 -2.65 46.38
CA ASP A 611 1.73 -2.53 47.80
C ASP A 611 0.68 -1.66 48.48
N HIS A 612 0.08 -0.73 47.77
CA HIS A 612 -0.92 0.17 48.33
C HIS A 612 -2.34 -0.34 48.14
N GLY A 613 -2.52 -1.52 47.55
CA GLY A 613 -3.84 -2.06 47.34
C GLY A 613 -4.56 -1.56 46.13
N LEU A 614 -3.90 -0.80 45.28
CA LEU A 614 -4.51 -0.29 44.06
C LEU A 614 -4.21 -1.22 42.88
N PRO A 615 -5.06 -1.22 41.85
CA PRO A 615 -4.85 -2.13 40.72
C PRO A 615 -3.53 -1.88 40.02
N LEU A 616 -2.90 -2.96 39.56
CA LEU A 616 -1.62 -2.86 38.90
C LEU A 616 -1.76 -2.22 37.52
N LEU A 617 -0.68 -1.58 37.08
CA LEU A 617 -0.68 -0.92 35.78
C LEU A 617 -0.56 -1.91 34.62
N ASP A 618 0.17 -3.00 34.83
CA ASP A 618 0.42 -4.02 33.80
C ASP A 618 1.16 -3.33 32.64
N LEU A 619 0.90 -3.72 31.40
CA LEU A 619 1.55 -3.06 30.27
C LEU A 619 1.15 -1.59 30.20
N ALA A 620 -0.14 -1.31 30.23
CA ALA A 620 -0.65 0.05 30.22
C ALA A 620 -2.13 0.03 30.60
N ASP A 621 -2.59 1.15 31.13
CA ASP A 621 -3.99 1.39 31.39
C ASP A 621 -4.61 2.06 30.16
N TRP A 622 -5.79 2.66 30.32
CA TRP A 622 -6.47 3.39 29.25
C TRP A 622 -5.50 4.24 28.43
N ASN A 623 -4.55 4.89 29.10
CA ASN A 623 -3.51 5.65 28.41
C ASN A 623 -2.43 4.68 27.95
N ASP A 624 -2.18 4.64 26.64
CA ASP A 624 -1.21 3.73 26.07
C ASP A 624 0.22 4.23 26.18
N CYS A 625 0.42 5.48 26.62
CA CYS A 625 1.76 6.04 26.75
C CYS A 625 2.36 5.82 28.13
N LEU A 626 1.63 5.19 29.04
CA LEU A 626 2.14 4.94 30.40
C LEU A 626 2.77 3.56 30.50
N LYS A 627 3.77 3.34 29.65
CA LYS A 627 4.54 2.09 29.66
C LYS A 627 5.69 2.19 30.67
N ILE A 628 5.31 2.37 31.94
CA ILE A 628 6.30 2.55 32.99
C ILE A 628 7.06 1.24 33.24
N ASP A 629 6.35 0.12 33.31
CA ASP A 629 6.95 -1.16 33.65
C ASP A 629 7.40 -1.86 32.37
N SER A 630 8.71 -2.05 32.22
CA SER A 630 9.24 -2.73 31.05
C SER A 630 9.04 -4.24 31.13
N ASN A 631 8.99 -4.80 32.33
CA ASN A 631 8.85 -6.24 32.53
C ASN A 631 7.41 -6.63 32.85
N SER A 632 6.44 -5.95 32.26
CA SER A 632 5.05 -6.24 32.52
C SER A 632 4.66 -7.60 31.94
N ILE A 633 3.60 -8.19 32.49
CA ILE A 633 3.10 -9.48 32.06
C ILE A 633 1.60 -9.36 31.78
N ASP A 634 1.10 -10.27 30.96
CA ASP A 634 -0.30 -10.27 30.57
C ASP A 634 -1.12 -11.12 31.55
N GLY A 635 -2.37 -11.38 31.19
CA GLY A 635 -3.25 -12.10 32.10
C GLY A 635 -2.86 -13.56 32.31
N ALA A 636 -2.46 -14.23 31.23
CA ALA A 636 -2.15 -15.66 31.32
C ALA A 636 -0.91 -15.91 32.16
N THR A 637 0.16 -15.16 31.90
CA THR A 637 1.38 -15.31 32.67
C THR A 637 1.14 -14.96 34.13
N LYS A 638 0.37 -13.89 34.38
CA LYS A 638 0.06 -13.52 35.76
C LYS A 638 -0.73 -14.61 36.45
N GLU A 639 -1.69 -15.23 35.75
CA GLU A 639 -2.47 -16.29 36.35
C GLU A 639 -1.60 -17.50 36.68
N LYS A 640 -0.70 -17.87 35.78
CA LYS A 640 0.19 -19.00 36.03
C LYS A 640 1.08 -18.72 37.23
N LEU A 641 1.68 -17.54 37.28
CA LEU A 641 2.54 -17.19 38.40
C LEU A 641 1.76 -17.11 39.71
N TYR A 642 0.52 -16.63 39.65
CA TYR A 642 -0.32 -16.54 40.84
C TYR A 642 -0.64 -17.93 41.38
N TYR A 643 -0.97 -18.87 40.49
CA TYR A 643 -1.22 -20.23 40.94
C TYR A 643 0.02 -20.87 41.53
N GLU A 644 1.19 -20.63 40.90
CA GLU A 644 2.44 -21.15 41.45
C GLU A 644 2.70 -20.57 42.83
N GLN A 645 2.47 -19.26 43.01
CA GLN A 645 2.67 -18.63 44.31
C GLN A 645 1.72 -19.18 45.35
N LEU A 646 0.46 -19.40 44.98
CA LEU A 646 -0.51 -19.97 45.91
C LEU A 646 -0.09 -21.36 46.34
N LYS A 647 0.38 -22.18 45.40
CA LYS A 647 0.84 -23.52 45.75
C LYS A 647 2.07 -23.46 46.64
N LYS A 648 3.00 -22.54 46.35
CA LYS A 648 4.25 -22.50 47.09
C LYS A 648 4.05 -22.00 48.52
N THR A 649 3.29 -20.92 48.69
CA THR A 649 3.13 -20.28 49.99
C THR A 649 1.93 -20.82 50.76
N ASN A 650 1.25 -21.84 50.25
CA ASN A 650 0.07 -22.42 50.90
C ASN A 650 -1.00 -21.36 51.13
N GLY A 651 -1.14 -20.45 50.17
CA GLY A 651 -2.12 -19.39 50.27
C GLY A 651 -3.50 -19.83 49.83
N LYS A 652 -4.44 -18.90 49.95
CA LYS A 652 -5.82 -19.10 49.57
C LYS A 652 -6.16 -18.27 48.35
N TYR A 653 -7.02 -18.79 47.49
CA TYR A 653 -7.43 -18.07 46.29
C TYR A 653 -8.10 -16.76 46.69
N GLY A 654 -7.75 -15.69 45.97
CA GLY A 654 -8.20 -14.36 46.31
C GLY A 654 -7.18 -13.51 47.04
N ASP A 655 -6.04 -14.07 47.41
CA ASP A 655 -4.99 -13.30 48.06
C ASP A 655 -4.24 -12.46 47.02
N ARG A 656 -3.49 -11.49 47.52
CA ARG A 656 -2.76 -10.58 46.64
C ARG A 656 -1.66 -11.31 45.89
N PHE A 657 -1.53 -10.99 44.60
CA PHE A 657 -0.42 -11.48 43.80
C PHE A 657 0.81 -10.61 44.08
N MET A 658 1.77 -11.17 44.82
CA MET A 658 2.90 -10.38 45.29
C MET A 658 3.82 -10.01 44.13
N SER A 659 4.16 -8.73 44.04
CA SER A 659 5.05 -8.20 43.02
C SER A 659 5.40 -6.77 43.39
N ASP A 660 6.19 -6.12 42.54
CA ASP A 660 6.59 -4.73 42.74
C ASP A 660 6.20 -3.86 41.55
N TYR A 661 5.18 -4.26 40.81
CA TYR A 661 4.75 -3.49 39.66
C TYR A 661 4.07 -2.19 40.09
N SER A 662 3.96 -1.26 39.14
CA SER A 662 3.36 0.02 39.42
C SER A 662 1.84 -0.10 39.52
N GLU A 663 1.24 0.86 40.21
CA GLU A 663 -0.20 0.90 40.42
C GLU A 663 -0.81 2.04 39.60
N SER A 664 -2.03 1.82 39.12
CA SER A 664 -2.77 2.79 38.34
C SER A 664 -3.89 3.36 39.17
N VAL A 665 -3.99 4.68 39.24
CA VAL A 665 -5.04 5.33 40.02
C VAL A 665 -6.32 5.50 39.21
N MET A 666 -6.20 5.70 37.89
CA MET A 666 -7.39 5.69 37.04
C MET A 666 -8.10 4.35 37.13
N ASN A 667 -7.33 3.27 37.15
CA ASN A 667 -7.91 1.95 37.34
C ASN A 667 -8.60 1.85 38.70
N ALA A 668 -8.04 2.50 39.72
CA ALA A 668 -8.68 2.50 41.04
C ALA A 668 -10.01 3.23 41.00
N PHE A 669 -10.07 4.37 40.30
CA PHE A 669 -11.33 5.08 40.17
C PHE A 669 -12.37 4.26 39.40
N LEU A 670 -11.93 3.61 38.32
CA LEU A 670 -12.83 2.74 37.56
C LEU A 670 -13.33 1.60 38.43
N LEU A 671 -12.45 1.02 39.25
CA LEU A 671 -12.85 -0.06 40.14
C LEU A 671 -13.87 0.42 41.16
N LYS A 672 -13.66 1.61 41.73
CA LYS A 672 -14.62 2.14 42.70
C LYS A 672 -15.98 2.36 42.05
N LEU A 673 -15.99 2.92 40.84
CA LEU A 673 -17.25 3.13 40.14
C LEU A 673 -17.94 1.81 39.83
N ALA A 674 -17.17 0.81 39.40
CA ALA A 674 -17.75 -0.50 39.11
C ALA A 674 -18.31 -1.15 40.36
N ILE A 675 -17.62 -1.01 41.49
CA ILE A 675 -18.12 -1.59 42.73
C ILE A 675 -19.41 -0.91 43.16
N ASP A 676 -19.48 0.41 43.04
CA ASP A 676 -20.73 1.11 43.35
C ASP A 676 -21.86 0.65 42.44
N HIS A 677 -21.57 0.50 41.14
CA HIS A 677 -22.60 0.05 40.21
C HIS A 677 -23.06 -1.36 40.53
N LEU A 678 -22.14 -2.25 40.90
CA LEU A 678 -22.51 -3.61 41.27
C LEU A 678 -23.34 -3.62 42.54
N ALA A 679 -23.01 -2.76 43.50
CA ALA A 679 -23.83 -2.65 44.71
C ALA A 679 -25.25 -2.21 44.37
N GLU A 680 -25.37 -1.22 43.49
CA GLU A 680 -26.69 -0.75 43.08
C GLU A 680 -27.46 -1.86 42.37
N ILE A 681 -26.79 -2.61 41.50
CA ILE A 681 -27.45 -3.70 40.78
C ILE A 681 -27.92 -4.77 41.75
N ALA A 682 -27.08 -5.14 42.71
CA ALA A 682 -27.45 -6.15 43.70
C ALA A 682 -28.63 -5.68 44.54
N THR A 683 -28.65 -4.39 44.91
CA THR A 683 -29.80 -3.84 45.62
C THR A 683 -31.06 -3.96 44.76
N LEU A 684 -30.96 -3.66 43.47
CA LEU A 684 -32.10 -3.80 42.58
C LEU A 684 -32.49 -5.25 42.38
N ASP A 685 -31.57 -6.19 42.59
CA ASP A 685 -31.83 -7.61 42.39
C ASP A 685 -32.28 -8.31 43.67
N ASN A 686 -32.52 -7.55 44.75
CA ASN A 686 -32.91 -8.11 46.04
C ASN A 686 -31.87 -9.09 46.56
N ASP A 687 -30.60 -8.77 46.35
CA ASP A 687 -29.48 -9.55 46.86
C ASP A 687 -28.80 -8.68 47.93
N THR A 688 -29.29 -8.79 49.15
CA THR A 688 -28.83 -7.90 50.23
C THR A 688 -27.37 -8.14 50.58
N GLN A 689 -26.97 -9.42 50.69
CA GLN A 689 -25.62 -9.72 51.14
C GLN A 689 -24.58 -9.23 50.14
N LEU A 690 -24.83 -9.41 48.84
CA LEU A 690 -23.91 -8.92 47.82
C LEU A 690 -23.84 -7.40 47.84
N ALA A 691 -24.99 -6.74 48.02
CA ALA A 691 -25.00 -5.28 48.07
C ALA A 691 -24.20 -4.77 49.26
N GLN A 692 -24.38 -5.40 50.43
CA GLN A 692 -23.64 -4.96 51.62
C GLN A 692 -22.14 -5.20 51.45
N GLN A 693 -21.77 -6.35 50.89
CA GLN A 693 -20.36 -6.64 50.67
C GLN A 693 -19.74 -5.64 49.71
N MET A 694 -20.45 -5.32 48.62
CA MET A 694 -19.95 -4.33 47.67
C MET A 694 -19.84 -2.96 48.30
N SER A 695 -20.80 -2.59 49.17
CA SER A 695 -20.73 -1.29 49.82
C SER A 695 -19.50 -1.19 50.73
N GLU A 696 -19.24 -2.24 51.52
CA GLU A 696 -18.05 -2.21 52.37
C GLU A 696 -16.77 -2.19 51.54
N LEU A 697 -16.74 -2.95 50.44
CA LEU A 697 -15.56 -2.95 49.58
C LEU A 697 -15.34 -1.57 48.97
N SER A 698 -16.43 -0.91 48.55
CA SER A 698 -16.31 0.43 47.99
C SER A 698 -15.79 1.41 49.02
N LYS A 699 -16.27 1.33 50.26
CA LYS A 699 -15.78 2.20 51.31
C LYS A 699 -14.28 1.97 51.55
N GLU A 700 -13.87 0.71 51.60
CA GLU A 700 -12.45 0.41 51.81
C GLU A 700 -11.59 0.93 50.67
N VAL A 701 -12.05 0.75 49.42
CA VAL A 701 -11.29 1.24 48.28
C VAL A 701 -11.20 2.75 48.29
N THR A 702 -12.29 3.43 48.65
CA THR A 702 -12.26 4.89 48.75
C THR A 702 -11.26 5.33 49.80
N ASP A 703 -11.23 4.66 50.96
CA ASP A 703 -10.27 5.00 51.99
C ASP A 703 -8.84 4.80 51.49
N ARG A 704 -8.59 3.70 50.78
CA ARG A 704 -7.24 3.45 50.26
C ARG A 704 -6.83 4.53 49.26
N ILE A 705 -7.75 4.91 48.36
CA ILE A 705 -7.43 5.93 47.36
C ILE A 705 -7.15 7.26 48.03
N GLN A 706 -7.98 7.63 49.01
CA GLN A 706 -7.77 8.91 49.70
C GLN A 706 -6.46 8.90 50.46
N LYS A 707 -6.08 7.76 51.04
CA LYS A 707 -4.87 7.70 51.85
C LYS A 707 -3.62 7.72 50.98
N HIS A 708 -3.63 7.03 49.84
CA HIS A 708 -2.40 6.79 49.10
C HIS A 708 -2.30 7.53 47.77
N ALA A 709 -3.38 8.11 47.27
CA ALA A 709 -3.33 8.77 45.96
C ALA A 709 -3.36 10.28 46.02
N TRP A 710 -3.96 10.87 47.04
CA TRP A 710 -4.00 12.32 47.16
C TRP A 710 -2.64 12.83 47.60
N LYS A 711 -2.14 13.85 46.89
CA LYS A 711 -0.80 14.37 47.12
C LYS A 711 -0.84 15.88 47.34
N GLU A 712 -1.84 16.36 48.08
CA GLU A 712 -1.91 17.72 48.62
C GLU A 712 -2.08 18.78 47.55
N ASN A 713 -2.00 18.39 46.28
CA ASN A 713 -2.24 19.31 45.17
C ASN A 713 -3.11 18.74 44.06
N PHE A 714 -3.19 17.43 43.93
CA PHE A 714 -3.87 16.77 42.82
C PHE A 714 -3.98 15.29 43.18
N PHE A 715 -4.55 14.52 42.27
CA PHE A 715 -4.61 13.07 42.43
C PHE A 715 -3.51 12.45 41.57
N ALA A 716 -2.66 11.65 42.19
CA ALA A 716 -1.55 11.04 41.47
C ALA A 716 -2.08 10.10 40.40
N ARG A 717 -1.29 9.95 39.33
CA ARG A 717 -1.70 9.11 38.21
C ARG A 717 -1.18 7.68 38.36
N VAL A 718 0.10 7.53 38.62
CA VAL A 718 0.74 6.22 38.76
C VAL A 718 1.57 6.21 40.03
N LEU A 719 1.44 5.14 40.81
CA LEU A 719 2.27 4.93 41.99
C LEU A 719 3.37 3.92 41.67
N ILE A 720 4.60 4.26 42.01
CA ILE A 720 5.76 3.46 41.67
C ILE A 720 6.26 2.77 42.93
N ASN A 721 6.50 1.46 42.84
CA ASN A 721 6.92 0.67 43.98
C ASN A 721 8.28 0.00 43.81
N ARG A 722 8.88 0.05 42.63
CA ARG A 722 10.13 -0.68 42.40
C ARG A 722 11.36 0.06 42.90
N TYR A 723 11.24 1.33 43.26
CA TYR A 723 12.36 2.11 43.77
C TYR A 723 12.26 2.14 45.29
N LYS A 724 13.05 1.29 45.96
CA LYS A 724 13.02 1.20 47.41
C LYS A 724 13.81 2.31 48.10
N ASP A 725 14.63 3.05 47.36
CA ASP A 725 15.39 4.14 47.95
C ASP A 725 14.60 5.43 48.04
N GLY A 726 13.37 5.46 47.50
CA GLY A 726 12.55 6.65 47.56
C GLY A 726 12.85 7.70 46.52
N SER A 727 13.65 7.37 45.49
CA SER A 727 13.94 8.35 44.45
C SER A 727 12.68 8.76 43.70
N TYR A 728 11.83 7.81 43.35
CA TYR A 728 10.57 8.09 42.69
C TYR A 728 9.49 7.20 43.28
N THR A 729 8.40 7.80 43.72
CA THR A 729 7.31 7.07 44.34
C THR A 729 5.97 7.25 43.66
N TYR A 730 5.73 8.38 43.00
CA TYR A 730 4.46 8.62 42.34
C TYR A 730 4.66 9.52 41.14
N LEU A 731 3.69 9.50 40.24
CA LEU A 731 3.69 10.33 39.04
C LEU A 731 2.31 10.94 38.86
N GLY A 732 2.26 12.24 38.60
CA GLY A 732 1.00 12.90 38.32
C GLY A 732 0.52 13.83 39.42
N ALA A 733 1.45 14.46 40.12
CA ALA A 733 1.11 15.41 41.17
C ALA A 733 2.31 16.30 41.44
N LYS A 734 2.10 17.31 42.27
CA LYS A 734 3.18 18.22 42.62
C LYS A 734 4.24 17.49 43.44
N GLY A 735 5.51 17.75 43.12
CA GLY A 735 6.61 17.14 43.83
C GLY A 735 7.02 15.77 43.37
N ASP A 736 6.51 15.30 42.22
CA ASP A 736 6.90 13.99 41.71
C ASP A 736 8.25 14.00 41.03
N LYS A 737 8.85 15.17 40.80
CA LYS A 737 10.20 15.30 40.24
C LYS A 737 10.31 14.65 38.86
N LEU A 738 9.23 14.68 38.09
CA LEU A 738 9.23 14.10 36.75
C LEU A 738 8.77 15.08 35.68
N SER A 739 8.59 16.35 36.03
CA SER A 739 8.14 17.34 35.04
C SER A 739 9.26 17.66 34.07
N ALA A 740 8.93 17.71 32.78
CA ALA A 740 9.85 18.14 31.75
C ALA A 740 9.82 19.64 31.52
N ASP A 741 8.92 20.36 32.17
CA ASP A 741 8.82 21.80 32.05
C ASP A 741 9.29 22.45 33.34
N PRO A 742 10.34 23.28 33.30
CA PRO A 742 10.81 23.91 34.54
C PRO A 742 9.76 24.78 35.23
N ASN A 743 8.85 25.38 34.46
CA ASN A 743 7.83 26.25 35.03
C ASN A 743 6.69 25.48 35.69
N ILE A 744 6.62 24.16 35.49
CA ILE A 744 5.58 23.33 36.08
C ILE A 744 6.22 22.47 37.17
N ASP A 745 5.65 22.51 38.37
CA ASP A 745 6.23 21.78 39.50
C ASP A 745 6.20 20.28 39.27
N GLY A 746 5.08 19.77 38.75
CA GLY A 746 4.96 18.34 38.53
C GLY A 746 4.02 18.04 37.38
N VAL A 747 4.02 16.78 36.95
CA VAL A 747 3.15 16.35 35.87
C VAL A 747 1.71 16.30 36.37
N TYR A 748 0.78 16.66 35.50
CA TYR A 748 -0.64 16.62 35.81
C TYR A 748 -1.40 15.91 34.71
N PHE A 749 -2.29 15.00 35.09
CA PHE A 749 -3.09 14.23 34.15
C PHE A 749 -4.56 14.64 34.29
N LEU A 750 -5.19 14.94 33.16
CA LEU A 750 -6.59 15.34 33.17
C LEU A 750 -7.49 14.20 33.63
N ASN A 751 -7.17 12.97 33.22
CA ASN A 751 -8.01 11.82 33.55
C ASN A 751 -8.07 11.59 35.05
N SER A 752 -7.01 11.95 35.78
CA SER A 752 -7.04 11.81 37.23
C SER A 752 -8.19 12.60 37.84
N PHE A 753 -8.27 13.90 37.52
CA PHE A 753 -9.38 14.71 37.98
C PHE A 753 -10.71 14.20 37.44
N ALA A 754 -10.74 13.86 36.16
CA ALA A 754 -12.00 13.46 35.52
C ALA A 754 -12.62 12.26 36.22
N TRP A 755 -11.82 11.22 36.45
CA TRP A 755 -12.34 10.00 37.06
C TRP A 755 -12.31 10.04 38.58
N SER A 756 -11.67 11.04 39.19
CA SER A 756 -11.90 11.26 40.61
C SER A 756 -13.27 11.87 40.83
N VAL A 757 -13.68 12.79 39.97
CA VAL A 757 -15.02 13.37 40.09
C VAL A 757 -16.08 12.36 39.66
N LEU A 758 -15.84 11.64 38.56
CA LEU A 758 -16.85 10.72 38.03
C LEU A 758 -17.12 9.58 39.00
N SER A 759 -16.09 9.08 39.67
CA SER A 759 -16.26 7.97 40.61
C SER A 759 -16.73 8.42 41.99
N ASP A 760 -16.95 9.72 42.19
CA ASP A 760 -17.45 10.26 43.45
C ASP A 760 -16.50 9.96 44.60
N VAL A 761 -15.21 10.17 44.35
CA VAL A 761 -14.18 9.99 45.37
C VAL A 761 -13.70 11.34 45.91
N ALA A 762 -13.46 12.29 45.02
CA ALA A 762 -12.95 13.60 45.44
C ALA A 762 -14.00 14.37 46.21
N THR A 763 -13.53 15.17 47.18
CA THR A 763 -14.40 16.04 47.95
C THR A 763 -14.46 17.42 47.31
N ASP A 764 -15.27 18.31 47.90
CA ASP A 764 -15.45 19.63 47.31
C ASP A 764 -14.15 20.44 47.33
N GLU A 765 -13.41 20.38 48.43
CA GLU A 765 -12.15 21.12 48.51
C GLU A 765 -11.14 20.59 47.50
N GLN A 766 -11.04 19.26 47.37
CA GLN A 766 -10.16 18.68 46.37
C GLN A 766 -10.60 19.05 44.97
N ILE A 767 -11.92 19.09 44.73
CA ILE A 767 -12.42 19.49 43.43
C ILE A 767 -12.02 20.92 43.11
N ALA A 768 -12.16 21.83 44.08
CA ALA A 768 -11.77 23.22 43.86
C ALA A 768 -10.27 23.33 43.59
N ILE A 769 -9.46 22.61 44.34
CA ILE A 769 -8.01 22.66 44.14
C ILE A 769 -7.64 22.16 42.74
N MET A 770 -8.24 21.04 42.32
CA MET A 770 -7.94 20.51 41.01
C MET A 770 -8.44 21.44 39.90
N VAL A 771 -9.57 22.09 40.12
CA VAL A 771 -10.07 23.05 39.13
C VAL A 771 -9.11 24.21 38.98
N ASP A 772 -8.59 24.73 40.10
CA ASP A 772 -7.59 25.79 40.02
C ASP A 772 -6.35 25.33 39.29
N VAL A 773 -5.88 24.12 39.58
CA VAL A 773 -4.70 23.60 38.90
C VAL A 773 -4.95 23.45 37.40
N ILE A 774 -6.13 22.96 37.03
CA ILE A 774 -6.47 22.79 35.62
C ILE A 774 -6.49 24.13 34.90
N LYS A 775 -7.11 25.13 35.54
CA LYS A 775 -7.14 26.47 34.93
C LYS A 775 -5.73 27.03 34.80
N LYS A 776 -4.85 26.72 35.75
CA LYS A 776 -3.50 27.25 35.70
C LYS A 776 -2.67 26.59 34.60
N HIS A 777 -2.77 25.27 34.47
CA HIS A 777 -1.86 24.52 33.61
C HIS A 777 -2.54 23.79 32.47
N LEU A 778 -3.62 23.06 32.74
CA LEU A 778 -4.18 22.17 31.73
C LEU A 778 -5.12 22.87 30.76
N LEU A 779 -5.44 24.14 30.98
CA LEU A 779 -6.36 24.85 30.10
C LEU A 779 -5.58 25.63 29.06
N THR A 780 -5.95 25.47 27.80
CA THR A 780 -5.32 26.10 26.65
C THR A 780 -6.38 26.82 25.84
N PRO A 781 -5.97 27.79 25.00
CA PRO A 781 -6.97 28.48 24.18
C PRO A 781 -7.73 27.57 23.23
N TYR A 782 -7.20 26.39 22.92
CA TYR A 782 -7.87 25.46 22.03
C TYR A 782 -8.50 24.29 22.76
N GLY A 783 -8.49 24.28 24.08
CA GLY A 783 -9.15 23.24 24.83
C GLY A 783 -8.30 22.82 26.02
N LEU A 784 -8.53 21.58 26.47
CA LEU A 784 -7.87 21.01 27.64
C LEU A 784 -6.84 20.00 27.17
N ARG A 785 -5.59 20.19 27.61
CA ARG A 785 -4.54 19.24 27.30
C ARG A 785 -4.74 17.93 28.05
N LEU A 786 -4.34 16.83 27.42
CA LEU A 786 -4.44 15.53 28.07
C LEU A 786 -3.49 15.45 29.26
N VAL A 787 -2.28 15.97 29.13
CA VAL A 787 -1.27 15.87 30.17
C VAL A 787 -0.23 16.96 29.96
N THR A 788 0.29 17.50 31.05
CA THR A 788 1.40 18.44 30.98
C THR A 788 2.67 17.72 30.54
N PRO A 789 3.66 18.46 30.03
CA PRO A 789 4.90 17.82 29.59
C PRO A 789 5.55 17.01 30.72
N ALA A 790 6.06 15.85 30.36
CA ALA A 790 6.64 14.92 31.33
C ALA A 790 7.92 14.32 30.77
N ASP A 791 8.77 13.86 31.67
CA ASP A 791 10.04 13.23 31.33
C ASP A 791 10.05 11.84 31.96
N LEU A 792 9.53 10.86 31.23
CA LEU A 792 9.42 9.49 31.74
C LEU A 792 10.69 8.68 31.56
N ASN A 793 11.73 9.24 30.93
CA ASN A 793 12.98 8.52 30.77
C ASN A 793 13.68 8.28 32.09
N LYS A 794 13.41 9.10 33.12
CA LYS A 794 14.06 8.92 34.41
C LYS A 794 13.66 7.60 35.06
N ILE A 795 12.39 7.23 34.97
CA ILE A 795 11.89 6.00 35.56
C ILE A 795 11.86 4.85 34.55
N ALA A 796 11.53 5.14 33.31
CA ALA A 796 11.46 4.14 32.25
C ALA A 796 12.47 4.53 31.17
N ASN A 797 13.71 4.07 31.33
CA ASN A 797 14.76 4.41 30.37
C ASN A 797 14.52 3.78 29.01
N ASP A 798 13.70 2.74 28.93
CA ASP A 798 13.44 2.08 27.66
C ASP A 798 12.55 2.91 26.74
N THR A 799 11.90 3.95 27.25
CA THR A 799 11.06 4.79 26.40
C THR A 799 11.90 5.55 25.39
N ALA A 800 11.36 5.68 24.18
CA ALA A 800 12.06 6.37 23.11
C ALA A 800 11.71 7.85 23.12
N THR A 801 12.24 8.58 22.15
CA THR A 801 11.97 10.01 22.03
C THR A 801 10.62 10.24 21.36
N GLY A 802 10.22 11.51 21.28
CA GLY A 802 8.96 11.84 20.67
C GLY A 802 8.96 11.62 19.18
N HIS A 803 7.76 11.52 18.61
CA HIS A 803 7.59 11.29 17.19
C HIS A 803 6.85 12.41 16.48
N TYR A 804 6.39 13.43 17.19
CA TYR A 804 5.56 14.46 16.59
C TYR A 804 6.09 15.83 16.95
N PHE A 805 5.88 16.79 16.05
CA PHE A 805 6.12 18.18 16.35
C PHE A 805 5.17 18.65 17.44
N PHE A 806 5.46 19.82 18.00
CA PHE A 806 4.61 20.36 19.05
C PHE A 806 3.20 20.57 18.54
N GLY A 807 2.21 20.12 19.31
CA GLY A 807 0.82 20.28 18.97
C GLY A 807 0.18 19.12 18.24
N ASP A 808 0.94 18.09 17.90
CA ASP A 808 0.41 16.94 17.17
C ASP A 808 0.36 15.73 18.09
N ARG A 809 -0.85 15.17 18.25
CA ARG A 809 -1.07 13.94 19.01
C ARG A 809 -0.45 13.99 20.40
N GLU A 810 0.54 13.13 20.65
CA GLU A 810 1.13 12.99 21.98
C GLU A 810 2.09 14.10 22.35
N ASN A 811 2.12 15.21 21.60
CA ASN A 811 3.05 16.29 21.91
C ASN A 811 2.31 17.58 22.21
N GLY A 812 1.25 17.50 23.02
CA GLY A 812 0.53 18.68 23.46
C GLY A 812 -0.78 18.93 22.76
N ALA A 813 -1.28 18.00 21.98
CA ALA A 813 -2.57 18.16 21.33
C ALA A 813 -3.70 18.00 22.34
N VAL A 814 -4.88 18.47 21.95
CA VAL A 814 -6.08 18.33 22.75
C VAL A 814 -6.85 17.15 22.20
N PHE A 815 -6.81 16.03 22.91
CA PHE A 815 -7.59 14.86 22.52
C PHE A 815 -9.01 15.05 22.98
N LYS A 816 -9.94 15.08 22.03
CA LYS A 816 -11.31 15.44 22.34
C LYS A 816 -12.05 14.39 23.15
N HIS A 817 -11.60 13.13 23.10
CA HIS A 817 -12.21 12.10 23.94
C HIS A 817 -11.94 12.36 25.42
N ALA A 818 -10.67 12.59 25.77
CA ALA A 818 -10.32 12.87 27.15
C ALA A 818 -10.93 14.19 27.61
N SER A 819 -10.95 15.19 26.73
CA SER A 819 -11.57 16.47 27.08
C SER A 819 -13.06 16.30 27.32
N MET A 820 -13.72 15.44 26.54
CA MET A 820 -15.14 15.18 26.75
C MET A 820 -15.39 14.46 28.07
N MET A 821 -14.51 13.52 28.43
CA MET A 821 -14.63 12.89 29.74
C MET A 821 -14.46 13.90 30.86
N ALA A 822 -13.49 14.80 30.72
CA ALA A 822 -13.29 15.86 31.71
C ALA A 822 -14.50 16.78 31.79
N VAL A 823 -15.12 17.06 30.64
CA VAL A 823 -16.31 17.90 30.62
C VAL A 823 -17.46 17.19 31.33
N ALA A 824 -17.58 15.88 31.14
CA ALA A 824 -18.59 15.11 31.87
C ALA A 824 -18.35 15.20 33.37
N ALA A 825 -17.09 15.10 33.79
CA ALA A 825 -16.78 15.25 35.21
C ALA A 825 -17.14 16.65 35.71
N LEU A 826 -16.84 17.68 34.92
CA LEU A 826 -17.18 19.04 35.31
C LEU A 826 -18.68 19.24 35.45
N ILE A 827 -19.45 18.69 34.50
CA ILE A 827 -20.91 18.79 34.56
C ILE A 827 -21.44 18.08 35.79
N LYS A 828 -20.91 16.89 36.08
CA LYS A 828 -21.36 16.16 37.26
C LYS A 828 -21.04 16.92 38.54
N ALA A 829 -19.86 17.52 38.61
CA ALA A 829 -19.47 18.27 39.80
C ALA A 829 -20.31 19.53 39.97
N ALA A 830 -20.63 20.21 38.87
CA ALA A 830 -21.36 21.47 38.94
C ALA A 830 -22.77 21.30 39.50
N LYS A 831 -23.32 20.09 39.44
CA LYS A 831 -24.67 19.84 39.93
C LYS A 831 -24.74 19.58 41.43
N LYS A 832 -23.61 19.36 42.10
CA LYS A 832 -23.61 18.93 43.48
C LYS A 832 -22.74 19.74 44.42
N VAL A 833 -21.79 20.54 43.92
CA VAL A 833 -20.92 21.30 44.80
C VAL A 833 -21.71 22.39 45.50
N LYS A 834 -21.41 22.62 46.77
CA LYS A 834 -22.13 23.64 47.54
C LYS A 834 -21.78 25.04 47.07
N ASP A 835 -20.52 25.27 46.70
CA ASP A 835 -20.09 26.59 46.27
C ASP A 835 -20.70 26.92 44.91
N ASN A 836 -21.40 28.05 44.83
CA ASN A 836 -22.05 28.44 43.58
C ASN A 836 -21.04 28.98 42.58
N GLU A 837 -20.03 29.72 43.04
CA GLU A 837 -19.03 30.28 42.13
C GLU A 837 -18.23 29.17 41.46
N LEU A 838 -17.86 28.15 42.21
CA LEU A 838 -17.12 27.03 41.63
C LEU A 838 -17.96 26.32 40.58
N ALA A 839 -19.25 26.11 40.87
CA ALA A 839 -20.13 25.48 39.88
C ALA A 839 -20.26 26.33 38.63
N LYS A 840 -20.38 27.65 38.80
CA LYS A 840 -20.47 28.55 37.66
C LYS A 840 -19.22 28.47 36.80
N GLU A 841 -18.04 28.48 37.44
CA GLU A 841 -16.80 28.39 36.69
C GLU A 841 -16.68 27.05 35.96
N MET A 842 -17.05 25.96 36.63
CA MET A 842 -16.98 24.66 35.98
C MET A 842 -17.92 24.57 34.79
N ALA A 843 -19.13 25.12 34.93
CA ALA A 843 -20.07 25.12 33.81
C ALA A 843 -19.55 25.97 32.66
N ARG A 844 -18.94 27.11 32.97
CA ARG A 844 -18.36 27.95 31.92
C ARG A 844 -17.25 27.19 31.17
N ILE A 845 -16.38 26.51 31.90
CA ILE A 845 -15.31 25.75 31.27
C ILE A 845 -15.88 24.64 30.41
N ALA A 846 -16.90 23.94 30.92
CA ALA A 846 -17.51 22.85 30.18
C ALA A 846 -18.12 23.34 28.87
N TYR A 847 -18.84 24.45 28.91
CA TYR A 847 -19.45 24.97 27.70
C TYR A 847 -18.39 25.49 26.73
N PHE A 848 -17.32 26.10 27.26
CA PHE A 848 -16.24 26.55 26.40
C PHE A 848 -15.59 25.38 25.67
N MET A 849 -15.38 24.27 26.37
CA MET A 849 -14.80 23.10 25.73
C MET A 849 -15.76 22.48 24.73
N ILE A 850 -17.05 22.45 25.06
CA ILE A 850 -18.03 21.86 24.17
C ILE A 850 -18.13 22.65 22.87
N ASP A 851 -18.07 23.98 22.94
CA ASP A 851 -18.18 24.80 21.75
C ASP A 851 -17.06 24.54 20.75
N LEU A 852 -15.96 23.94 21.19
CA LEU A 852 -14.84 23.62 20.31
C LEU A 852 -14.95 22.22 19.71
N VAL A 853 -16.01 21.49 20.00
CA VAL A 853 -16.11 20.09 19.60
C VAL A 853 -17.33 19.88 18.70
N LEU A 854 -18.32 20.76 18.82
CA LEU A 854 -19.52 20.62 18.02
C LEU A 854 -19.18 20.72 16.54
N PRO A 855 -19.50 19.71 15.73
CA PRO A 855 -19.08 19.76 14.31
C PRO A 855 -19.68 20.92 13.54
N TYR A 856 -20.92 21.30 13.83
CA TYR A 856 -21.56 22.34 13.04
C TYR A 856 -20.87 23.69 13.18
N LYS A 857 -20.10 23.91 14.24
CA LYS A 857 -19.37 25.15 14.41
C LYS A 857 -18.08 25.17 13.62
N ASN A 858 -17.72 24.07 12.95
CA ASN A 858 -16.54 24.07 12.08
C ASN A 858 -16.72 24.91 10.84
N LEU A 859 -17.94 25.32 10.51
CA LEU A 859 -18.20 26.16 9.34
C LEU A 859 -18.06 27.64 9.63
N GLU A 860 -17.83 28.03 10.89
CA GLU A 860 -17.63 29.44 11.19
C GLU A 860 -16.31 29.95 10.63
N ASN A 861 -15.23 29.18 10.83
CA ASN A 861 -13.92 29.49 10.28
C ASN A 861 -13.36 28.22 9.64
N PRO A 862 -13.99 27.75 8.55
CA PRO A 862 -13.66 26.42 8.04
C PRO A 862 -12.23 26.24 7.58
N PHE A 863 -11.62 27.29 7.02
CA PHE A 863 -10.29 27.15 6.45
C PHE A 863 -9.18 27.30 7.48
N GLN A 864 -9.52 27.53 8.74
CA GLN A 864 -8.54 27.53 9.82
C GLN A 864 -8.68 26.34 10.75
N VAL A 865 -9.91 25.95 11.09
CA VAL A 865 -10.11 24.82 11.98
C VAL A 865 -10.27 23.49 11.24
N ALA A 866 -10.67 23.52 9.98
CA ALA A 866 -10.84 22.32 9.13
C ALA A 866 -11.80 21.37 9.85
N GLY A 867 -11.49 20.08 9.91
CA GLY A 867 -12.36 19.13 10.59
C GLY A 867 -13.43 18.60 9.68
N ASN A 868 -14.66 18.54 10.18
CA ASN A 868 -15.81 18.09 9.39
C ASN A 868 -17.07 18.69 9.98
N PRO A 869 -17.93 19.30 9.16
CA PRO A 869 -19.12 19.98 9.71
C PRO A 869 -20.22 19.04 10.18
N ARG A 870 -20.07 17.74 9.99
CA ARG A 870 -21.09 16.78 10.40
C ARG A 870 -20.57 15.62 11.23
N ILE A 871 -19.26 15.38 11.25
CA ILE A 871 -18.69 14.22 11.94
C ILE A 871 -17.58 14.72 12.85
N CYS A 872 -17.57 14.24 14.09
CA CYS A 872 -16.54 14.63 15.04
C CYS A 872 -15.19 14.03 14.65
N THR A 873 -14.14 14.83 14.83
CA THR A 873 -12.78 14.40 14.56
C THR A 873 -12.13 13.91 15.86
N GLN A 874 -10.82 13.65 15.80
CA GLN A 874 -10.14 13.03 16.94
C GLN A 874 -9.52 14.06 17.89
N TYR A 875 -8.60 14.88 17.38
CA TYR A 875 -7.89 15.82 18.24
C TYR A 875 -7.76 17.16 17.56
N ILE A 876 -7.33 18.15 18.33
CA ILE A 876 -7.14 19.52 17.88
C ILE A 876 -5.66 19.87 18.01
N ASN A 877 -5.07 20.35 16.91
CA ASN A 877 -3.67 20.75 16.93
C ASN A 877 -3.53 22.05 17.70
N THR A 878 -2.85 22.02 18.84
CA THR A 878 -2.74 23.20 19.70
C THR A 878 -1.83 24.28 19.12
N ASP A 879 -1.06 23.97 18.09
CA ASP A 879 -0.20 24.97 17.47
C ASP A 879 -0.91 25.78 16.41
N THR A 880 -1.93 25.21 15.77
CA THR A 880 -2.67 25.90 14.72
C THR A 880 -4.18 25.94 14.93
N GLY A 881 -4.73 25.11 15.82
CA GLY A 881 -6.16 25.07 16.01
C GLY A 881 -6.93 24.23 15.03
N GLU A 882 -6.23 23.48 14.18
CA GLU A 882 -6.88 22.68 13.15
C GLU A 882 -7.39 21.36 13.74
N ASN A 883 -8.61 21.00 13.41
CA ASN A 883 -9.17 19.71 13.81
C ASN A 883 -8.64 18.62 12.89
N ILE A 884 -7.93 17.65 13.48
CA ILE A 884 -7.25 16.61 12.73
C ILE A 884 -7.66 15.26 13.31
N GLY A 885 -7.47 14.21 12.52
CA GLY A 885 -7.62 12.87 13.01
C GLY A 885 -8.69 12.07 12.30
N PRO A 886 -8.74 10.77 12.59
CA PRO A 886 -9.79 9.93 11.99
C PRO A 886 -11.17 10.38 12.43
N LEU A 887 -12.15 10.15 11.55
CA LEU A 887 -13.53 10.54 11.84
C LEU A 887 -14.18 9.66 12.90
N LEU A 888 -13.58 8.52 13.25
CA LEU A 888 -14.14 7.62 14.24
C LEU A 888 -13.28 7.67 15.50
N SER A 889 -13.90 8.00 16.62
CA SER A 889 -13.23 8.08 17.91
C SER A 889 -14.29 8.11 19.00
N GLY A 890 -13.84 8.17 20.24
CA GLY A 890 -14.76 8.24 21.35
C GLY A 890 -15.38 9.61 21.57
N THR A 891 -15.09 10.57 20.70
CA THR A 891 -15.61 11.92 20.87
C THR A 891 -17.12 11.96 20.78
N ALA A 892 -17.70 11.26 19.80
CA ALA A 892 -19.13 11.37 19.57
C ALA A 892 -19.95 10.83 20.75
N THR A 893 -19.55 9.69 21.29
CA THR A 893 -20.29 9.07 22.39
C THR A 893 -20.33 9.99 23.60
N TRP A 894 -19.17 10.48 24.02
CA TRP A 894 -19.12 11.31 25.21
C TRP A 894 -19.70 12.69 24.97
N LEU A 895 -19.62 13.20 23.72
CA LEU A 895 -20.31 14.45 23.41
C LEU A 895 -21.82 14.29 23.55
N ASN A 896 -22.36 13.18 23.04
CA ASN A 896 -23.78 12.92 23.19
C ASN A 896 -24.17 12.80 24.65
N LEU A 897 -23.38 12.06 25.43
CA LEU A 897 -23.67 11.90 26.85
C LEU A 897 -23.61 13.23 27.59
N ASN A 898 -22.61 14.06 27.27
CA ASN A 898 -22.47 15.35 27.94
C ASN A 898 -23.63 16.28 27.59
N LEU A 899 -24.05 16.30 26.34
CA LEU A 899 -25.18 17.14 25.96
C LEU A 899 -26.46 16.68 26.65
N ILE A 900 -26.68 15.37 26.73
CA ILE A 900 -27.86 14.87 27.41
C ILE A 900 -27.81 15.22 28.90
N SER A 901 -26.63 15.09 29.51
CA SER A 901 -26.48 15.43 30.92
C SER A 901 -26.72 16.92 31.16
N LEU A 902 -26.21 17.78 30.27
CA LEU A 902 -26.48 19.20 30.38
C LEU A 902 -27.95 19.51 30.24
N ALA A 903 -28.66 18.73 29.42
CA ALA A 903 -30.11 18.86 29.37
C ALA A 903 -30.75 18.47 30.70
N GLY A 904 -30.02 17.78 31.57
CA GLY A 904 -30.51 17.43 32.89
C GLY A 904 -31.07 16.04 33.05
N ILE A 905 -30.88 15.16 32.06
CA ILE A 905 -31.45 13.83 32.08
C ILE A 905 -30.40 12.85 32.60
N GLU A 906 -30.70 12.22 33.73
CA GLU A 906 -29.87 11.17 34.30
C GLU A 906 -30.79 10.07 34.82
N TYR A 907 -30.41 8.83 34.60
CA TYR A 907 -31.23 7.68 34.96
C TYR A 907 -30.70 7.05 36.24
N THR A 908 -31.54 7.02 37.28
CA THR A 908 -31.21 6.41 38.55
C THR A 908 -32.26 5.34 38.87
N ARG A 909 -32.00 4.62 39.97
CA ARG A 909 -32.88 3.51 40.35
C ARG A 909 -34.32 3.96 40.54
N ASP A 910 -34.52 5.17 41.05
CA ASP A 910 -35.87 5.67 41.30
C ASP A 910 -36.49 6.34 40.08
N GLY A 911 -35.77 6.44 38.96
CA GLY A 911 -36.34 7.04 37.78
C GLY A 911 -35.42 8.02 37.07
N ILE A 912 -35.90 9.23 36.86
CA ILE A 912 -35.15 10.27 36.16
C ILE A 912 -34.81 11.36 37.16
N SER A 913 -33.52 11.58 37.39
CA SER A 913 -33.05 12.67 38.24
C SER A 913 -32.84 13.90 37.37
N PHE A 914 -33.85 14.76 37.32
CA PHE A 914 -33.82 15.96 36.49
C PHE A 914 -32.99 17.03 37.20
N ASN A 915 -31.99 17.56 36.50
CA ASN A 915 -31.12 18.61 37.06
C ASN A 915 -30.36 19.31 35.95
N PRO A 916 -30.99 20.23 35.24
CA PRO A 916 -30.34 20.86 34.07
C PRO A 916 -29.32 21.90 34.46
N ILE A 917 -28.37 22.11 33.55
CA ILE A 917 -27.37 23.18 33.64
C ILE A 917 -27.35 23.87 32.29
N LEU A 918 -27.87 25.10 32.23
CA LEU A 918 -28.01 25.82 30.98
C LEU A 918 -26.90 26.86 30.82
N ARG A 919 -26.79 27.38 29.60
CA ARG A 919 -25.87 28.48 29.33
C ARG A 919 -26.36 29.75 30.03
N GLU A 920 -25.40 30.64 30.29
CA GLU A 920 -25.74 31.90 30.94
C GLU A 920 -26.63 32.76 30.06
N GLU A 921 -26.34 32.82 28.76
CA GLU A 921 -27.15 33.65 27.86
C GLU A 921 -28.48 33.01 27.52
N GLU A 922 -28.59 31.69 27.59
CA GLU A 922 -29.83 31.00 27.25
C GLU A 922 -30.92 31.34 28.27
N THR A 923 -32.13 31.53 27.76
CA THR A 923 -33.29 31.79 28.61
C THR A 923 -34.41 30.79 28.41
N GLN A 924 -34.28 29.85 27.48
CA GLN A 924 -35.33 28.90 27.18
C GLN A 924 -34.71 27.64 26.59
N LEU A 925 -35.16 26.48 27.07
CA LEU A 925 -34.66 25.20 26.55
C LEU A 925 -35.81 24.21 26.54
N ASN A 926 -36.21 23.76 25.36
CA ASN A 926 -37.26 22.78 25.22
C ASN A 926 -36.73 21.55 24.49
N PHE A 927 -37.12 20.38 24.96
CA PHE A 927 -36.74 19.15 24.28
C PHE A 927 -37.76 18.05 24.58
N THR A 928 -37.62 16.95 23.86
CA THR A 928 -38.54 15.82 23.96
C THR A 928 -37.72 14.55 24.21
N LEU A 929 -38.15 13.77 25.20
CA LEU A 929 -37.49 12.53 25.58
C LEU A 929 -38.44 11.37 25.35
N LYS A 930 -37.91 10.28 24.82
CA LYS A 930 -38.71 9.09 24.52
C LYS A 930 -38.35 7.98 25.48
N ALA A 931 -39.36 7.44 26.15
CA ALA A 931 -39.22 6.35 27.09
C ALA A 931 -39.85 5.09 26.54
N PRO A 932 -39.44 3.91 27.02
CA PRO A 932 -40.01 2.67 26.47
C PRO A 932 -41.52 2.57 26.62
N LYS A 933 -42.09 3.13 27.68
CA LYS A 933 -43.53 3.01 27.93
C LYS A 933 -44.24 4.36 28.05
N CYS A 934 -43.56 5.46 27.75
CA CYS A 934 -44.17 6.79 27.81
C CYS A 934 -43.25 7.76 27.07
N SER A 935 -43.54 9.05 27.19
CA SER A 935 -42.72 10.09 26.60
C SER A 935 -42.84 11.35 27.45
N TYR A 936 -41.84 12.21 27.35
CA TYR A 936 -41.78 13.43 28.14
C TYR A 936 -41.49 14.62 27.24
N LYS A 937 -42.08 15.76 27.59
CA LYS A 937 -41.81 17.03 26.94
C LYS A 937 -41.30 17.99 28.00
N PHE A 938 -40.00 18.29 27.97
CA PHE A 938 -39.36 19.12 28.97
C PHE A 938 -39.26 20.55 28.46
N SER A 939 -39.64 21.50 29.31
CA SER A 939 -39.49 22.92 29.04
C SER A 939 -38.83 23.56 30.25
N ILE A 940 -37.80 24.38 30.00
CA ILE A 940 -37.05 25.04 31.05
C ILE A 940 -36.95 26.52 30.71
N THR A 941 -37.29 27.38 31.68
CA THR A 941 -37.23 28.82 31.50
C THR A 941 -36.45 29.42 32.66
N LYS A 942 -35.57 30.36 32.33
CA LYS A 942 -34.71 31.00 33.33
C LYS A 942 -34.34 32.38 32.84
N PRO A 943 -34.01 33.30 33.73
CA PRO A 943 -33.49 34.61 33.32
C PRO A 943 -32.02 34.50 32.90
N VAL A 944 -31.50 35.62 32.40
CA VAL A 944 -30.12 35.65 31.93
C VAL A 944 -29.18 35.51 33.13
N GLY A 945 -28.16 34.67 32.98
CA GLY A 945 -27.21 34.40 34.04
C GLY A 945 -27.23 32.94 34.45
N PHE A 946 -26.21 32.58 35.22
CA PHE A 946 -26.08 31.20 35.69
C PHE A 946 -27.18 30.88 36.69
N ALA A 947 -27.73 29.68 36.58
CA ALA A 947 -28.80 29.25 37.48
C ALA A 947 -28.80 27.73 37.58
N ARG A 948 -29.01 27.24 38.80
CA ARG A 948 -29.11 25.82 39.07
C ARG A 948 -29.97 25.62 40.30
N MET A 949 -30.63 24.45 40.37
CA MET A 949 -31.57 24.23 41.47
C MET A 949 -30.86 24.03 42.79
N GLU A 950 -29.54 23.76 42.76
CA GLU A 950 -28.79 23.64 44.00
C GLU A 950 -28.79 24.96 44.78
N SER A 951 -28.70 26.07 44.07
CA SER A 951 -28.64 27.39 44.68
C SER A 951 -29.83 28.28 44.34
N SER A 952 -30.25 28.32 43.09
CA SER A 952 -31.30 29.23 42.66
C SER A 952 -32.66 28.73 43.11
N GLU A 953 -33.66 29.61 43.02
CA GLU A 953 -35.03 29.30 43.37
C GLU A 953 -35.77 28.82 42.13
N TYR A 954 -36.48 27.71 42.24
CA TYR A 954 -37.09 27.07 41.09
C TYR A 954 -38.46 26.51 41.46
N GLU A 955 -39.35 26.49 40.47
CA GLU A 955 -40.63 25.80 40.54
C GLU A 955 -40.66 24.72 39.48
N LEU A 956 -41.08 23.52 39.88
CA LEU A 956 -41.13 22.37 39.00
C LEU A 956 -42.55 21.83 38.95
N PHE A 957 -43.07 21.61 37.74
CA PHE A 957 -44.41 21.08 37.53
C PHE A 957 -44.33 19.85 36.63
N VAL A 958 -45.08 18.81 37.00
CA VAL A 958 -45.21 17.61 36.19
C VAL A 958 -46.70 17.38 35.95
N ASP A 959 -47.09 17.33 34.69
CA ASP A 959 -48.50 17.17 34.29
C ASP A 959 -49.38 18.24 34.94
N GLY A 960 -48.85 19.45 35.04
CA GLY A 960 -49.60 20.55 35.63
C GLY A 960 -49.65 20.56 37.14
N GLN A 961 -48.97 19.64 37.80
CA GLN A 961 -48.99 19.55 39.25
C GLN A 961 -47.60 19.89 39.80
N LYS A 962 -47.54 20.84 40.72
CA LYS A 962 -46.28 21.22 41.35
C LYS A 962 -45.80 20.11 42.27
N ILE A 963 -44.52 19.76 42.16
CA ILE A 963 -43.90 18.75 43.00
C ILE A 963 -42.61 19.31 43.59
N ASP A 964 -42.20 18.72 44.70
CA ASP A 964 -40.97 19.12 45.37
C ASP A 964 -39.80 18.19 45.08
N ASN A 965 -40.07 16.90 44.91
CA ASN A 965 -39.01 15.96 44.58
C ASN A 965 -38.48 16.22 43.18
N THR A 966 -37.16 16.14 43.04
CA THR A 966 -36.51 16.37 41.75
C THR A 966 -36.36 15.10 40.92
N VAL A 967 -36.88 13.97 41.39
CA VAL A 967 -36.82 12.71 40.67
C VAL A 967 -38.16 12.47 40.01
N ILE A 968 -38.16 12.32 38.69
CA ILE A 968 -39.36 12.12 37.90
C ILE A 968 -39.54 10.62 37.66
N PRO A 969 -40.62 10.01 38.12
CA PRO A 969 -40.80 8.57 37.91
C PRO A 969 -40.98 8.22 36.45
N MET A 970 -40.58 6.99 36.10
CA MET A 970 -40.74 6.48 34.75
C MET A 970 -42.15 5.93 34.61
N TYR A 971 -43.03 6.69 33.95
CA TYR A 971 -44.40 6.27 33.79
C TYR A 971 -44.51 5.15 32.75
N THR A 972 -45.60 4.39 32.84
CA THR A 972 -45.86 3.28 31.94
C THR A 972 -47.29 3.31 31.43
N ASP A 973 -47.86 4.51 31.26
CA ASP A 973 -49.24 4.66 30.82
C ASP A 973 -49.35 4.96 29.32
N GLU A 974 -48.25 4.89 28.58
CA GLU A 974 -48.25 5.10 27.14
C GLU A 974 -48.82 6.47 26.77
N LYS A 975 -48.50 7.49 27.55
CA LYS A 975 -48.93 8.84 27.31
C LYS A 975 -47.75 9.79 27.41
N GLU A 976 -47.97 11.03 26.99
CA GLU A 976 -46.95 12.07 27.04
C GLU A 976 -47.15 12.94 28.26
N HIS A 977 -46.07 13.15 29.02
CA HIS A 977 -46.10 13.95 30.23
C HIS A 977 -45.30 15.22 30.02
N ILE A 978 -45.86 16.34 30.46
CA ILE A 978 -45.24 17.65 30.29
C ILE A 978 -44.55 18.04 31.59
N VAL A 979 -43.27 18.37 31.50
CA VAL A 979 -42.47 18.78 32.64
C VAL A 979 -42.03 20.23 32.39
N THR A 980 -42.26 21.09 33.37
CA THR A 980 -41.96 22.51 33.26
C THR A 980 -41.10 22.94 34.43
N LEU A 981 -40.02 23.65 34.15
CA LEU A 981 -39.14 24.18 35.18
C LEU A 981 -38.99 25.68 34.99
N LYS A 982 -39.16 26.44 36.08
CA LYS A 982 -39.09 27.89 36.05
C LYS A 982 -38.09 28.35 37.11
N PHE A 983 -37.10 29.11 36.69
CA PHE A 983 -36.13 29.69 37.61
C PHE A 983 -36.50 31.14 37.88
N LYS A 984 -36.52 31.51 39.16
CA LYS A 984 -36.85 32.87 39.58
C LYS A 984 -35.60 33.55 40.09
N HIS A 985 -35.37 34.78 39.65
CA HIS A 985 -34.22 35.57 40.08
C HIS A 985 -34.34 35.97 41.54
N VAL B 2 -28.76 -16.84 -13.32
CA VAL B 2 -27.51 -16.16 -13.65
C VAL B 2 -26.42 -17.18 -13.93
N THR B 3 -25.68 -16.97 -15.02
CA THR B 3 -24.62 -17.87 -15.44
C THR B 3 -23.30 -17.11 -15.49
N LYS B 4 -22.22 -17.80 -15.17
CA LYS B 4 -20.89 -17.23 -15.11
C LYS B 4 -19.97 -17.91 -16.11
N VAL B 5 -19.30 -17.12 -16.94
CA VAL B 5 -18.38 -17.63 -17.95
C VAL B 5 -17.04 -16.96 -17.74
N THR B 6 -16.02 -17.75 -17.42
CA THR B 6 -14.70 -17.21 -17.13
C THR B 6 -13.92 -16.95 -18.42
N ALA B 7 -12.78 -16.27 -18.27
CA ALA B 7 -11.96 -15.95 -19.42
C ALA B 7 -11.38 -17.21 -20.06
N ARG B 8 -10.94 -18.16 -19.24
CA ARG B 8 -10.33 -19.37 -19.78
C ARG B 8 -11.37 -20.31 -20.38
N ASN B 9 -12.61 -20.27 -19.89
CA ASN B 9 -13.66 -21.12 -20.43
C ASN B 9 -14.19 -20.61 -21.77
N ASN B 10 -13.90 -19.36 -22.13
CA ASN B 10 -14.29 -18.82 -23.42
C ASN B 10 -13.29 -19.31 -24.47
N LYS B 11 -13.54 -20.52 -24.97
CA LYS B 11 -12.59 -21.16 -25.87
C LYS B 11 -12.44 -20.40 -27.17
N ILE B 12 -13.54 -19.90 -27.72
CA ILE B 12 -13.50 -19.21 -29.01
C ILE B 12 -12.81 -17.87 -28.85
N THR B 13 -12.05 -17.47 -29.86
CA THR B 13 -11.31 -16.23 -29.89
C THR B 13 -11.70 -15.41 -31.11
N PRO B 14 -11.55 -14.08 -31.07
CA PRO B 14 -11.94 -13.27 -32.22
C PRO B 14 -11.23 -13.66 -33.50
N VAL B 15 -9.96 -14.04 -33.43
CA VAL B 15 -9.22 -14.43 -34.64
C VAL B 15 -9.78 -15.73 -35.20
N GLU B 16 -10.10 -16.69 -34.34
CA GLU B 16 -10.68 -17.94 -34.81
C GLU B 16 -12.04 -17.71 -35.47
N LEU B 17 -12.87 -16.85 -34.88
CA LEU B 17 -14.16 -16.54 -35.48
C LEU B 17 -13.99 -15.83 -36.82
N LEU B 18 -13.01 -14.92 -36.90
CA LEU B 18 -12.74 -14.24 -38.15
C LEU B 18 -12.30 -15.22 -39.23
N ASN B 19 -11.43 -16.17 -38.87
CA ASN B 19 -10.99 -17.19 -39.83
C ASN B 19 -12.16 -18.07 -40.26
N GLN B 20 -13.04 -18.41 -39.33
CA GLN B 20 -14.20 -19.23 -39.68
C GLN B 20 -15.12 -18.49 -40.63
N LYS B 21 -15.35 -17.19 -40.40
CA LYS B 21 -16.31 -16.45 -41.19
C LYS B 21 -15.75 -16.06 -42.56
N PHE B 22 -14.46 -15.71 -42.63
CA PHE B 22 -13.87 -15.18 -43.86
C PHE B 22 -12.72 -16.03 -44.36
N GLY B 23 -12.72 -17.33 -44.03
CA GLY B 23 -11.62 -18.18 -44.43
C GLY B 23 -11.54 -18.37 -45.93
N ASN B 24 -12.67 -18.61 -46.58
CA ASN B 24 -12.70 -18.89 -48.01
C ASN B 24 -13.03 -17.68 -48.87
N LYS B 25 -13.78 -16.72 -48.34
CA LYS B 25 -14.17 -15.56 -49.15
C LYS B 25 -12.97 -14.70 -49.49
N ILE B 26 -12.06 -14.49 -48.55
CA ILE B 26 -10.89 -13.65 -48.76
C ILE B 26 -9.66 -14.36 -48.21
N ASN B 27 -8.49 -13.88 -48.65
CA ASN B 27 -7.21 -14.40 -48.18
C ASN B 27 -6.78 -13.61 -46.97
N LEU B 28 -6.86 -14.23 -45.78
CA LEU B 28 -6.50 -13.56 -44.54
C LEU B 28 -5.00 -13.44 -44.35
N GLY B 29 -4.19 -14.10 -45.18
CA GLY B 29 -2.76 -14.03 -45.04
C GLY B 29 -2.26 -14.80 -43.83
N ASN B 30 -1.01 -14.52 -43.48
CA ASN B 30 -0.39 -15.20 -42.35
C ASN B 30 -0.90 -14.70 -41.01
N PHE B 31 -1.34 -13.44 -40.94
CA PHE B 31 -1.75 -12.86 -39.68
C PHE B 31 -3.00 -12.00 -39.89
N ALA B 32 -3.72 -11.78 -38.79
CA ALA B 32 -4.90 -10.94 -38.80
C ALA B 32 -5.17 -10.50 -37.38
N ASP B 33 -5.96 -9.43 -37.25
CA ASP B 33 -6.41 -8.94 -35.96
C ASP B 33 -7.92 -8.86 -35.96
N ALA B 34 -8.53 -9.08 -34.80
CA ALA B 34 -9.98 -9.09 -34.71
C ALA B 34 -10.40 -8.70 -33.30
N VAL B 35 -11.65 -8.26 -33.19
CA VAL B 35 -12.22 -7.84 -31.91
C VAL B 35 -13.73 -8.09 -31.95
N PHE B 36 -14.26 -8.58 -30.84
CA PHE B 36 -15.69 -8.80 -30.73
C PHE B 36 -16.43 -7.47 -30.74
N THR B 37 -17.56 -7.44 -31.46
CA THR B 37 -18.36 -6.23 -31.57
C THR B 37 -19.42 -6.11 -30.48
N ASP B 38 -19.63 -7.15 -29.70
CA ASP B 38 -20.65 -7.11 -28.65
C ASP B 38 -20.27 -8.11 -27.56
N ALA B 39 -20.92 -7.97 -26.41
CA ALA B 39 -20.65 -8.85 -25.29
C ALA B 39 -21.18 -10.26 -25.50
N ALA B 40 -22.00 -10.48 -26.53
CA ALA B 40 -22.51 -11.80 -26.82
C ALA B 40 -21.51 -12.70 -27.54
N PHE B 41 -20.40 -12.13 -28.00
CA PHE B 41 -19.35 -12.89 -28.71
C PHE B 41 -19.92 -13.57 -29.96
N LYS B 42 -20.75 -12.86 -30.71
CA LYS B 42 -21.40 -13.40 -31.90
C LYS B 42 -20.82 -12.85 -33.20
N ASN B 43 -20.48 -11.57 -33.25
CA ASN B 43 -19.93 -10.96 -34.44
C ASN B 43 -18.57 -10.36 -34.15
N VAL B 44 -17.80 -10.12 -35.21
CA VAL B 44 -16.41 -9.71 -35.08
C VAL B 44 -16.10 -8.64 -36.12
N ALA B 45 -15.17 -7.76 -35.78
CA ALA B 45 -14.62 -6.78 -36.70
C ALA B 45 -13.10 -6.97 -36.74
N GLY B 46 -12.55 -7.11 -37.94
CA GLY B 46 -11.15 -7.45 -38.04
C GLY B 46 -10.47 -6.87 -39.27
N ILE B 47 -9.16 -7.08 -39.35
CA ILE B 47 -8.35 -6.69 -40.48
C ILE B 47 -7.38 -7.82 -40.78
N ALA B 48 -7.17 -8.11 -42.06
CA ALA B 48 -6.39 -9.26 -42.47
C ALA B 48 -5.03 -8.85 -43.01
N ASN B 49 -4.18 -9.87 -43.24
CA ASN B 49 -2.93 -9.70 -43.98
C ASN B 49 -1.96 -8.77 -43.24
N LEU B 50 -1.82 -8.99 -41.95
CA LEU B 50 -0.85 -8.22 -41.21
C LEU B 50 0.52 -8.87 -41.26
N PRO B 51 1.59 -8.08 -41.23
CA PRO B 51 2.94 -8.68 -41.17
C PRO B 51 3.17 -9.52 -39.94
N MET B 52 2.58 -9.16 -38.81
CA MET B 52 2.74 -9.90 -37.57
C MET B 52 1.57 -9.56 -36.65
N LYS B 53 1.41 -10.38 -35.61
CA LYS B 53 0.35 -10.12 -34.65
C LYS B 53 0.58 -8.80 -33.94
N ALA B 54 -0.47 -7.98 -33.89
CA ALA B 54 -0.39 -6.66 -33.27
C ALA B 54 -1.81 -6.19 -32.95
N PRO B 55 -2.00 -5.37 -31.92
CA PRO B 55 -3.33 -4.84 -31.60
C PRO B 55 -3.73 -3.71 -32.54
N VAL B 56 -3.83 -4.03 -33.84
CA VAL B 56 -4.20 -3.03 -34.82
C VAL B 56 -5.64 -2.59 -34.63
N MET B 57 -6.52 -3.51 -34.27
CA MET B 57 -7.93 -3.18 -34.12
C MET B 57 -8.16 -2.17 -33.01
N GLN B 58 -7.41 -2.29 -31.90
CA GLN B 58 -7.54 -1.33 -30.82
C GLN B 58 -7.16 0.07 -31.28
N VAL B 59 -6.06 0.19 -32.02
CA VAL B 59 -5.65 1.48 -32.53
C VAL B 59 -6.69 2.04 -33.50
N LEU B 60 -7.25 1.17 -34.34
CA LEU B 60 -8.27 1.62 -35.28
C LEU B 60 -9.51 2.15 -34.56
N MET B 61 -9.98 1.42 -33.53
CA MET B 61 -11.13 1.92 -32.77
C MET B 61 -10.79 3.18 -32.00
N GLU B 62 -9.52 3.39 -31.66
CA GLU B 62 -9.14 4.66 -31.06
C GLU B 62 -9.33 5.83 -32.03
N ASN B 63 -9.10 5.60 -33.31
CA ASN B 63 -9.30 6.65 -34.31
C ASN B 63 -10.77 7.00 -34.44
N CYS B 64 -11.06 8.30 -34.55
CA CYS B 64 -12.45 8.75 -34.59
C CYS B 64 -13.08 8.46 -35.94
N ILE B 65 -12.36 8.68 -37.04
CA ILE B 65 -12.94 8.53 -38.37
C ILE B 65 -13.26 7.07 -38.64
N VAL B 66 -12.33 6.17 -38.33
CA VAL B 66 -12.55 4.75 -38.57
C VAL B 66 -13.69 4.23 -37.71
N SER B 67 -13.75 4.65 -36.45
CA SER B 67 -14.84 4.23 -35.57
C SER B 67 -16.18 4.74 -36.10
N LYS B 68 -16.22 5.99 -36.56
CA LYS B 68 -17.46 6.54 -37.10
C LYS B 68 -17.91 5.77 -38.33
N TYR B 69 -16.97 5.45 -39.23
CA TYR B 69 -17.32 4.70 -40.42
C TYR B 69 -17.81 3.30 -40.06
N LEU B 70 -17.15 2.64 -39.10
CA LEU B 70 -17.55 1.29 -38.72
C LEU B 70 -18.91 1.28 -38.02
N LYS B 71 -19.23 2.34 -37.26
CA LYS B 71 -20.38 2.30 -36.37
C LYS B 71 -21.68 2.01 -37.11
N GLN B 72 -21.73 2.23 -38.42
CA GLN B 72 -22.98 2.02 -39.14
C GLN B 72 -23.36 0.55 -39.21
N PHE B 73 -22.38 -0.38 -39.21
CA PHE B 73 -22.75 -1.78 -39.32
C PHE B 73 -21.90 -2.71 -38.45
N VAL B 74 -21.38 -2.25 -37.32
CA VAL B 74 -20.66 -3.22 -36.48
C VAL B 74 -21.60 -4.09 -35.66
N PRO B 75 -22.57 -3.58 -34.87
CA PRO B 75 -23.36 -4.52 -34.07
C PRO B 75 -24.48 -5.12 -34.89
N ASP B 76 -24.26 -6.35 -35.40
CA ASP B 76 -25.19 -7.13 -36.21
C ASP B 76 -24.43 -8.14 -37.07
N ARG B 77 -23.42 -7.68 -37.79
CA ARG B 77 -22.73 -8.49 -38.78
C ARG B 77 -21.23 -8.26 -38.69
N SER B 78 -20.46 -9.32 -38.92
CA SER B 78 -19.01 -9.22 -38.88
C SER B 78 -18.49 -8.49 -40.11
N VAL B 79 -17.36 -7.80 -39.94
CA VAL B 79 -16.74 -7.06 -41.03
C VAL B 79 -15.23 -7.32 -41.01
N CYS B 80 -14.63 -7.32 -42.19
CA CYS B 80 -13.19 -7.50 -42.33
C CYS B 80 -12.61 -6.44 -43.24
N PHE B 81 -11.36 -6.06 -42.97
CA PHE B 81 -10.64 -5.08 -43.76
C PHE B 81 -9.56 -5.80 -44.57
N VAL B 82 -9.50 -5.49 -45.86
CA VAL B 82 -8.49 -6.03 -46.76
C VAL B 82 -7.90 -4.88 -47.56
N GLU B 83 -6.72 -5.13 -48.13
CA GLU B 83 -6.03 -4.15 -48.96
C GLU B 83 -5.73 -4.78 -50.31
N GLU B 84 -6.34 -4.23 -51.35
CA GLU B 84 -6.15 -4.72 -52.72
C GLU B 84 -5.84 -3.54 -53.64
N GLY B 85 -4.79 -3.68 -54.43
CA GLY B 85 -4.40 -2.63 -55.36
C GLY B 85 -4.05 -1.32 -54.68
N GLN B 86 -3.45 -1.40 -53.49
CA GLN B 86 -3.11 -0.22 -52.70
C GLN B 86 -4.37 0.62 -52.50
N LYS B 87 -5.42 -0.02 -51.99
CA LYS B 87 -6.68 0.63 -51.67
C LYS B 87 -7.49 -0.29 -50.77
N PHE B 88 -8.00 0.25 -49.67
CA PHE B 88 -8.65 -0.57 -48.67
C PHE B 88 -10.09 -0.88 -49.03
N TYR B 89 -10.51 -2.11 -48.77
CA TYR B 89 -11.88 -2.56 -48.97
C TYR B 89 -12.39 -3.21 -47.69
N ILE B 90 -13.70 -3.18 -47.52
CA ILE B 90 -14.37 -3.81 -46.40
C ILE B 90 -15.26 -4.92 -46.93
N VAL B 91 -15.18 -6.09 -46.31
CA VAL B 91 -15.89 -7.28 -46.72
C VAL B 91 -16.87 -7.68 -45.63
N LEU B 92 -18.12 -7.90 -46.01
CA LEU B 92 -19.16 -8.34 -45.10
C LEU B 92 -19.27 -9.85 -45.13
N GLU B 93 -20.13 -10.39 -44.27
CA GLU B 93 -20.27 -11.84 -44.16
C GLU B 93 -21.02 -12.44 -45.34
N ASP B 94 -21.72 -11.62 -46.12
CA ASP B 94 -22.45 -12.11 -47.28
C ASP B 94 -21.64 -12.05 -48.57
N GLY B 95 -20.39 -11.59 -48.50
CA GLY B 95 -19.52 -11.56 -49.66
C GLY B 95 -19.38 -10.22 -50.34
N GLN B 96 -20.10 -9.19 -49.88
CA GLN B 96 -19.99 -7.88 -50.50
C GLN B 96 -18.64 -7.24 -50.20
N LYS B 97 -18.06 -6.61 -51.21
CA LYS B 97 -16.83 -5.84 -51.06
C LYS B 97 -17.14 -4.38 -51.37
N ILE B 98 -16.84 -3.50 -50.42
CA ILE B 98 -17.15 -2.08 -50.53
C ILE B 98 -15.87 -1.28 -50.39
N GLU B 99 -15.65 -0.34 -51.30
CA GLU B 99 -14.51 0.55 -51.21
C GLU B 99 -14.76 1.62 -50.15
N VAL B 100 -13.83 1.74 -49.20
CA VAL B 100 -13.98 2.68 -48.09
C VAL B 100 -13.81 4.10 -48.60
N PRO B 101 -14.35 5.11 -47.92
CA PRO B 101 -14.14 6.49 -48.33
C PRO B 101 -12.66 6.89 -48.25
N GLU B 102 -12.37 8.06 -48.82
CA GLU B 102 -10.98 8.49 -48.94
C GLU B 102 -10.33 8.70 -47.58
N ASP B 103 -11.03 9.36 -46.65
CA ASP B 103 -10.46 9.61 -45.34
C ASP B 103 -10.23 8.32 -44.58
N VAL B 104 -11.19 7.40 -44.64
CA VAL B 104 -11.02 6.10 -43.98
C VAL B 104 -9.86 5.35 -44.59
N ASN B 105 -9.75 5.37 -45.92
CA ASN B 105 -8.64 4.70 -46.58
C ASN B 105 -7.30 5.28 -46.15
N LYS B 106 -7.21 6.62 -46.07
CA LYS B 106 -5.97 7.26 -45.65
C LYS B 106 -5.62 6.89 -44.21
N ALA B 107 -6.63 6.87 -43.32
CA ALA B 107 -6.37 6.50 -41.93
C ALA B 107 -5.89 5.07 -41.83
N LEU B 108 -6.52 4.15 -42.57
CA LEU B 108 -6.09 2.76 -42.55
C LEU B 108 -4.68 2.61 -43.08
N LYS B 109 -4.36 3.31 -44.18
CA LYS B 109 -3.01 3.25 -44.72
C LYS B 109 -1.98 3.77 -43.72
N ALA B 110 -2.29 4.87 -43.04
CA ALA B 110 -1.37 5.40 -42.05
C ALA B 110 -1.19 4.43 -40.89
N THR B 111 -2.27 3.79 -40.45
CA THR B 111 -2.19 2.90 -39.29
C THR B 111 -1.41 1.63 -39.62
N VAL B 112 -1.71 0.99 -40.76
CA VAL B 112 -1.08 -0.29 -41.08
C VAL B 112 0.33 -0.16 -41.61
N SER B 113 0.87 1.06 -41.68
CA SER B 113 2.24 1.24 -42.13
C SER B 113 3.21 1.08 -40.97
N ASP B 114 4.30 0.36 -41.22
CA ASP B 114 5.36 0.14 -40.24
C ASP B 114 4.81 -0.54 -38.98
N VAL B 115 3.98 -1.57 -39.19
CA VAL B 115 3.51 -2.37 -38.06
C VAL B 115 4.66 -3.15 -37.45
N LYS B 116 5.65 -3.54 -38.25
CA LYS B 116 6.75 -4.34 -37.75
C LYS B 116 7.54 -3.66 -36.64
N HIS B 117 7.54 -2.32 -36.61
CA HIS B 117 8.32 -1.58 -35.63
C HIS B 117 7.44 -0.90 -34.59
N TRP B 118 6.25 -1.42 -34.33
CA TRP B 118 5.40 -0.85 -33.30
C TRP B 118 6.02 -1.00 -31.92
N ALA B 119 6.68 -2.14 -31.66
CA ALA B 119 7.34 -2.38 -30.39
C ALA B 119 8.77 -1.85 -30.37
N GLY B 120 9.23 -1.24 -31.45
CA GLY B 120 10.57 -0.70 -31.51
C GLY B 120 11.55 -1.64 -32.19
N TYR B 121 12.82 -1.29 -32.07
CA TYR B 121 13.89 -2.08 -32.67
C TYR B 121 15.17 -1.88 -31.86
N LEU B 122 16.12 -2.79 -32.07
CA LEU B 122 17.41 -2.73 -31.41
C LEU B 122 18.46 -2.18 -32.37
N THR B 123 19.29 -1.27 -31.85
CA THR B 123 20.36 -0.68 -32.64
C THR B 123 21.51 -1.69 -32.74
N GLU B 124 22.61 -1.25 -33.35
CA GLU B 124 23.78 -2.11 -33.49
C GLU B 124 24.43 -2.43 -32.15
N ASP B 125 24.26 -1.58 -31.14
CA ASP B 125 24.88 -1.75 -29.84
C ASP B 125 23.92 -2.33 -28.81
N GLY B 126 22.76 -2.81 -29.23
CA GLY B 126 21.81 -3.38 -28.31
C GLY B 126 20.88 -2.39 -27.64
N GLU B 127 21.00 -1.10 -27.94
CA GLU B 127 20.10 -0.12 -27.37
C GLU B 127 18.70 -0.26 -27.99
N HIS B 128 17.68 -0.02 -27.18
CA HIS B 128 16.29 -0.20 -27.60
C HIS B 128 15.70 1.17 -27.93
N VAL B 129 15.18 1.32 -29.14
CA VAL B 129 14.53 2.54 -29.58
C VAL B 129 13.03 2.33 -29.54
N ILE B 130 12.33 3.16 -28.79
CA ILE B 130 10.91 2.99 -28.49
C ILE B 130 10.16 4.21 -28.97
N ASP B 131 9.05 3.99 -29.66
CA ASP B 131 8.12 5.06 -30.01
C ASP B 131 7.11 5.23 -28.89
N LEU B 132 6.93 6.48 -28.45
CA LEU B 132 6.10 6.74 -27.28
C LEU B 132 4.61 6.75 -27.59
N LEU B 133 4.22 6.63 -28.85
CA LEU B 133 2.81 6.64 -29.24
C LEU B 133 2.27 5.25 -29.52
N LYS B 134 3.00 4.20 -29.18
CA LYS B 134 2.59 2.85 -29.52
C LYS B 134 2.24 2.05 -28.27
N PRO B 135 1.34 1.08 -28.39
CA PRO B 135 0.97 0.26 -27.22
C PRO B 135 2.13 -0.61 -26.75
N ALA B 136 2.11 -0.92 -25.47
CA ALA B 136 3.16 -1.72 -24.84
C ALA B 136 2.80 -3.20 -24.90
N PRO B 137 3.69 -4.05 -25.42
CA PRO B 137 3.41 -5.50 -25.41
C PRO B 137 3.21 -6.06 -24.02
N GLY B 138 3.89 -5.52 -23.02
CA GLY B 138 3.76 -5.98 -21.65
C GLY B 138 4.26 -4.95 -20.67
N PRO B 139 3.93 -5.14 -19.38
CA PRO B 139 4.35 -4.17 -18.37
C PRO B 139 5.86 -4.04 -18.21
N HIS B 140 6.62 -5.06 -18.57
CA HIS B 140 8.08 -5.03 -18.42
C HIS B 140 8.81 -4.79 -19.73
N PHE B 141 8.10 -4.51 -20.81
CA PHE B 141 8.74 -4.43 -22.12
C PHE B 141 9.53 -3.13 -22.30
N TYR B 142 9.10 -2.04 -21.67
CA TYR B 142 9.72 -0.73 -21.86
C TYR B 142 10.40 -0.25 -20.59
N VAL B 143 11.11 -1.15 -19.90
CA VAL B 143 11.70 -0.84 -18.60
C VAL B 143 13.21 -0.96 -18.72
N ASN B 144 13.92 -0.04 -18.06
CA ASN B 144 15.38 -0.06 -17.99
C ASN B 144 15.80 0.11 -16.54
N LEU B 145 16.92 -0.51 -16.20
CA LEU B 145 17.45 -0.51 -14.84
C LEU B 145 18.76 0.26 -14.80
N LEU B 146 18.89 1.12 -13.79
CA LEU B 146 20.08 1.94 -13.61
C LEU B 146 20.72 1.61 -12.26
N ILE B 147 22.04 1.54 -12.23
CA ILE B 147 22.77 1.20 -11.02
C ILE B 147 23.89 2.21 -10.84
N GLY B 148 24.27 2.43 -9.58
CA GLY B 148 25.36 3.33 -9.24
C GLY B 148 26.70 2.64 -9.30
N ASN B 149 27.69 3.26 -8.67
CA ASN B 149 29.04 2.71 -8.64
C ASN B 149 29.67 3.11 -7.31
N ARG B 150 29.76 2.14 -6.40
CA ARG B 150 30.37 2.35 -5.09
C ARG B 150 31.65 1.56 -4.91
N LEU B 151 32.26 1.11 -6.00
CA LEU B 151 33.52 0.36 -5.91
C LEU B 151 34.61 1.25 -5.36
N GLY B 152 35.44 0.68 -4.48
CA GLY B 152 36.46 1.45 -3.81
C GLY B 152 36.01 2.22 -2.60
N PHE B 153 34.80 1.96 -2.11
CA PHE B 153 34.27 2.63 -0.94
C PHE B 153 33.68 1.59 0.02
N LYS B 154 33.58 1.98 1.29
CA LYS B 154 33.19 1.04 2.33
C LYS B 154 31.76 0.54 2.14
N ARG B 155 31.56 -0.74 2.41
CA ARG B 155 30.26 -1.40 2.31
C ARG B 155 29.61 -1.13 0.95
N THR B 156 30.30 -1.57 -0.10
CA THR B 156 29.81 -1.35 -1.46
C THR B 156 28.47 -2.04 -1.68
N LEU B 157 28.40 -3.34 -1.39
CA LEU B 157 27.23 -4.13 -1.70
C LEU B 157 25.96 -3.55 -1.09
N GLN B 158 26.06 -2.96 0.10
CA GLN B 158 24.90 -2.44 0.78
C GLN B 158 24.58 -0.99 0.42
N THR B 159 25.47 -0.28 -0.27
CA THR B 159 25.31 1.16 -0.45
C THR B 159 25.25 1.58 -1.91
N THR B 160 24.91 0.67 -2.81
CA THR B 160 24.85 1.00 -4.23
C THR B 160 23.45 1.46 -4.59
N PRO B 161 23.28 2.66 -5.13
CA PRO B 161 21.94 3.12 -5.50
C PRO B 161 21.39 2.37 -6.70
N LYS B 162 20.06 2.40 -6.82
CA LYS B 162 19.35 1.65 -7.84
C LYS B 162 18.17 2.49 -8.35
N SER B 163 17.78 2.25 -9.59
CA SER B 163 16.68 3.02 -10.15
C SER B 163 16.02 2.25 -11.29
N VAL B 164 14.74 2.53 -11.50
CA VAL B 164 13.94 1.93 -12.56
C VAL B 164 13.33 3.05 -13.39
N VAL B 165 13.50 2.99 -14.71
CA VAL B 165 13.02 4.03 -15.61
C VAL B 165 12.23 3.37 -16.74
N ASP B 166 11.00 3.83 -16.94
CA ASP B 166 10.20 3.34 -18.07
C ASP B 166 10.42 4.28 -19.27
N ARG B 167 9.61 4.10 -20.32
CA ARG B 167 9.83 4.87 -21.54
C ARG B 167 9.50 6.34 -21.36
N PHE B 168 8.61 6.67 -20.42
CA PHE B 168 8.28 8.06 -20.13
C PHE B 168 9.11 8.65 -19.01
N GLY B 169 10.06 7.88 -18.47
CA GLY B 169 10.86 8.33 -17.35
C GLY B 169 10.25 8.04 -16.00
N ARG B 170 9.04 7.50 -15.94
CA ARG B 170 8.41 7.18 -14.67
C ARG B 170 9.12 6.01 -14.00
N GLY B 171 9.07 6.02 -12.68
CA GLY B 171 9.71 4.99 -11.89
C GLY B 171 10.02 5.52 -10.51
N SER B 172 10.86 4.77 -9.80
CA SER B 172 11.27 5.12 -8.44
C SER B 172 12.78 4.99 -8.31
N PHE B 173 13.34 5.81 -7.42
CA PHE B 173 14.77 5.85 -7.17
C PHE B 173 15.02 5.42 -5.74
N ARG B 174 15.91 4.44 -5.56
CA ARG B 174 16.14 3.84 -4.26
C ARG B 174 17.61 3.93 -3.90
N SER B 175 17.88 3.80 -2.60
CA SER B 175 19.21 3.92 -2.02
C SER B 175 19.51 2.66 -1.22
N HIS B 176 20.56 2.73 -0.39
CA HIS B 176 20.97 1.61 0.44
C HIS B 176 19.79 0.94 1.12
N ALA B 177 19.83 -0.39 1.16
CA ALA B 177 18.75 -1.22 1.71
C ALA B 177 17.48 -0.89 0.94
N ALA B 178 16.35 -0.66 1.59
CA ALA B 178 15.11 -0.29 0.92
C ALA B 178 14.75 1.17 1.14
N THR B 179 15.77 2.03 1.26
CA THR B 179 15.54 3.45 1.52
C THR B 179 15.10 4.14 0.24
N GLN B 180 13.90 4.68 0.24
CA GLN B 180 13.33 5.31 -0.94
C GLN B 180 13.75 6.77 -1.00
N VAL B 181 14.32 7.17 -2.15
CA VAL B 181 14.59 8.58 -2.41
C VAL B 181 13.40 9.23 -3.12
N LEU B 182 12.88 8.57 -4.14
CA LEU B 182 11.65 8.97 -4.79
C LEU B 182 10.57 7.95 -4.44
N ALA B 183 9.33 8.43 -4.31
CA ALA B 183 8.26 7.61 -3.78
C ALA B 183 7.98 6.41 -4.68
N THR B 184 7.83 5.25 -4.06
CA THR B 184 7.42 4.03 -4.75
C THR B 184 5.93 3.83 -4.51
N ARG B 185 5.20 3.50 -5.58
CA ARG B 185 3.76 3.33 -5.51
C ARG B 185 3.43 1.86 -5.40
N PHE B 186 2.71 1.48 -4.35
CA PHE B 186 2.24 0.12 -4.16
C PHE B 186 0.75 0.09 -4.52
N ASP B 187 0.45 -0.26 -5.77
CA ASP B 187 -0.92 -0.21 -6.24
C ASP B 187 -1.33 -1.51 -6.90
N MET B 188 -2.51 -1.54 -7.52
CA MET B 188 -3.01 -2.76 -8.13
C MET B 188 -2.26 -3.11 -9.41
N ARG B 189 -1.88 -2.10 -10.19
CA ARG B 189 -1.30 -2.32 -11.50
C ARG B 189 0.20 -2.53 -11.43
N GLN B 190 0.72 -3.40 -12.30
CA GLN B 190 2.15 -3.61 -12.39
C GLN B 190 2.88 -2.47 -13.10
N GLU B 191 2.17 -1.70 -13.93
CA GLU B 191 2.82 -0.64 -14.70
C GLU B 191 3.18 0.57 -13.85
N GLU B 192 2.61 0.70 -12.67
CA GLU B 192 2.87 1.86 -11.80
C GLU B 192 3.90 1.44 -10.76
N ASN B 193 5.15 1.84 -10.98
CA ASN B 193 6.22 1.54 -10.04
C ASN B 193 6.44 2.66 -9.03
N GLY B 194 6.28 3.91 -9.46
CA GLY B 194 6.48 5.05 -8.58
C GLY B 194 5.34 6.04 -8.71
N PHE B 195 5.46 7.13 -7.94
CA PHE B 195 4.48 8.18 -8.00
C PHE B 195 4.46 8.80 -9.39
N PRO B 196 3.29 9.14 -9.93
CA PRO B 196 3.22 9.62 -11.32
C PRO B 196 4.00 10.89 -11.58
N ALA B 197 4.29 11.69 -10.55
CA ALA B 197 4.95 12.97 -10.73
C ALA B 197 6.47 12.87 -10.75
N ASN B 198 7.04 11.67 -10.58
CA ASN B 198 8.48 11.54 -10.49
C ASN B 198 9.14 11.81 -11.84
N ARG B 199 10.19 12.64 -11.81
CA ARG B 199 11.04 12.96 -12.96
C ARG B 199 10.30 13.67 -14.08
N GLN B 200 9.10 14.19 -13.82
CA GLN B 200 8.32 14.85 -14.85
C GLN B 200 8.39 16.36 -14.69
N PHE B 201 8.15 17.07 -15.80
CA PHE B 201 8.19 18.52 -15.79
C PHE B 201 7.21 19.07 -16.80
N TYR B 202 6.86 20.34 -16.62
CA TYR B 202 5.93 21.07 -17.47
C TYR B 202 6.64 22.26 -18.07
N LEU B 203 6.29 22.59 -19.31
CA LEU B 203 6.78 23.78 -20.00
C LEU B 203 5.60 24.68 -20.32
N TYR B 204 5.67 25.92 -19.85
CA TYR B 204 4.65 26.94 -20.05
C TYR B 204 5.21 28.07 -20.90
N GLU B 205 4.34 28.67 -21.71
CA GLU B 205 4.67 29.87 -22.47
C GLU B 205 3.54 30.87 -22.31
N ASP B 206 3.87 32.05 -21.80
CA ASP B 206 2.90 33.14 -21.60
C ASP B 206 1.72 32.68 -20.73
N GLY B 207 2.02 31.88 -19.71
CA GLY B 207 1.02 31.44 -18.78
C GLY B 207 0.16 30.26 -19.24
N LYS B 208 0.41 29.73 -20.43
CA LYS B 208 -0.33 28.60 -20.96
C LYS B 208 0.58 27.39 -21.05
N GLN B 209 0.08 26.24 -20.59
CA GLN B 209 0.86 25.02 -20.64
C GLN B 209 1.02 24.56 -22.08
N ILE B 210 2.27 24.42 -22.53
CA ILE B 210 2.54 23.98 -23.89
C ILE B 210 3.20 22.61 -23.93
N PHE B 211 3.72 22.10 -22.83
CA PHE B 211 4.36 20.78 -22.88
C PHE B 211 4.27 20.08 -21.54
N TYR B 212 3.97 18.79 -21.58
CA TYR B 212 4.07 17.91 -20.43
C TYR B 212 4.88 16.68 -20.83
N SER B 213 5.89 16.34 -20.02
CA SER B 213 6.81 15.28 -20.41
C SER B 213 6.15 13.91 -20.44
N ALA B 214 5.12 13.69 -19.62
CA ALA B 214 4.48 12.39 -19.51
C ALA B 214 3.20 12.29 -20.33
N LEU B 215 2.91 13.27 -21.17
CA LEU B 215 1.69 13.26 -21.97
C LEU B 215 2.04 13.55 -23.43
N ILE B 216 1.43 12.77 -24.33
CA ILE B 216 1.60 12.95 -25.76
C ILE B 216 0.30 13.51 -26.32
N ASP B 217 0.37 14.72 -26.87
CA ASP B 217 -0.82 15.37 -27.41
C ASP B 217 -0.57 15.85 -28.82
N ASP B 218 -1.50 16.65 -29.35
CA ASP B 218 -1.40 17.12 -30.74
C ASP B 218 -0.19 18.02 -30.97
N ASN B 219 0.36 18.63 -29.92
CA ASN B 219 1.49 19.52 -30.09
C ASN B 219 2.81 18.79 -30.28
N ILE B 220 2.86 17.49 -30.05
CA ILE B 220 4.09 16.71 -30.15
C ILE B 220 4.08 15.98 -31.48
N VAL B 221 5.00 16.36 -32.37
CA VAL B 221 5.09 15.71 -33.68
C VAL B 221 5.62 14.30 -33.53
N GLU B 222 6.68 14.13 -32.74
CA GLU B 222 7.29 12.82 -32.55
C GLU B 222 7.93 12.76 -31.17
N ALA B 223 8.09 11.54 -30.67
CA ALA B 223 8.68 11.33 -29.34
C ALA B 223 9.26 9.93 -29.28
N THR B 224 10.56 9.83 -29.03
CA THR B 224 11.25 8.56 -28.99
C THR B 224 12.07 8.45 -27.71
N CYS B 225 12.26 7.22 -27.26
CA CYS B 225 13.08 6.91 -26.10
C CYS B 225 14.16 5.92 -26.50
N LYS B 226 15.34 6.05 -25.91
CA LYS B 226 16.45 5.14 -26.18
C LYS B 226 16.94 4.56 -24.86
N HIS B 227 16.72 3.27 -24.67
CA HIS B 227 17.21 2.56 -23.49
C HIS B 227 18.58 1.98 -23.79
N SER B 228 19.57 2.37 -23.00
CA SER B 228 20.93 1.89 -23.15
C SER B 228 21.43 1.32 -21.83
N CYS B 229 22.72 1.02 -21.74
CA CYS B 229 23.29 0.46 -20.53
C CYS B 229 23.52 1.57 -19.52
N ASN B 230 22.74 1.57 -18.44
CA ASN B 230 22.90 2.43 -17.28
C ASN B 230 22.62 3.91 -17.58
N ARG B 231 21.87 4.20 -18.64
CA ARG B 231 21.41 5.57 -18.88
C ARG B 231 20.20 5.51 -19.81
N THR B 232 19.39 6.57 -19.76
CA THR B 232 18.20 6.64 -20.59
C THR B 232 18.11 8.01 -21.26
N VAL B 233 17.76 8.03 -22.54
CA VAL B 233 17.63 9.25 -23.32
C VAL B 233 16.26 9.26 -23.98
N ILE B 234 15.54 10.37 -23.81
CA ILE B 234 14.21 10.56 -24.37
C ILE B 234 14.21 11.85 -25.17
N LYS B 235 13.61 11.82 -26.36
CA LYS B 235 13.60 12.97 -27.26
C LYS B 235 12.17 13.31 -27.66
N TYR B 236 11.83 14.59 -27.54
CA TYR B 236 10.54 15.12 -27.98
C TYR B 236 10.78 16.20 -29.02
N LYS B 237 9.91 16.26 -30.02
CA LYS B 237 9.88 17.35 -30.97
C LYS B 237 8.47 17.91 -31.01
N THR B 238 8.34 19.23 -30.84
CA THR B 238 7.04 19.85 -30.76
C THR B 238 6.67 20.51 -32.08
N ALA B 239 5.37 20.75 -32.25
CA ALA B 239 4.88 21.44 -33.44
C ALA B 239 5.33 22.89 -33.48
N CYS B 240 5.69 23.46 -32.34
CA CYS B 240 6.18 24.84 -32.27
C CYS B 240 7.70 24.92 -32.42
N ASN B 241 8.32 23.91 -33.01
CA ASN B 241 9.75 23.90 -33.30
C ASN B 241 10.58 24.00 -32.02
N LEU B 242 10.31 23.10 -31.08
CA LEU B 242 11.11 22.93 -29.89
C LEU B 242 11.61 21.49 -29.82
N GLU B 243 12.88 21.32 -29.52
CA GLU B 243 13.48 20.00 -29.36
C GLU B 243 13.88 19.82 -27.90
N ILE B 244 13.36 18.77 -27.27
CA ILE B 244 13.56 18.53 -25.85
C ILE B 244 14.26 17.18 -25.69
N THR B 245 15.32 17.17 -24.91
CA THR B 245 16.09 15.95 -24.67
C THR B 245 16.26 15.74 -23.18
N ARG B 246 15.87 14.56 -22.70
CA ARG B 246 16.03 14.19 -21.30
C ARG B 246 17.04 13.06 -21.20
N THR B 247 18.07 13.26 -20.37
CA THR B 247 19.08 12.24 -20.12
C THR B 247 19.08 11.93 -18.63
N ILE B 248 18.82 10.68 -18.28
CA ILE B 248 18.69 10.25 -16.89
C ILE B 248 19.77 9.21 -16.60
N PHE B 249 20.52 9.43 -15.53
CA PHE B 249 21.49 8.43 -15.09
C PHE B 249 21.86 8.67 -13.63
N LEU B 250 22.41 7.62 -13.00
CA LEU B 250 22.88 7.70 -11.63
C LEU B 250 24.33 8.16 -11.61
N VAL B 251 24.65 9.09 -10.74
CA VAL B 251 26.00 9.65 -10.66
C VAL B 251 26.91 8.65 -9.95
N PRO B 252 28.03 8.27 -10.57
CA PRO B 252 29.00 7.43 -9.86
C PRO B 252 29.53 8.15 -8.63
N HIS B 253 29.75 7.40 -7.56
CA HIS B 253 30.15 8.00 -6.30
C HIS B 253 31.60 8.47 -6.35
N LYS B 254 31.82 9.68 -5.85
CA LYS B 254 33.14 10.25 -5.68
C LYS B 254 33.30 10.71 -4.24
N LYS B 255 34.51 11.09 -3.87
CA LYS B 255 34.79 11.45 -2.49
C LYS B 255 34.04 12.73 -2.12
N GLY B 256 33.31 12.69 -1.01
CA GLY B 256 32.55 13.82 -0.53
C GLY B 256 31.14 13.93 -1.07
N PHE B 257 30.76 13.07 -2.01
CA PHE B 257 29.43 13.13 -2.60
C PHE B 257 28.40 12.53 -1.66
N PRO B 258 27.12 12.86 -1.85
CA PRO B 258 26.06 12.16 -1.10
C PRO B 258 26.02 10.69 -1.46
N LEU B 259 25.39 9.90 -0.60
CA LEU B 259 25.38 8.46 -0.78
C LEU B 259 24.69 8.07 -2.08
N ALA B 260 23.56 8.71 -2.39
CA ALA B 260 22.83 8.41 -3.62
C ALA B 260 22.51 9.72 -4.33
N THR B 261 22.65 9.72 -5.66
CA THR B 261 22.36 10.90 -6.46
C THR B 261 21.95 10.47 -7.85
N GLU B 262 20.83 11.01 -8.33
CA GLU B 262 20.33 10.78 -9.68
C GLU B 262 20.32 12.11 -10.42
N LEU B 263 20.85 12.11 -11.64
CA LEU B 263 20.99 13.31 -12.44
C LEU B 263 20.09 13.20 -13.66
N GLN B 264 19.30 14.25 -13.92
CA GLN B 264 18.51 14.37 -15.13
C GLN B 264 18.86 15.68 -15.80
N ARG B 265 19.29 15.61 -17.05
CA ARG B 265 19.62 16.78 -17.85
C ARG B 265 18.57 16.98 -18.92
N ILE B 266 18.01 18.19 -18.97
CA ILE B 266 16.95 18.54 -19.92
C ILE B 266 17.50 19.63 -20.82
N GLU B 267 17.68 19.32 -22.09
CA GLU B 267 18.16 20.27 -23.08
C GLU B 267 16.97 20.72 -23.93
N ILE B 268 16.75 22.03 -24.00
CA ILE B 268 15.68 22.61 -24.78
C ILE B 268 16.30 23.47 -25.86
N LYS B 269 16.03 23.13 -27.12
CA LYS B 269 16.58 23.84 -28.27
C LYS B 269 15.44 24.47 -29.06
N ASN B 270 15.59 25.75 -29.37
CA ASN B 270 14.61 26.49 -30.17
C ASN B 270 15.02 26.42 -31.63
N ALA B 271 14.26 25.71 -32.44
CA ALA B 271 14.54 25.55 -33.85
C ALA B 271 13.92 26.64 -34.71
N SER B 272 13.13 27.54 -34.12
CA SER B 272 12.49 28.60 -34.88
C SER B 272 13.47 29.77 -35.04
N ASP B 273 12.98 30.89 -35.56
CA ASP B 273 13.80 32.07 -35.78
C ASP B 273 13.47 33.22 -34.82
N LYS B 274 12.67 32.95 -33.78
CA LYS B 274 12.29 33.96 -32.81
C LYS B 274 12.61 33.48 -31.41
N ALA B 275 13.13 34.38 -30.58
CA ALA B 275 13.38 34.04 -29.19
C ALA B 275 12.07 33.80 -28.46
N ARG B 276 12.09 32.83 -27.53
CA ARG B 276 10.89 32.43 -26.81
C ARG B 276 11.14 32.50 -25.31
N ASN B 277 10.21 33.11 -24.58
CA ASN B 277 10.29 33.21 -23.14
C ASN B 277 9.42 32.12 -22.52
N LEU B 278 10.06 31.08 -21.99
CA LEU B 278 9.36 29.92 -21.45
C LEU B 278 9.59 29.83 -19.95
N SER B 279 8.82 28.94 -19.33
CA SER B 279 8.97 28.63 -17.91
C SER B 279 8.91 27.13 -17.74
N ILE B 280 9.71 26.60 -16.81
CA ILE B 280 9.77 25.16 -16.55
C ILE B 280 9.39 24.91 -15.11
N THR B 281 8.57 23.88 -14.90
CA THR B 281 8.16 23.44 -13.56
C THR B 281 8.50 21.97 -13.43
N TYR B 282 9.51 21.66 -12.63
CA TYR B 282 9.98 20.30 -12.41
C TYR B 282 9.36 19.77 -11.13
N THR B 283 8.62 18.66 -11.22
CA THR B 283 7.85 18.14 -10.10
C THR B 283 8.36 16.76 -9.70
N GLY B 284 8.00 16.38 -8.47
CA GLY B 284 8.36 15.07 -7.98
C GLY B 284 7.81 14.87 -6.58
N MET B 285 8.05 13.67 -6.04
CA MET B 285 7.60 13.32 -4.70
C MET B 285 8.64 12.45 -4.03
N PHE B 286 9.10 12.87 -2.86
CA PHE B 286 10.05 12.11 -2.08
C PHE B 286 9.41 10.87 -1.49
N GLY B 287 10.22 9.82 -1.33
CA GLY B 287 9.76 8.65 -0.60
C GLY B 287 9.73 8.92 0.90
N THR B 288 8.91 8.14 1.59
CA THR B 288 8.74 8.32 3.02
C THR B 288 9.72 7.44 3.79
N GLY B 289 10.19 7.96 4.93
CA GLY B 289 11.05 7.17 5.78
C GLY B 289 10.33 5.98 6.37
N ALA B 290 9.06 6.14 6.72
CA ALA B 290 8.22 5.06 7.22
C ALA B 290 7.54 4.41 6.04
N VAL B 291 8.19 3.41 5.45
CA VAL B 291 7.58 2.67 4.35
C VAL B 291 6.34 1.94 4.84
N HIS B 292 6.44 1.30 6.00
CA HIS B 292 5.25 0.81 6.67
C HIS B 292 4.43 2.00 7.17
N ALA B 293 3.26 1.70 7.74
CA ALA B 293 2.30 2.70 8.20
C ALA B 293 1.70 3.45 7.02
N ILE B 294 2.18 3.19 5.81
CA ILE B 294 1.42 3.54 4.63
C ILE B 294 0.17 2.69 4.54
N PHE B 295 0.27 1.44 4.96
CA PHE B 295 -0.85 0.51 5.02
C PHE B 295 -1.50 0.48 6.39
N GLU B 296 -1.04 1.28 7.35
CA GLU B 296 -1.61 1.33 8.69
C GLU B 296 -2.28 2.67 8.98
N ASP B 297 -1.56 3.78 8.86
CA ASP B 297 -2.15 5.10 9.04
C ASP B 297 -1.31 6.11 8.29
N VAL B 298 -1.84 6.61 7.17
CA VAL B 298 -1.13 7.62 6.38
C VAL B 298 -1.00 8.94 7.14
N THR B 299 -1.89 9.19 8.10
CA THR B 299 -1.79 10.44 8.86
C THR B 299 -0.49 10.52 9.64
N TYR B 300 -0.05 9.39 10.22
CA TYR B 300 1.23 9.37 10.91
C TYR B 300 2.36 9.69 9.95
N THR B 301 2.31 9.14 8.74
CA THR B 301 3.33 9.45 7.74
C THR B 301 3.33 10.93 7.39
N ASN B 302 2.14 11.54 7.34
CA ASN B 302 2.03 12.93 6.92
C ASN B 302 2.52 13.89 8.02
N VAL B 303 2.20 13.60 9.28
CA VAL B 303 2.42 14.58 10.34
C VAL B 303 3.81 14.54 10.95
N ILE B 304 4.63 13.53 10.62
CA ILE B 304 5.96 13.43 11.21
C ILE B 304 7.02 14.16 10.40
N MET B 305 6.64 14.87 9.34
CA MET B 305 7.60 15.52 8.49
C MET B 305 7.05 16.85 7.99
N GLN B 306 7.96 17.71 7.54
CA GLN B 306 7.64 19.01 6.99
C GLN B 306 8.58 19.29 5.83
N SER B 307 8.37 20.41 5.17
CA SER B 307 9.23 20.82 4.06
C SER B 307 10.21 21.89 4.51
N ALA B 308 11.32 22.00 3.78
CA ALA B 308 12.33 22.99 4.07
C ALA B 308 12.98 23.44 2.77
N ALA B 309 13.42 24.68 2.75
CA ALA B 309 14.07 25.26 1.59
C ALA B 309 15.59 25.27 1.78
N LEU B 310 16.31 25.20 0.67
CA LEU B 310 17.77 25.18 0.67
C LEU B 310 18.28 26.44 -0.03
N TYR B 311 19.20 27.15 0.61
CA TYR B 311 19.80 28.35 0.07
C TYR B 311 21.31 28.19 0.02
N ASN B 312 21.91 28.62 -1.08
CA ASN B 312 23.35 28.52 -1.23
C ASN B 312 24.04 29.58 -0.37
N ASP B 313 25.37 29.64 -0.48
CA ASP B 313 26.14 30.59 0.31
C ASP B 313 25.83 32.04 -0.06
N LYS B 314 25.22 32.27 -1.23
CA LYS B 314 24.84 33.61 -1.65
C LYS B 314 23.41 33.97 -1.26
N GLY B 315 22.70 33.06 -0.59
CA GLY B 315 21.34 33.35 -0.18
C GLY B 315 20.29 33.15 -1.23
N GLU B 316 20.56 32.33 -2.25
CA GLU B 316 19.63 32.10 -3.34
C GLU B 316 19.00 30.72 -3.18
N PHE B 317 17.67 30.66 -3.34
CA PHE B 317 16.96 29.40 -3.22
C PHE B 317 17.41 28.42 -4.29
N ILE B 318 17.66 27.18 -3.88
CA ILE B 318 18.13 26.16 -4.81
C ILE B 318 17.31 24.88 -4.80
N GLY B 319 16.57 24.55 -3.74
CA GLY B 319 15.82 23.32 -3.76
C GLY B 319 15.06 23.09 -2.47
N ILE B 320 14.47 21.90 -2.37
CA ILE B 320 13.56 21.54 -1.30
C ILE B 320 14.03 20.24 -0.67
N THR B 321 13.92 20.14 0.66
CA THR B 321 14.27 18.93 1.38
C THR B 321 13.19 18.61 2.42
N PRO B 322 12.90 17.33 2.64
CA PRO B 322 11.98 16.96 3.72
C PRO B 322 12.68 16.80 5.06
N ASP B 323 12.08 17.37 6.10
CA ASP B 323 12.65 17.38 7.44
C ASP B 323 11.76 16.55 8.36
N TYR B 324 12.34 15.58 9.04
CA TYR B 324 11.60 14.68 9.92
C TYR B 324 11.89 15.01 11.38
N TYR B 325 10.88 14.84 12.22
CA TYR B 325 11.04 15.02 13.66
C TYR B 325 11.66 13.82 14.36
N PRO B 326 11.18 12.59 14.14
CA PRO B 326 11.74 11.46 14.88
C PRO B 326 13.20 11.21 14.56
N GLU B 327 13.95 10.79 15.58
CA GLU B 327 15.37 10.51 15.38
C GLU B 327 15.59 9.31 14.47
N GLU B 328 14.61 8.41 14.40
CA GLU B 328 14.76 7.22 13.56
C GLU B 328 14.83 7.59 12.08
N PHE B 329 14.04 8.57 11.66
CA PHE B 329 13.97 8.97 10.27
C PHE B 329 14.89 10.15 9.95
N LYS B 330 15.67 10.63 10.91
CA LYS B 330 16.61 11.70 10.67
C LYS B 330 17.99 11.20 10.27
N GLN B 331 18.17 9.90 10.13
CA GLN B 331 19.45 9.34 9.71
C GLN B 331 19.67 9.40 8.21
N ASP B 332 18.61 9.63 7.42
CA ASP B 332 18.71 9.79 5.98
C ASP B 332 18.03 11.09 5.61
N THR B 333 18.70 11.91 4.80
CA THR B 333 18.19 13.22 4.41
C THR B 333 18.17 13.33 2.90
N ARG B 334 17.03 13.68 2.34
CA ARG B 334 16.83 13.78 0.91
C ARG B 334 16.90 15.23 0.44
N PHE B 335 17.20 15.41 -0.84
CA PHE B 335 17.30 16.74 -1.41
C PHE B 335 17.01 16.68 -2.90
N VAL B 336 16.56 17.82 -3.43
CA VAL B 336 16.41 18.03 -4.87
C VAL B 336 16.89 19.42 -5.20
N THR B 337 17.65 19.56 -6.28
CA THR B 337 18.21 20.84 -6.68
C THR B 337 18.15 20.96 -8.19
N MET B 338 17.99 22.20 -8.67
CA MET B 338 17.89 22.49 -10.10
C MET B 338 18.80 23.65 -10.46
N ILE B 339 19.48 23.52 -11.60
CA ILE B 339 20.36 24.56 -12.13
C ILE B 339 19.98 24.79 -13.58
N VAL B 340 19.92 26.06 -13.99
CA VAL B 340 19.57 26.44 -15.34
C VAL B 340 20.79 27.10 -15.98
N ARG B 341 21.36 26.45 -16.99
CA ARG B 341 22.49 26.98 -17.73
C ARG B 341 21.98 27.56 -19.04
N ASN B 342 22.04 28.87 -19.16
CA ASN B 342 21.70 29.57 -20.41
C ASN B 342 22.98 29.90 -21.18
N GLY B 343 23.67 28.85 -21.60
CA GLY B 343 24.98 29.00 -22.20
C GLY B 343 26.07 28.99 -21.17
N ASP B 344 26.55 30.17 -20.77
CA ASP B 344 27.53 30.29 -19.71
C ASP B 344 26.96 30.84 -18.41
N GLU B 345 25.77 31.43 -18.44
CA GLU B 345 25.15 31.99 -17.25
C GLU B 345 24.38 30.91 -16.50
N LYS B 346 24.47 30.96 -15.17
CA LYS B 346 23.81 30.01 -14.30
C LYS B 346 22.72 30.70 -13.50
N SER B 347 21.57 30.04 -13.39
CA SER B 347 20.42 30.56 -12.66
C SER B 347 19.81 29.43 -11.84
N PHE B 348 18.99 29.81 -10.88
CA PHE B 348 18.38 28.91 -9.93
C PHE B 348 16.87 29.11 -9.93
N PRO B 349 16.11 28.11 -9.52
CA PRO B 349 14.64 28.23 -9.57
C PRO B 349 14.15 29.42 -8.75
N GLN B 350 13.12 30.08 -9.27
CA GLN B 350 12.59 31.28 -8.65
C GLN B 350 11.35 31.04 -7.81
N SER B 351 10.65 29.93 -8.01
CA SER B 351 9.45 29.64 -7.24
C SER B 351 9.40 28.16 -6.90
N PHE B 352 8.60 27.84 -5.89
CA PHE B 352 8.43 26.45 -5.50
C PHE B 352 7.03 26.24 -4.93
N CYS B 353 6.61 24.98 -4.94
CA CYS B 353 5.36 24.55 -4.34
C CYS B 353 5.59 23.20 -3.66
N THR B 354 4.97 23.03 -2.49
CA THR B 354 5.14 21.80 -1.72
C THR B 354 3.82 21.15 -1.34
N ASP B 355 2.70 21.60 -1.89
CA ASP B 355 1.39 21.04 -1.60
C ASP B 355 0.80 20.48 -2.89
N TYR B 356 0.46 19.20 -2.88
CA TYR B 356 -0.11 18.57 -4.06
C TYR B 356 -1.47 19.16 -4.41
N ASN B 357 -2.31 19.42 -3.40
CA ASN B 357 -3.63 19.97 -3.66
C ASN B 357 -3.54 21.37 -4.25
N ASP B 358 -2.64 22.20 -3.73
CA ASP B 358 -2.46 23.54 -4.29
C ASP B 358 -1.94 23.48 -5.72
N PHE B 359 -1.00 22.57 -5.99
CA PHE B 359 -0.42 22.48 -7.32
C PHE B 359 -1.46 22.01 -8.33
N VAL B 360 -2.16 20.91 -8.04
CA VAL B 360 -3.15 20.39 -8.96
C VAL B 360 -4.36 21.31 -9.04
N GLY B 361 -4.84 21.77 -7.88
CA GLY B 361 -5.99 22.66 -7.87
C GLY B 361 -7.23 21.98 -8.41
N THR B 362 -7.95 22.71 -9.26
CA THR B 362 -9.19 22.20 -9.85
C THR B 362 -8.95 21.35 -11.10
N GLY B 363 -7.71 21.23 -11.55
CA GLY B 363 -7.37 20.44 -12.70
C GLY B 363 -6.93 19.04 -12.35
N THR B 364 -6.08 18.47 -13.19
CA THR B 364 -5.51 17.14 -12.99
C THR B 364 -4.00 17.25 -12.98
N LEU B 365 -3.33 16.11 -12.78
CA LEU B 365 -1.87 16.10 -12.80
C LEU B 365 -1.32 16.42 -14.18
N GLU B 366 -2.04 16.04 -15.24
CA GLU B 366 -1.59 16.37 -16.59
C GLU B 366 -1.78 17.84 -16.91
N HIS B 367 -2.83 18.47 -16.36
CA HIS B 367 -3.11 19.89 -16.56
C HIS B 367 -3.36 20.55 -15.22
N PRO B 368 -2.31 20.77 -14.43
CA PRO B 368 -2.51 21.39 -13.11
C PRO B 368 -3.04 22.81 -13.24
N ALA B 369 -3.95 23.17 -12.34
CA ALA B 369 -4.54 24.51 -12.38
C ALA B 369 -3.52 25.55 -11.92
N GLY B 370 -2.75 25.26 -10.88
CA GLY B 370 -1.78 26.19 -10.37
C GLY B 370 -0.35 25.76 -10.64
N GLY B 371 -0.11 25.20 -11.83
CA GLY B 371 1.22 24.73 -12.16
C GLY B 371 2.16 25.80 -12.68
N CYS B 372 1.63 26.94 -13.11
CA CYS B 372 2.48 28.00 -13.64
C CYS B 372 2.90 29.00 -12.56
N ASN B 373 2.00 29.34 -11.65
CA ASN B 373 2.28 30.28 -10.56
C ASN B 373 2.29 29.50 -9.25
N LEU B 374 3.47 29.34 -8.67
CA LEU B 374 3.63 28.59 -7.43
C LEU B 374 3.52 29.51 -6.24
N ASN B 375 2.93 29.00 -5.15
CA ASN B 375 2.60 29.82 -4.00
C ASN B 375 3.78 30.06 -3.06
N ASN B 376 4.89 29.35 -3.24
CA ASN B 376 6.08 29.53 -2.41
C ASN B 376 5.76 29.32 -0.92
N LYS B 377 4.92 28.33 -0.64
CA LYS B 377 4.51 28.03 0.73
C LYS B 377 5.15 26.72 1.16
N LEU B 378 5.85 26.74 2.29
CA LEU B 378 6.46 25.54 2.84
C LEU B 378 5.40 24.78 3.64
N ASN B 379 5.07 23.58 3.18
CA ASN B 379 4.05 22.78 3.84
C ASN B 379 4.52 22.34 5.22
N ARG B 380 3.66 22.48 6.22
CA ARG B 380 3.99 22.08 7.58
C ARG B 380 3.86 20.59 7.81
N LYS B 381 3.20 19.86 6.90
CA LYS B 381 2.97 18.44 7.07
C LYS B 381 2.90 17.81 5.68
N GLY B 382 2.37 16.60 5.61
CA GLY B 382 2.03 16.00 4.34
C GLY B 382 3.19 15.33 3.66
N PRO B 383 2.92 14.66 2.55
CA PRO B 383 3.98 13.99 1.80
C PRO B 383 4.91 15.01 1.16
N GLY B 384 6.15 14.57 0.93
CA GLY B 384 7.15 15.44 0.37
C GLY B 384 7.00 15.68 -1.12
N PHE B 385 5.89 16.29 -1.53
CA PHE B 385 5.72 16.70 -2.91
C PHE B 385 6.45 18.00 -3.15
N PHE B 386 7.12 18.12 -4.29
CA PHE B 386 7.86 19.32 -4.60
C PHE B 386 7.67 19.68 -6.07
N ALA B 387 7.70 20.99 -6.34
CA ALA B 387 7.65 21.50 -7.71
C ALA B 387 8.46 22.78 -7.75
N LEU B 388 9.54 22.79 -8.53
CA LEU B 388 10.42 23.94 -8.67
C LEU B 388 10.20 24.60 -10.02
N GLY B 389 9.96 25.90 -10.01
CA GLY B 389 9.65 26.64 -11.23
C GLY B 389 10.65 27.75 -11.49
N ALA B 390 11.06 27.86 -12.75
CA ALA B 390 12.04 28.87 -13.17
C ALA B 390 11.77 29.32 -14.60
N PRO B 391 11.87 30.62 -14.87
CA PRO B 391 11.72 31.11 -16.24
C PRO B 391 13.07 31.24 -16.94
N PHE B 392 13.01 31.22 -18.27
CA PHE B 392 14.22 31.35 -19.08
C PHE B 392 13.84 31.75 -20.50
N THR B 393 14.76 32.44 -21.16
CA THR B 393 14.58 32.87 -22.54
C THR B 393 15.53 32.09 -23.44
N VAL B 394 15.01 31.55 -24.54
CA VAL B 394 15.78 30.78 -25.50
C VAL B 394 15.88 31.60 -26.78
N GLU B 395 17.11 31.89 -27.20
CA GLU B 395 17.36 32.60 -28.43
C GLU B 395 17.20 31.66 -29.62
N PRO B 396 16.95 32.21 -30.81
CA PRO B 396 16.80 31.35 -32.00
C PRO B 396 18.07 30.55 -32.27
N GLY B 397 17.90 29.23 -32.38
CA GLY B 397 19.00 28.34 -32.65
C GLY B 397 19.87 27.99 -31.46
N LYS B 398 19.54 28.48 -30.27
CA LYS B 398 20.33 28.23 -29.08
C LYS B 398 19.70 27.14 -28.23
N THR B 399 20.42 26.73 -27.19
CA THR B 399 20.00 25.65 -26.31
C THR B 399 20.13 26.08 -24.86
N VAL B 400 19.14 25.69 -24.05
CA VAL B 400 19.13 25.96 -22.62
C VAL B 400 19.14 24.62 -21.90
N ILE B 401 20.03 24.46 -20.92
CA ILE B 401 20.20 23.21 -20.20
C ILE B 401 19.63 23.37 -18.80
N ILE B 402 18.98 22.33 -18.30
CA ILE B 402 18.48 22.30 -16.93
C ILE B 402 18.94 21.00 -16.30
N ASP B 403 19.76 21.10 -15.26
CA ASP B 403 20.29 19.95 -14.56
C ASP B 403 19.56 19.80 -13.23
N THR B 404 18.97 18.64 -13.00
CA THR B 404 18.27 18.34 -11.76
C THR B 404 18.99 17.20 -11.05
N PHE B 405 19.34 17.44 -9.79
CA PHE B 405 19.99 16.44 -8.94
C PHE B 405 19.02 16.07 -7.84
N THR B 406 18.67 14.78 -7.75
CA THR B 406 17.81 14.27 -6.70
C THR B 406 18.60 13.23 -5.92
N GLY B 407 18.81 13.47 -4.63
CA GLY B 407 19.73 12.62 -3.91
C GLY B 407 19.37 12.42 -2.46
N LEU B 408 20.16 11.57 -1.81
CA LEU B 408 19.98 11.22 -0.40
C LEU B 408 21.36 11.03 0.23
N SER B 409 21.52 11.57 1.43
CA SER B 409 22.73 11.41 2.23
C SER B 409 22.36 10.67 3.50
N SER B 410 23.15 9.64 3.84
CA SER B 410 22.79 8.73 4.91
C SER B 410 23.91 8.64 5.93
N SER B 411 23.55 8.20 7.14
CA SER B 411 24.50 7.99 8.21
C SER B 411 25.29 6.70 8.03
N LYS B 412 24.93 5.85 7.08
CA LYS B 412 25.68 4.63 6.82
C LYS B 412 27.05 4.90 6.23
N ASP B 413 27.32 6.13 5.80
CA ASP B 413 28.61 6.48 5.23
C ASP B 413 29.35 7.56 6.01
N ASN B 414 28.71 8.16 7.02
CA ASN B 414 29.34 9.20 7.82
C ASN B 414 29.09 8.96 9.30
N GLU B 415 30.01 9.45 10.12
CA GLU B 415 29.88 9.35 11.57
C GLU B 415 29.45 10.69 12.14
N ASN B 416 28.77 10.64 13.29
CA ASN B 416 28.19 11.84 13.90
C ASN B 416 27.28 12.56 12.92
N TYR B 417 26.45 11.79 12.22
CA TYR B 417 25.67 12.33 11.12
C TYR B 417 24.59 13.29 11.61
N SER B 418 24.33 14.32 10.82
CA SER B 418 23.24 15.26 11.03
C SER B 418 22.93 15.91 9.68
N ASP B 419 22.05 16.91 9.69
CA ASP B 419 21.74 17.61 8.45
C ASP B 419 22.93 18.42 7.94
N ALA B 420 23.86 18.80 8.82
CA ALA B 420 25.05 19.52 8.39
C ALA B 420 25.88 18.67 7.43
N VAL B 421 25.93 17.37 7.66
CA VAL B 421 26.64 16.47 6.74
C VAL B 421 25.98 16.50 5.37
N MET B 422 24.65 16.47 5.33
CA MET B 422 23.96 16.57 4.05
C MET B 422 24.28 17.89 3.36
N LEU B 423 24.27 18.99 4.11
CA LEU B 423 24.54 20.28 3.50
C LEU B 423 25.94 20.34 2.92
N ARG B 424 26.93 19.84 3.67
CA ARG B 424 28.29 19.84 3.17
C ARG B 424 28.45 18.97 1.93
N GLU B 425 27.84 17.78 1.94
CA GLU B 425 27.95 16.89 0.79
C GLU B 425 27.24 17.48 -0.43
N LEU B 426 26.10 18.13 -0.22
CA LEU B 426 25.40 18.78 -1.32
C LEU B 426 26.22 19.94 -1.87
N ASP B 427 26.89 20.68 -1.00
CA ASP B 427 27.77 21.74 -1.47
C ASP B 427 28.90 21.18 -2.31
N ASN B 428 29.50 20.08 -1.88
CA ASN B 428 30.55 19.44 -2.67
C ASN B 428 30.02 18.98 -4.03
N LEU B 429 28.84 18.38 -4.04
CA LEU B 429 28.25 17.90 -5.29
C LEU B 429 27.99 19.06 -6.24
N LEU B 430 27.45 20.16 -5.73
CA LEU B 430 27.17 21.31 -6.59
C LEU B 430 28.46 21.94 -7.10
N ARG B 431 29.50 21.98 -6.26
CA ARG B 431 30.79 22.52 -6.71
C ARG B 431 31.39 21.65 -7.81
N TYR B 432 31.24 20.33 -7.70
CA TYR B 432 31.80 19.45 -8.72
C TYR B 432 31.14 19.69 -10.07
N PHE B 433 29.82 19.80 -10.09
CA PHE B 433 29.07 19.99 -11.33
C PHE B 433 28.79 21.47 -11.61
N GLU B 434 29.83 22.29 -11.61
CA GLU B 434 29.66 23.70 -11.94
C GLU B 434 29.73 23.95 -13.44
N LYS B 435 30.79 23.47 -14.08
CA LYS B 435 30.91 23.62 -15.52
C LYS B 435 29.89 22.73 -16.24
N SER B 436 29.38 23.22 -17.37
CA SER B 436 28.37 22.47 -18.10
C SER B 436 28.94 21.19 -18.70
N GLU B 437 30.22 21.20 -19.10
CA GLU B 437 30.80 20.04 -19.75
C GLU B 437 30.95 18.87 -18.79
N SER B 438 31.17 19.15 -17.50
CA SER B 438 31.49 18.11 -16.54
C SER B 438 30.46 16.99 -16.57
N VAL B 439 29.17 17.36 -16.60
CA VAL B 439 28.11 16.35 -16.61
C VAL B 439 28.32 15.39 -17.77
N GLU B 440 28.54 15.93 -18.97
CA GLU B 440 28.80 15.08 -20.13
C GLU B 440 29.96 14.13 -19.85
N GLU B 441 31.06 14.68 -19.32
CA GLU B 441 32.21 13.84 -19.01
C GLU B 441 31.80 12.70 -18.09
N THR B 442 31.02 13.01 -17.06
CA THR B 442 30.58 11.96 -16.14
C THR B 442 29.87 10.84 -16.91
N LEU B 443 28.95 11.22 -17.81
CA LEU B 443 28.25 10.21 -18.59
C LEU B 443 29.25 9.32 -19.33
N ASN B 444 30.25 9.94 -19.98
CA ASN B 444 31.25 9.16 -20.70
C ASN B 444 31.90 8.15 -19.76
N GLU B 445 32.28 8.59 -18.57
CA GLU B 445 32.90 7.68 -17.61
C GLU B 445 32.04 6.44 -17.43
N ILE B 446 30.74 6.64 -17.20
CA ILE B 446 29.85 5.51 -17.00
C ILE B 446 29.95 4.55 -18.18
N ILE B 447 29.83 5.09 -19.39
CA ILE B 447 29.90 4.24 -20.57
C ILE B 447 31.21 3.47 -20.58
N ASN B 448 32.32 4.17 -20.33
CA ASN B 448 33.62 3.52 -20.35
C ASN B 448 33.66 2.35 -19.39
N PHE B 449 33.11 2.54 -18.18
CA PHE B 449 33.10 1.45 -17.22
C PHE B 449 32.39 0.24 -17.80
N HIS B 450 31.19 0.44 -18.33
CA HIS B 450 30.45 -0.69 -18.87
C HIS B 450 30.99 -1.13 -20.22
N GLU B 451 31.88 -0.36 -20.83
CA GLU B 451 32.59 -0.82 -22.01
C GLU B 451 33.83 -1.63 -21.65
N ASN B 452 34.26 -1.59 -20.39
CA ASN B 452 35.43 -2.33 -19.94
C ASN B 452 35.06 -3.53 -19.09
N TYR B 453 34.10 -3.37 -18.19
CA TYR B 453 33.66 -4.47 -17.33
C TYR B 453 33.26 -5.69 -18.15
N GLY B 454 32.65 -5.47 -19.31
CA GLY B 454 32.20 -6.55 -20.15
C GLY B 454 33.25 -7.16 -21.05
N LYS B 455 34.50 -6.72 -20.97
CA LYS B 455 35.53 -7.22 -21.87
C LYS B 455 36.13 -8.54 -21.41
N TYR B 456 35.61 -9.14 -20.34
CA TYR B 456 36.10 -10.44 -19.91
C TYR B 456 35.86 -11.51 -20.97
N PHE B 457 34.67 -11.52 -21.57
CA PHE B 457 34.31 -12.50 -22.58
C PHE B 457 33.57 -11.76 -23.69
N GLN B 458 34.09 -11.82 -24.91
CA GLN B 458 33.51 -11.09 -26.03
C GLN B 458 33.26 -12.05 -27.19
N PHE B 459 32.01 -12.11 -27.64
CA PHE B 459 31.67 -12.87 -28.83
C PHE B 459 31.95 -12.04 -30.08
N ASN B 460 32.34 -12.72 -31.15
CA ASN B 460 32.66 -12.06 -32.42
C ASN B 460 32.00 -12.81 -33.57
N THR B 461 30.73 -13.15 -33.40
CA THR B 461 30.00 -13.86 -34.43
C THR B 461 29.46 -12.89 -35.49
N GLY B 462 28.90 -13.45 -36.55
CA GLY B 462 28.30 -12.63 -37.58
C GLY B 462 27.05 -11.92 -37.12
N ASN B 463 26.23 -12.60 -36.32
CA ASN B 463 24.97 -12.03 -35.85
C ASN B 463 25.26 -10.90 -34.87
N LYS B 464 25.04 -9.66 -35.33
CA LYS B 464 25.36 -8.50 -34.51
C LYS B 464 24.42 -8.36 -33.33
N LEU B 465 23.15 -8.73 -33.51
CA LEU B 465 22.19 -8.63 -32.41
C LEU B 465 22.56 -9.53 -31.25
N PHE B 466 22.97 -10.77 -31.55
CA PHE B 466 23.37 -11.70 -30.49
C PHE B 466 24.62 -11.18 -29.77
N ASP B 467 25.59 -10.67 -30.52
CA ASP B 467 26.80 -10.15 -29.90
C ASP B 467 26.49 -8.97 -28.99
N SER B 468 25.64 -8.05 -29.46
CA SER B 468 25.27 -6.91 -28.63
C SER B 468 24.50 -7.34 -27.40
N GLY B 469 23.61 -8.33 -27.55
CA GLY B 469 22.83 -8.79 -26.42
C GLY B 469 23.68 -9.47 -25.35
N PHE B 470 24.66 -10.26 -25.77
CA PHE B 470 25.48 -10.97 -24.79
C PHE B 470 26.57 -10.09 -24.22
N ASN B 471 27.34 -9.42 -25.08
CA ASN B 471 28.51 -8.68 -24.61
C ASN B 471 28.12 -7.48 -23.75
N ARG B 472 26.95 -6.89 -23.99
CA ARG B 472 26.58 -5.65 -23.33
C ARG B 472 25.39 -5.81 -22.39
N ASN B 473 24.25 -6.29 -22.88
CA ASN B 473 23.05 -6.30 -22.07
C ASN B 473 23.12 -7.38 -20.99
N LEU B 474 23.54 -8.59 -21.35
CA LEU B 474 23.54 -9.70 -20.39
C LEU B 474 24.55 -9.46 -19.28
N ALA B 475 25.73 -8.94 -19.61
CA ALA B 475 26.72 -8.64 -18.59
C ALA B 475 26.20 -7.60 -17.60
N PHE B 476 25.54 -6.56 -18.11
CA PHE B 476 24.99 -5.54 -17.23
C PHE B 476 23.89 -6.12 -16.34
N GLN B 477 23.04 -6.98 -16.89
CA GLN B 477 21.99 -7.58 -16.08
C GLN B 477 22.58 -8.46 -14.99
N VAL B 478 23.63 -9.22 -15.31
CA VAL B 478 24.28 -10.06 -14.32
C VAL B 478 24.89 -9.19 -13.22
N LEU B 479 25.53 -8.09 -13.60
CA LEU B 479 26.09 -7.18 -12.60
C LEU B 479 25.01 -6.60 -11.70
N TYR B 480 23.89 -6.17 -12.29
CA TYR B 480 22.80 -5.60 -11.52
C TYR B 480 22.23 -6.62 -10.55
N GLN B 481 22.03 -7.86 -11.00
CA GLN B 481 21.48 -8.89 -10.12
C GLN B 481 22.48 -9.29 -9.05
N THR B 482 23.77 -9.24 -9.35
CA THR B 482 24.78 -9.48 -8.33
C THR B 482 24.69 -8.43 -7.23
N PHE B 483 24.51 -7.16 -7.62
CA PHE B 483 24.44 -6.10 -6.63
C PHE B 483 23.07 -6.02 -5.94
N MET B 484 22.03 -6.62 -6.51
CA MET B 484 20.68 -6.35 -6.03
C MET B 484 19.83 -7.58 -5.80
N SER B 485 20.21 -8.75 -6.30
CA SER B 485 19.45 -10.00 -6.11
C SER B 485 18.07 -9.80 -6.72
N ARG B 486 16.98 -10.06 -5.99
CA ARG B 486 15.62 -9.85 -6.49
C ARG B 486 14.91 -8.78 -5.66
N SER B 487 15.66 -7.79 -5.17
CA SER B 487 15.10 -6.84 -4.21
C SER B 487 14.29 -5.75 -4.90
N PHE B 488 14.88 -5.06 -5.87
CA PHE B 488 14.25 -3.89 -6.47
C PHE B 488 14.20 -4.02 -7.98
N GLY B 489 13.00 -3.90 -8.53
CA GLY B 489 12.81 -3.94 -9.96
C GLY B 489 11.57 -3.19 -10.35
N GLN B 490 11.02 -3.54 -11.52
CA GLN B 490 9.78 -2.91 -11.96
C GLN B 490 8.61 -3.33 -11.07
N THR B 491 8.49 -4.63 -10.80
CA THR B 491 7.45 -5.13 -9.92
C THR B 491 7.97 -5.66 -8.59
N GLN B 492 9.27 -5.90 -8.47
CA GLN B 492 9.89 -6.26 -7.19
C GLN B 492 10.09 -4.97 -6.41
N LYS B 493 9.24 -4.71 -5.44
CA LYS B 493 9.24 -3.43 -4.74
C LYS B 493 9.38 -3.53 -3.23
N GLY B 494 9.25 -4.71 -2.64
CA GLY B 494 9.35 -4.79 -1.19
C GLY B 494 9.39 -6.22 -0.70
N TYR B 495 9.72 -6.34 0.59
CA TYR B 495 9.74 -7.59 1.35
C TYR B 495 10.91 -8.47 0.96
N ARG B 496 11.61 -8.13 -0.10
CA ARG B 496 12.71 -8.94 -0.59
C ARG B 496 14.01 -8.17 -0.46
N GLU B 497 15.00 -8.80 0.15
CA GLU B 497 16.30 -8.23 0.39
C GLU B 497 17.33 -9.07 -0.34
N ILE B 498 18.61 -8.83 -0.06
CA ILE B 498 19.66 -9.63 -0.66
C ILE B 498 19.47 -11.07 -0.21
N GLY B 499 19.06 -11.94 -1.13
CA GLY B 499 18.79 -13.32 -0.77
C GLY B 499 20.05 -14.15 -0.74
N PHE B 500 20.02 -15.20 0.07
CA PHE B 500 21.22 -16.03 0.25
C PHE B 500 21.52 -16.83 -1.01
N ARG B 501 20.50 -17.49 -1.57
CA ARG B 501 20.74 -18.31 -2.76
C ARG B 501 21.07 -17.47 -3.97
N GLU B 502 20.77 -16.17 -3.96
CA GLU B 502 21.09 -15.29 -5.07
C GLU B 502 22.60 -15.13 -5.23
N ILE B 503 23.37 -15.78 -4.35
CA ILE B 503 24.80 -15.90 -4.50
C ILE B 503 25.11 -16.58 -5.83
N GLN B 504 24.10 -17.26 -6.39
CA GLN B 504 24.26 -17.83 -7.73
C GLN B 504 24.69 -16.79 -8.73
N ASP B 505 24.25 -15.53 -8.56
CA ASP B 505 24.67 -14.48 -9.48
C ASP B 505 26.18 -14.30 -9.45
N LEU B 506 26.79 -14.36 -8.27
CA LEU B 506 28.24 -14.25 -8.16
C LEU B 506 28.94 -15.39 -8.89
N PHE B 507 28.23 -16.47 -9.21
CA PHE B 507 28.82 -17.54 -10.01
C PHE B 507 29.28 -17.02 -11.36
N ALA B 508 28.58 -16.03 -11.92
CA ALA B 508 28.88 -15.54 -13.25
C ALA B 508 29.62 -14.21 -13.25
N SER B 509 29.28 -13.31 -12.34
CA SER B 509 29.86 -11.97 -12.36
C SER B 509 31.28 -11.92 -11.83
N MET B 510 31.68 -12.88 -10.99
CA MET B 510 32.98 -12.80 -10.33
C MET B 510 34.12 -12.74 -11.35
N TYR B 511 34.05 -13.56 -12.40
CA TYR B 511 35.10 -13.57 -13.40
C TYR B 511 35.27 -12.20 -14.04
N TYR B 512 34.19 -11.42 -14.12
CA TYR B 512 34.31 -10.06 -14.62
C TYR B 512 35.10 -9.20 -13.65
N PHE B 513 34.73 -9.23 -12.36
CA PHE B 513 35.37 -8.35 -11.39
C PHE B 513 36.87 -8.62 -11.29
N ILE B 514 37.24 -9.91 -11.24
CA ILE B 514 38.65 -10.27 -11.15
C ILE B 514 39.42 -9.73 -12.35
N ASN B 515 38.75 -9.56 -13.48
CA ASN B 515 39.41 -9.09 -14.69
C ASN B 515 39.43 -7.58 -14.81
N ILE B 516 38.89 -6.85 -13.82
CA ILE B 516 39.05 -5.40 -13.77
C ILE B 516 39.75 -4.97 -12.48
N GLY B 517 40.54 -5.86 -11.89
CA GLY B 517 41.27 -5.56 -10.68
C GLY B 517 40.41 -5.32 -9.45
N TYR B 518 39.39 -6.15 -9.24
CA TYR B 518 38.52 -6.05 -8.08
C TYR B 518 38.32 -7.41 -7.45
N GLN B 519 39.41 -8.18 -7.34
CA GLN B 519 39.35 -9.46 -6.65
C GLN B 519 39.02 -9.28 -5.17
N ASP B 520 39.55 -8.23 -4.56
CA ASP B 520 39.24 -7.95 -3.16
C ASP B 520 37.75 -7.70 -2.96
N PHE B 521 37.08 -7.11 -3.95
CA PHE B 521 35.64 -6.95 -3.86
C PHE B 521 34.93 -8.30 -3.88
N VAL B 522 35.43 -9.25 -4.67
CA VAL B 522 34.86 -10.59 -4.68
C VAL B 522 35.04 -11.25 -3.31
N LYS B 523 36.22 -11.09 -2.72
CA LYS B 523 36.45 -11.62 -1.38
C LYS B 523 35.50 -10.98 -0.37
N GLU B 524 35.29 -9.67 -0.50
CA GLU B 524 34.37 -8.97 0.40
C GLU B 524 32.96 -9.50 0.25
N LEU B 525 32.52 -9.75 -0.98
CA LEU B 525 31.18 -10.31 -1.19
C LEU B 525 31.07 -11.70 -0.58
N LEU B 526 32.10 -12.53 -0.77
CA LEU B 526 32.08 -13.87 -0.20
C LEU B 526 31.99 -13.83 1.32
N PHE B 527 32.76 -12.93 1.94
CA PHE B 527 32.71 -12.82 3.40
C PHE B 527 31.38 -12.26 3.87
N GLU B 528 30.80 -11.33 3.10
CA GLU B 528 29.49 -10.80 3.45
C GLU B 528 28.43 -11.88 3.44
N TRP B 529 28.48 -12.76 2.44
CA TRP B 529 27.53 -13.86 2.40
C TRP B 529 27.80 -14.89 3.49
N THR B 530 29.08 -15.14 3.79
CA THR B 530 29.42 -16.09 4.85
C THR B 530 29.01 -15.58 6.21
N ALA B 531 28.94 -14.26 6.39
CA ALA B 531 28.57 -13.70 7.69
C ALA B 531 27.13 -13.97 8.08
N ASN B 532 26.30 -14.48 7.17
CA ASN B 532 24.90 -14.78 7.45
C ASN B 532 24.66 -16.27 7.65
N VAL B 533 25.69 -17.02 8.06
CA VAL B 533 25.57 -18.44 8.35
C VAL B 533 25.73 -18.65 9.84
N TYR B 534 24.77 -19.33 10.44
CA TYR B 534 24.80 -19.59 11.88
C TYR B 534 25.81 -20.70 12.18
N LYS B 535 26.03 -20.93 13.48
CA LYS B 535 27.03 -21.90 13.90
C LYS B 535 26.67 -23.31 13.46
N MET B 536 25.39 -23.67 13.55
CA MET B 536 24.99 -25.03 13.18
C MET B 536 25.12 -25.25 11.68
N GLY B 537 24.75 -24.25 10.87
CA GLY B 537 24.88 -24.39 9.44
C GLY B 537 23.78 -23.76 8.62
N TYR B 538 22.63 -23.50 9.23
CA TYR B 538 21.56 -22.82 8.50
C TYR B 538 21.90 -21.34 8.32
N ALA B 539 21.20 -20.69 7.40
CA ALA B 539 21.54 -19.33 7.00
C ALA B 539 20.29 -18.48 6.93
N ASN B 540 20.48 -17.17 7.06
CA ASN B 540 19.39 -16.22 6.88
C ASN B 540 18.94 -16.22 5.42
N HIS B 541 17.62 -16.18 5.22
CA HIS B 541 17.09 -16.17 3.87
C HIS B 541 17.31 -14.82 3.20
N ASN B 542 17.11 -13.74 3.92
CA ASN B 542 17.31 -12.39 3.40
C ASN B 542 18.09 -11.56 4.41
N PHE B 543 18.79 -10.55 3.93
CA PHE B 543 19.55 -9.67 4.80
C PHE B 543 19.89 -8.39 4.07
N TYR B 544 19.80 -7.26 4.78
CA TYR B 544 20.28 -5.98 4.28
C TYR B 544 21.46 -5.48 5.11
N TRP B 545 21.25 -5.29 6.41
CA TRP B 545 22.32 -5.07 7.38
C TRP B 545 22.25 -6.07 8.52
N VAL B 546 21.07 -6.59 8.83
CA VAL B 546 20.87 -7.68 9.75
C VAL B 546 20.04 -8.74 9.03
N GLY B 547 20.24 -10.00 9.42
CA GLY B 547 19.54 -11.08 8.78
C GLY B 547 18.11 -11.22 9.27
N LYS B 548 17.34 -12.01 8.52
CA LYS B 548 15.98 -12.35 8.91
C LYS B 548 15.63 -13.70 8.32
N GLN B 549 14.62 -14.34 8.92
CA GLN B 549 14.18 -15.68 8.54
C GLN B 549 15.33 -16.66 8.65
N PRO B 550 15.79 -16.98 9.87
CA PRO B 550 16.95 -17.86 10.02
C PRO B 550 16.59 -19.32 9.76
N GLY B 551 17.25 -19.92 8.78
CA GLY B 551 17.03 -21.32 8.49
C GLY B 551 15.64 -21.65 8.00
N LEU B 552 14.92 -20.68 7.45
CA LEU B 552 13.56 -20.92 6.99
C LEU B 552 13.55 -21.88 5.81
N TYR B 553 14.52 -21.76 4.91
CA TYR B 553 14.59 -22.58 3.71
C TYR B 553 15.83 -23.47 3.78
N SER B 554 15.64 -24.75 3.43
CA SER B 554 16.70 -25.73 3.63
C SER B 554 17.80 -25.63 2.58
N ASP B 555 17.46 -25.26 1.34
CA ASP B 555 18.44 -25.27 0.26
C ASP B 555 19.52 -24.21 0.44
N ASP B 556 19.28 -23.19 1.26
CA ASP B 556 20.26 -22.13 1.45
C ASP B 556 21.52 -22.68 2.09
N SER B 557 22.60 -21.89 2.01
CA SER B 557 23.93 -22.17 2.56
C SER B 557 24.65 -23.29 1.83
N LEU B 558 24.02 -23.94 0.85
CA LEU B 558 24.70 -24.97 0.07
C LEU B 558 25.31 -24.42 -1.21
N TRP B 559 24.88 -23.24 -1.67
CA TRP B 559 25.48 -22.60 -2.82
C TRP B 559 26.77 -21.87 -2.45
N LEU B 560 26.98 -21.60 -1.16
CA LEU B 560 28.21 -20.95 -0.73
C LEU B 560 29.42 -21.82 -1.05
N LEU B 561 29.28 -23.14 -0.92
CA LEU B 561 30.36 -24.04 -1.29
C LEU B 561 30.70 -23.93 -2.77
N GLN B 562 29.68 -23.85 -3.62
CA GLN B 562 29.92 -23.69 -5.05
C GLN B 562 30.62 -22.36 -5.34
N ALA B 563 30.19 -21.29 -4.69
CA ALA B 563 30.83 -19.99 -4.91
C ALA B 563 32.29 -20.03 -4.50
N TYR B 564 32.58 -20.59 -3.32
CA TYR B 564 33.96 -20.67 -2.87
C TYR B 564 34.79 -21.56 -3.78
N TYR B 565 34.22 -22.66 -4.26
CA TYR B 565 34.94 -23.53 -5.17
C TYR B 565 35.30 -22.81 -6.45
N ARG B 566 34.34 -22.07 -7.02
CA ARG B 566 34.61 -21.32 -8.25
C ARG B 566 35.72 -20.31 -8.02
N TYR B 567 35.63 -19.53 -6.94
CA TYR B 567 36.63 -18.50 -6.68
C TYR B 567 38.01 -19.12 -6.49
N ILE B 568 38.10 -20.19 -5.70
CA ILE B 568 39.40 -20.78 -5.40
C ILE B 568 39.99 -21.43 -6.63
N ILE B 569 39.16 -22.10 -7.45
CA ILE B 569 39.67 -22.71 -8.67
C ILE B 569 40.19 -21.66 -9.63
N TYR B 570 39.45 -20.56 -9.79
CA TYR B 570 39.89 -19.54 -10.74
C TYR B 570 41.13 -18.81 -10.26
N THR B 571 41.20 -18.47 -8.97
CA THR B 571 42.26 -17.61 -8.47
C THR B 571 43.40 -18.35 -7.79
N LYS B 572 43.20 -19.61 -7.41
CA LYS B 572 44.20 -20.39 -6.67
C LYS B 572 44.58 -19.68 -5.37
N ASP B 573 43.59 -19.05 -4.73
CA ASP B 573 43.78 -18.28 -3.51
C ASP B 573 43.06 -19.01 -2.38
N THR B 574 43.81 -19.83 -1.64
CA THR B 574 43.25 -20.57 -0.52
C THR B 574 43.29 -19.79 0.79
N SER B 575 43.92 -18.62 0.80
CA SER B 575 44.03 -17.85 2.03
C SER B 575 42.66 -17.46 2.58
N VAL B 576 41.65 -17.36 1.72
CA VAL B 576 40.31 -17.02 2.16
C VAL B 576 39.76 -18.06 3.13
N LEU B 577 40.34 -19.27 3.14
CA LEU B 577 39.91 -20.28 4.09
C LEU B 577 40.28 -19.92 5.53
N ASN B 578 41.28 -19.08 5.73
CA ASN B 578 41.73 -18.71 7.07
C ASN B 578 41.11 -17.41 7.58
N GLU B 579 40.25 -16.78 6.80
CA GLU B 579 39.64 -15.52 7.22
C GLU B 579 38.68 -15.74 8.37
N GLU B 580 38.70 -14.84 9.34
CA GLU B 580 37.80 -14.88 10.49
C GLU B 580 36.58 -14.03 10.17
N VAL B 581 35.42 -14.67 10.03
CA VAL B 581 34.18 -13.97 9.71
C VAL B 581 33.24 -14.10 10.89
N PRO B 582 32.52 -13.05 11.27
CA PRO B 582 31.54 -13.18 12.35
C PRO B 582 30.42 -14.13 11.97
N VAL B 583 29.92 -14.87 12.96
CA VAL B 583 28.82 -15.79 12.73
C VAL B 583 27.49 -15.04 12.83
N ALA B 584 26.46 -15.62 12.23
CA ALA B 584 25.14 -14.99 12.24
C ALA B 584 24.46 -15.07 13.60
N ASP B 585 24.99 -15.86 14.53
CA ASP B 585 24.37 -15.98 15.85
C ASP B 585 24.42 -14.68 16.63
N GLY B 586 25.25 -13.74 16.23
CA GLY B 586 25.36 -12.47 16.95
C GLY B 586 26.49 -12.46 17.95
N ASN B 587 26.33 -11.69 19.01
CA ASN B 587 27.34 -11.54 20.07
C ASN B 587 28.62 -11.02 19.38
N ASN B 588 29.77 -11.65 19.60
CA ASN B 588 30.98 -11.25 18.89
C ASN B 588 31.80 -12.45 18.44
N GLU B 589 31.18 -13.62 18.34
CA GLU B 589 31.90 -14.81 17.92
C GLU B 589 32.31 -14.71 16.45
N LYS B 590 33.54 -15.12 16.17
CA LYS B 590 34.07 -15.15 14.82
C LYS B 590 34.65 -16.52 14.55
N ARG B 591 34.39 -17.05 13.36
CA ARG B 591 34.81 -18.39 12.98
C ARG B 591 35.58 -18.34 11.67
N ALA B 592 36.50 -19.28 11.50
CA ALA B 592 37.21 -19.40 10.25
C ALA B 592 36.27 -19.87 9.15
N VAL B 593 36.59 -19.50 7.91
CA VAL B 593 35.74 -19.86 6.79
C VAL B 593 35.71 -21.37 6.59
N ARG B 594 36.87 -22.03 6.78
CA ARG B 594 36.92 -23.48 6.63
C ARG B 594 36.00 -24.18 7.62
N GLU B 595 35.99 -23.72 8.88
CA GLU B 595 35.09 -24.30 9.87
C GLU B 595 33.64 -24.04 9.52
N THR B 596 33.33 -22.87 8.95
CA THR B 596 31.97 -22.58 8.52
C THR B 596 31.53 -23.53 7.41
N LEU B 597 32.42 -23.79 6.45
CA LEU B 597 32.08 -24.73 5.38
C LEU B 597 31.88 -26.14 5.93
N LYS B 598 32.73 -26.55 6.87
CA LYS B 598 32.57 -27.86 7.49
C LYS B 598 31.25 -27.96 8.24
N ALA B 599 30.89 -26.90 8.96
CA ALA B 599 29.61 -26.90 9.67
C ALA B 599 28.44 -26.95 8.71
N ILE B 600 28.54 -26.24 7.57
CA ILE B 600 27.49 -26.30 6.57
C ILE B 600 27.32 -27.72 6.05
N ILE B 601 28.44 -28.39 5.77
CA ILE B 601 28.38 -29.77 5.29
C ILE B 601 27.76 -30.66 6.35
N GLN B 602 28.15 -30.49 7.61
CA GLN B 602 27.65 -31.34 8.68
C GLN B 602 26.15 -31.15 8.89
N TYR B 603 25.67 -29.91 8.79
CA TYR B 603 24.26 -29.63 9.05
C TYR B 603 23.34 -30.33 8.07
N SER B 604 23.83 -30.67 6.87
CA SER B 604 23.00 -31.34 5.88
C SER B 604 23.38 -32.80 5.66
N ALA B 605 24.55 -33.23 6.11
CA ALA B 605 24.98 -34.61 5.94
C ALA B 605 24.71 -35.49 7.16
N CYS B 606 24.80 -34.93 8.36
CA CYS B 606 24.62 -35.71 9.59
C CYS B 606 23.37 -35.27 10.35
N ILE B 607 23.27 -33.99 10.68
CA ILE B 607 22.09 -33.45 11.34
C ILE B 607 21.06 -33.09 10.27
N SER B 608 19.82 -32.86 10.68
CA SER B 608 18.76 -32.38 9.80
C SER B 608 18.60 -33.30 8.59
N VAL B 609 18.54 -34.60 8.85
CA VAL B 609 18.32 -35.60 7.80
C VAL B 609 17.13 -36.46 8.20
N GLY B 610 16.50 -37.04 7.19
CA GLY B 610 15.31 -37.85 7.39
C GLY B 610 15.64 -39.30 7.65
N ASP B 611 14.62 -40.15 7.52
CA ASP B 611 14.81 -41.57 7.76
C ASP B 611 15.74 -42.22 6.74
N HIS B 612 15.81 -41.66 5.54
CA HIS B 612 16.66 -42.20 4.49
C HIS B 612 18.03 -41.53 4.44
N GLY B 613 18.32 -40.60 5.35
CA GLY B 613 19.61 -39.94 5.37
C GLY B 613 19.74 -38.76 4.44
N LEU B 614 18.66 -38.32 3.83
CA LEU B 614 18.71 -37.17 2.94
C LEU B 614 18.28 -35.91 3.67
N PRO B 615 18.73 -34.74 3.22
CA PRO B 615 18.40 -33.49 3.91
C PRO B 615 16.90 -33.24 3.95
N LEU B 616 16.46 -32.62 5.05
CA LEU B 616 15.04 -32.33 5.23
C LEU B 616 14.60 -31.21 4.30
N LEU B 617 13.28 -31.07 4.16
CA LEU B 617 12.70 -30.08 3.27
C LEU B 617 12.57 -28.71 3.93
N ASP B 618 12.12 -28.67 5.19
CA ASP B 618 11.98 -27.42 5.95
C ASP B 618 11.07 -26.42 5.24
N LEU B 619 9.92 -26.92 4.80
CA LEU B 619 8.81 -26.17 4.21
C LEU B 619 9.11 -25.68 2.79
N ALA B 620 10.37 -25.74 2.36
CA ALA B 620 10.71 -25.44 0.99
C ALA B 620 12.19 -25.69 0.75
N ASP B 621 12.51 -26.28 -0.39
CA ASP B 621 13.83 -26.25 -0.98
C ASP B 621 13.88 -25.06 -1.95
N TRP B 622 14.85 -25.06 -2.86
CA TRP B 622 14.95 -24.05 -3.92
C TRP B 622 13.58 -23.69 -4.50
N ASN B 623 12.72 -24.68 -4.67
CA ASN B 623 11.34 -24.44 -5.10
C ASN B 623 10.57 -23.83 -3.92
N ASP B 624 10.25 -22.54 -4.03
CA ASP B 624 9.64 -21.83 -2.91
C ASP B 624 8.20 -22.25 -2.65
N CYS B 625 7.54 -22.87 -3.63
CA CYS B 625 6.14 -23.25 -3.50
C CYS B 625 5.95 -24.72 -3.18
N LEU B 626 7.02 -25.44 -2.84
CA LEU B 626 6.93 -26.87 -2.54
C LEU B 626 6.78 -27.07 -1.04
N LYS B 627 5.65 -26.60 -0.51
CA LYS B 627 5.36 -26.67 0.92
C LYS B 627 4.63 -27.97 1.23
N ILE B 628 5.39 -29.06 1.19
CA ILE B 628 4.82 -30.38 1.48
C ILE B 628 4.48 -30.51 2.96
N ASP B 629 5.36 -30.04 3.84
CA ASP B 629 5.17 -30.18 5.27
C ASP B 629 4.47 -28.96 5.83
N SER B 630 3.38 -29.19 6.57
CA SER B 630 2.62 -28.11 7.18
C SER B 630 3.08 -27.76 8.59
N ASN B 631 3.73 -28.68 9.27
CA ASN B 631 4.23 -28.46 10.64
C ASN B 631 5.73 -28.23 10.66
N SER B 632 6.26 -27.55 9.66
CA SER B 632 7.68 -27.33 9.55
C SER B 632 8.17 -26.33 10.60
N ILE B 633 9.48 -26.33 10.82
CA ILE B 633 10.13 -25.42 11.75
C ILE B 633 11.35 -24.80 11.07
N ASP B 634 11.76 -23.65 11.60
CA ASP B 634 12.90 -22.92 11.05
C ASP B 634 14.18 -23.37 11.75
N GLY B 635 15.27 -22.64 11.52
CA GLY B 635 16.56 -23.05 12.05
C GLY B 635 16.65 -22.93 13.57
N ALA B 636 16.11 -21.84 14.14
CA ALA B 636 16.24 -21.63 15.57
C ALA B 636 15.44 -22.65 16.37
N THR B 637 14.19 -22.90 15.96
CA THR B 637 13.37 -23.89 16.64
C THR B 637 13.99 -25.27 16.53
N LYS B 638 14.51 -25.60 15.35
CA LYS B 638 15.17 -26.90 15.17
C LYS B 638 16.39 -27.01 16.06
N GLU B 639 17.17 -25.92 16.19
CA GLU B 639 18.33 -25.94 17.05
C GLU B 639 17.94 -26.18 18.51
N LYS B 640 16.91 -25.47 18.97
CA LYS B 640 16.47 -25.65 20.35
C LYS B 640 15.99 -27.08 20.60
N LEU B 641 15.18 -27.61 19.68
CA LEU B 641 14.68 -28.97 19.84
C LEU B 641 15.81 -29.99 19.78
N TYR B 642 16.79 -29.76 18.90
CA TYR B 642 17.93 -30.66 18.80
C TYR B 642 18.74 -30.68 20.08
N TYR B 643 18.98 -29.50 20.66
CA TYR B 643 19.73 -29.46 21.92
C TYR B 643 18.96 -30.14 23.04
N GLU B 644 17.64 -29.93 23.10
CA GLU B 644 16.83 -30.60 24.11
C GLU B 644 16.88 -32.11 23.94
N GLN B 645 16.79 -32.58 22.69
CA GLN B 645 16.86 -34.01 22.42
C GLN B 645 18.21 -34.58 22.82
N LEU B 646 19.30 -33.88 22.48
CA LEU B 646 20.62 -34.35 22.86
C LEU B 646 20.77 -34.44 24.37
N LYS B 647 20.25 -33.45 25.09
CA LYS B 647 20.32 -33.47 26.54
C LYS B 647 19.51 -34.62 27.12
N LYS B 648 18.30 -34.84 26.62
CA LYS B 648 17.41 -35.82 27.23
C LYS B 648 17.78 -37.26 26.87
N THR B 649 18.30 -37.51 25.68
CA THR B 649 18.59 -38.86 25.22
C THR B 649 20.04 -39.27 25.49
N ASN B 650 20.83 -38.40 26.11
CA ASN B 650 22.27 -38.64 26.31
C ASN B 650 22.95 -38.89 24.97
N GLY B 651 22.89 -37.90 24.08
CA GLY B 651 23.52 -37.99 22.78
C GLY B 651 24.76 -37.12 22.70
N LYS B 652 25.28 -37.02 21.48
CA LYS B 652 26.45 -36.20 21.20
C LYS B 652 26.20 -35.34 19.97
N TYR B 653 26.88 -34.21 19.91
CA TYR B 653 26.70 -33.29 18.80
C TYR B 653 27.10 -33.95 17.49
N GLY B 654 26.28 -33.74 16.46
CA GLY B 654 26.46 -34.37 15.19
C GLY B 654 25.53 -35.54 14.91
N ASP B 655 24.73 -35.94 15.89
CA ASP B 655 23.77 -37.02 15.69
C ASP B 655 22.55 -36.51 14.93
N ARG B 656 21.78 -37.45 14.39
CA ARG B 656 20.61 -37.09 13.60
C ARG B 656 19.53 -36.46 14.48
N PHE B 657 18.90 -35.41 13.97
CA PHE B 657 17.75 -34.79 14.62
C PHE B 657 16.52 -35.62 14.28
N MET B 658 15.99 -36.35 15.27
CA MET B 658 14.91 -37.28 15.01
C MET B 658 13.61 -36.54 14.72
N SER B 659 12.95 -36.93 13.63
CA SER B 659 11.68 -36.34 13.23
C SER B 659 11.11 -37.21 12.11
N ASP B 660 9.98 -36.79 11.55
CA ASP B 660 9.34 -37.49 10.45
C ASP B 660 9.07 -36.55 9.28
N TYR B 661 9.87 -35.50 9.14
CA TYR B 661 9.68 -34.54 8.07
C TYR B 661 10.12 -35.15 6.73
N SER B 662 9.66 -34.52 5.65
CA SER B 662 9.98 -34.99 4.31
C SER B 662 11.41 -34.66 3.95
N GLU B 663 11.95 -35.42 3.00
CA GLU B 663 13.32 -35.25 2.53
C GLU B 663 13.33 -34.67 1.13
N SER B 664 14.33 -33.85 0.85
CA SER B 664 14.49 -33.21 -0.45
C SER B 664 15.67 -33.85 -1.18
N VAL B 665 15.42 -34.29 -2.41
CA VAL B 665 16.47 -34.94 -3.19
C VAL B 665 17.33 -33.90 -3.91
N MET B 666 16.75 -32.76 -4.29
CA MET B 666 17.56 -31.69 -4.85
C MET B 666 18.57 -31.18 -3.84
N ASN B 667 18.17 -31.09 -2.57
CA ASN B 667 19.12 -30.75 -1.52
C ASN B 667 20.20 -31.81 -1.40
N ALA B 668 19.85 -33.07 -1.61
CA ALA B 668 20.86 -34.13 -1.58
C ALA B 668 21.88 -33.96 -2.70
N PHE B 669 21.40 -33.62 -3.91
CA PHE B 669 22.32 -33.38 -5.01
C PHE B 669 23.22 -32.18 -4.73
N LEU B 670 22.64 -31.11 -4.20
CA LEU B 670 23.44 -29.94 -3.83
C LEU B 670 24.48 -30.29 -2.78
N LEU B 671 24.10 -31.11 -1.80
CA LEU B 671 25.04 -31.52 -0.76
C LEU B 671 26.17 -32.35 -1.35
N LYS B 672 25.86 -33.27 -2.26
CA LYS B 672 26.90 -34.07 -2.89
C LYS B 672 27.88 -33.19 -3.66
N LEU B 673 27.34 -32.23 -4.43
CA LEU B 673 28.21 -31.32 -5.17
C LEU B 673 29.08 -30.50 -4.24
N ALA B 674 28.50 -30.01 -3.14
CA ALA B 674 29.25 -29.23 -2.17
C ALA B 674 30.35 -30.05 -1.53
N ILE B 675 30.06 -31.31 -1.21
CA ILE B 675 31.07 -32.18 -0.61
C ILE B 675 32.22 -32.43 -1.58
N ASP B 676 31.90 -32.68 -2.85
CA ASP B 676 32.96 -32.85 -3.84
C ASP B 676 33.81 -31.59 -3.96
N HIS B 677 33.16 -30.42 -3.99
CA HIS B 677 33.90 -29.17 -4.10
C HIS B 677 34.80 -28.95 -2.88
N LEU B 678 34.30 -29.25 -1.69
CA LEU B 678 35.10 -29.09 -0.48
C LEU B 678 36.27 -30.07 -0.48
N ALA B 679 36.06 -31.29 -0.96
CA ALA B 679 37.17 -32.24 -1.06
C ALA B 679 38.24 -31.72 -2.00
N GLU B 680 37.84 -31.18 -3.16
CA GLU B 680 38.83 -30.64 -4.09
C GLU B 680 39.55 -29.44 -3.49
N ILE B 681 38.83 -28.58 -2.77
CA ILE B 681 39.45 -27.42 -2.14
C ILE B 681 40.47 -27.86 -1.10
N ALA B 682 40.11 -28.85 -0.28
CA ALA B 682 41.03 -29.36 0.72
C ALA B 682 42.26 -29.98 0.08
N THR B 683 42.07 -30.68 -1.04
CA THR B 683 43.22 -31.21 -1.78
C THR B 683 44.12 -30.09 -2.26
N LEU B 684 43.53 -29.01 -2.77
CA LEU B 684 44.33 -27.86 -3.20
C LEU B 684 44.97 -27.14 -2.03
N ASP B 685 44.44 -27.28 -0.82
CA ASP B 685 44.96 -26.64 0.37
C ASP B 685 45.95 -27.51 1.14
N ASN B 686 46.30 -28.68 0.59
CA ASN B 686 47.19 -29.63 1.27
C ASN B 686 46.60 -30.07 2.60
N ASP B 687 45.29 -30.28 2.62
CA ASP B 687 44.57 -30.78 3.80
C ASP B 687 44.15 -32.21 3.48
N THR B 688 45.06 -33.16 3.76
CA THR B 688 44.88 -34.52 3.27
C THR B 688 43.72 -35.23 3.97
N GLN B 689 43.67 -35.17 5.29
CA GLN B 689 42.65 -35.94 6.00
C GLN B 689 41.25 -35.36 5.78
N LEU B 690 41.15 -34.04 5.63
CA LEU B 690 39.87 -33.44 5.30
C LEU B 690 39.41 -33.88 3.92
N ALA B 691 40.34 -33.93 2.96
CA ALA B 691 39.99 -34.38 1.61
C ALA B 691 39.53 -35.84 1.63
N GLN B 692 40.23 -36.69 2.37
CA GLN B 692 39.85 -38.10 2.43
C GLN B 692 38.49 -38.28 3.09
N GLN B 693 38.25 -37.54 4.19
CA GLN B 693 36.95 -37.61 4.86
C GLN B 693 35.83 -37.14 3.95
N MET B 694 36.05 -36.05 3.22
CA MET B 694 35.03 -35.55 2.31
C MET B 694 34.79 -36.51 1.16
N SER B 695 35.84 -37.16 0.65
CA SER B 695 35.65 -38.13 -0.41
C SER B 695 34.81 -39.31 0.07
N GLU B 696 35.10 -39.81 1.27
CA GLU B 696 34.30 -40.91 1.81
C GLU B 696 32.86 -40.49 2.03
N LEU B 697 32.65 -39.27 2.55
CA LEU B 697 31.29 -38.78 2.76
C LEU B 697 30.55 -38.63 1.45
N SER B 698 31.23 -38.16 0.41
CA SER B 698 30.61 -38.02 -0.90
C SER B 698 30.21 -39.38 -1.45
N LYS B 699 31.08 -40.39 -1.30
CA LYS B 699 30.73 -41.73 -1.75
C LYS B 699 29.52 -42.26 -1.00
N GLU B 700 29.47 -42.04 0.31
CA GLU B 700 28.32 -42.51 1.11
C GLU B 700 27.04 -41.82 0.68
N VAL B 701 27.10 -40.51 0.45
CA VAL B 701 25.91 -39.76 0.04
C VAL B 701 25.44 -40.22 -1.34
N THR B 702 26.39 -40.47 -2.25
CA THR B 702 26.02 -41.00 -3.56
C THR B 702 25.33 -42.35 -3.45
N ASP B 703 25.86 -43.22 -2.60
CA ASP B 703 25.23 -44.52 -2.40
C ASP B 703 23.81 -44.36 -1.85
N ARG B 704 23.64 -43.47 -0.87
CA ARG B 704 22.31 -43.25 -0.31
C ARG B 704 21.33 -42.73 -1.36
N ILE B 705 21.77 -41.77 -2.17
CA ILE B 705 20.91 -41.22 -3.21
C ILE B 705 20.52 -42.29 -4.22
N GLN B 706 21.50 -43.09 -4.65
CA GLN B 706 21.22 -44.13 -5.63
C GLN B 706 20.27 -45.18 -5.05
N LYS B 707 20.42 -45.50 -3.77
CA LYS B 707 19.60 -46.55 -3.17
C LYS B 707 18.17 -46.08 -2.94
N HIS B 708 17.98 -44.83 -2.50
CA HIS B 708 16.67 -44.40 -2.02
C HIS B 708 15.96 -43.42 -2.93
N ALA B 709 16.64 -42.76 -3.85
CA ALA B 709 16.00 -41.75 -4.68
C ALA B 709 15.68 -42.23 -6.09
N TRP B 710 16.43 -43.20 -6.62
CA TRP B 710 16.16 -43.71 -7.95
C TRP B 710 14.94 -44.62 -7.92
N LYS B 711 14.01 -44.40 -8.84
CA LYS B 711 12.76 -45.15 -8.90
C LYS B 711 12.55 -45.75 -10.28
N GLU B 712 13.62 -46.30 -10.87
CA GLU B 712 13.63 -47.14 -12.06
C GLU B 712 13.07 -46.44 -13.30
N ASN B 713 12.64 -45.18 -13.15
CA ASN B 713 12.21 -44.37 -14.28
C ASN B 713 12.73 -42.95 -14.24
N PHE B 714 13.08 -42.42 -13.07
CA PHE B 714 13.46 -41.02 -12.90
C PHE B 714 14.06 -40.92 -11.50
N PHE B 715 14.44 -39.70 -11.12
CA PHE B 715 14.89 -39.42 -9.76
C PHE B 715 13.77 -38.74 -9.00
N ALA B 716 13.41 -39.30 -7.86
CA ALA B 716 12.33 -38.74 -7.06
C ALA B 716 12.68 -37.34 -6.59
N ARG B 717 11.64 -36.53 -6.38
CA ARG B 717 11.83 -35.16 -5.94
C ARG B 717 11.79 -35.02 -4.43
N VAL B 718 10.76 -35.57 -3.80
CA VAL B 718 10.57 -35.48 -2.35
C VAL B 718 10.25 -36.87 -1.83
N LEU B 719 10.89 -37.24 -0.72
CA LEU B 719 10.60 -38.48 -0.02
C LEU B 719 9.72 -38.17 1.18
N ILE B 720 8.58 -38.86 1.28
CA ILE B 720 7.59 -38.59 2.31
C ILE B 720 7.66 -39.70 3.36
N ASN B 721 7.72 -39.30 4.63
CA ASN B 721 7.85 -40.24 5.73
C ASN B 721 6.72 -40.12 6.75
N ARG B 722 5.81 -39.17 6.60
CA ARG B 722 4.79 -38.95 7.61
C ARG B 722 3.64 -39.95 7.53
N TYR B 723 3.52 -40.69 6.43
CA TYR B 723 2.45 -41.67 6.27
C TYR B 723 3.03 -43.06 6.54
N LYS B 724 2.74 -43.59 7.72
CA LYS B 724 3.23 -44.90 8.11
C LYS B 724 2.44 -46.05 7.49
N ASP B 725 1.26 -45.77 6.95
CA ASP B 725 0.47 -46.81 6.29
C ASP B 725 0.92 -47.09 4.86
N GLY B 726 1.84 -46.29 4.33
CA GLY B 726 2.35 -46.50 2.98
C GLY B 726 1.49 -45.94 1.88
N SER B 727 0.52 -45.08 2.19
CA SER B 727 -0.31 -44.49 1.15
C SER B 727 0.51 -43.64 0.19
N TYR B 728 1.42 -42.83 0.72
CA TYR B 728 2.32 -42.02 -0.09
C TYR B 728 3.72 -42.08 0.50
N THR B 729 4.69 -42.40 -0.33
CA THR B 729 6.08 -42.53 0.11
C THR B 729 7.05 -41.63 -0.62
N TYR B 730 6.79 -41.28 -1.87
CA TYR B 730 7.69 -40.42 -2.63
C TYR B 730 6.90 -39.63 -3.65
N LEU B 731 7.52 -38.58 -4.16
CA LEU B 731 6.91 -37.71 -5.16
C LEU B 731 7.97 -37.35 -6.19
N GLY B 732 7.63 -37.47 -7.47
CA GLY B 732 8.53 -37.06 -8.53
C GLY B 732 9.07 -38.20 -9.37
N ALA B 733 8.32 -39.29 -9.48
CA ALA B 733 8.73 -40.42 -10.30
C ALA B 733 7.49 -41.24 -10.61
N LYS B 734 7.67 -42.25 -11.47
CA LYS B 734 6.56 -43.11 -11.85
C LYS B 734 6.11 -43.95 -10.66
N GLY B 735 4.79 -44.07 -10.51
CA GLY B 735 4.23 -44.86 -9.43
C GLY B 735 4.02 -44.12 -8.13
N ASP B 736 4.16 -42.79 -8.13
CA ASP B 736 3.95 -42.03 -6.90
C ASP B 736 2.47 -41.77 -6.60
N LYS B 737 1.57 -42.10 -7.53
CA LYS B 737 0.13 -41.98 -7.32
C LYS B 737 -0.27 -40.54 -6.97
N LEU B 738 0.37 -39.58 -7.62
CA LEU B 738 0.07 -38.16 -7.37
C LEU B 738 -0.11 -37.36 -8.66
N SER B 739 -0.28 -38.03 -9.80
CA SER B 739 -0.42 -37.34 -11.07
C SER B 739 -1.85 -36.86 -11.26
N ALA B 740 -1.99 -35.60 -11.70
CA ALA B 740 -3.30 -35.05 -12.02
C ALA B 740 -3.73 -35.34 -13.45
N ASP B 741 -2.83 -35.87 -14.28
CA ASP B 741 -3.14 -36.22 -15.66
C ASP B 741 -3.22 -37.73 -15.79
N PRO B 742 -4.38 -38.28 -16.15
CA PRO B 742 -4.47 -39.75 -16.27
C PRO B 742 -3.56 -40.34 -17.33
N ASN B 743 -3.11 -39.55 -18.30
CA ASN B 743 -2.19 -40.05 -19.32
C ASN B 743 -0.75 -40.08 -18.85
N ILE B 744 -0.44 -39.49 -17.70
CA ILE B 744 0.91 -39.48 -17.14
C ILE B 744 0.92 -40.35 -15.89
N ASP B 745 1.85 -41.30 -15.84
CA ASP B 745 1.89 -42.25 -14.73
C ASP B 745 2.22 -41.55 -13.41
N GLY B 746 3.15 -40.61 -13.45
CA GLY B 746 3.55 -39.93 -12.23
C GLY B 746 4.03 -38.52 -12.51
N VAL B 747 4.23 -37.78 -11.42
CA VAL B 747 4.73 -36.41 -11.51
C VAL B 747 6.23 -36.45 -11.80
N TYR B 748 6.70 -35.50 -12.60
CA TYR B 748 8.12 -35.41 -12.95
C TYR B 748 8.61 -33.99 -12.75
N PHE B 749 9.79 -33.84 -12.15
CA PHE B 749 10.39 -32.55 -11.89
C PHE B 749 11.66 -32.41 -12.71
N LEU B 750 11.82 -31.26 -13.36
CA LEU B 750 13.00 -31.03 -14.18
C LEU B 750 14.26 -30.92 -13.34
N ASN B 751 14.15 -30.32 -12.15
CA ASN B 751 15.32 -30.12 -11.31
C ASN B 751 15.95 -31.43 -10.89
N SER B 752 15.15 -32.50 -10.77
CA SER B 752 15.70 -33.80 -10.40
C SER B 752 16.74 -34.24 -11.43
N PHE B 753 16.37 -34.25 -12.71
CA PHE B 753 17.33 -34.59 -13.75
C PHE B 753 18.47 -33.60 -13.81
N ALA B 754 18.15 -32.30 -13.71
CA ALA B 754 19.17 -31.27 -13.88
C ALA B 754 20.28 -31.43 -12.84
N TRP B 755 19.91 -31.59 -11.57
CA TRP B 755 20.90 -31.68 -10.52
C TRP B 755 21.37 -33.09 -10.26
N SER B 756 20.76 -34.10 -10.89
CA SER B 756 21.39 -35.41 -10.92
C SER B 756 22.55 -35.41 -11.90
N VAL B 757 22.38 -34.75 -13.04
CA VAL B 757 23.48 -34.66 -14.01
C VAL B 757 24.56 -33.70 -13.50
N LEU B 758 24.14 -32.54 -12.95
CA LEU B 758 25.12 -31.54 -12.54
C LEU B 758 26.00 -32.04 -11.40
N SER B 759 25.43 -32.78 -10.46
CA SER B 759 26.18 -33.28 -9.32
C SER B 759 26.97 -34.55 -9.63
N ASP B 760 26.91 -35.03 -10.87
CA ASP B 760 27.65 -36.22 -11.30
C ASP B 760 27.28 -37.44 -10.48
N VAL B 761 25.96 -37.65 -10.30
CA VAL B 761 25.44 -38.80 -9.61
C VAL B 761 24.83 -39.80 -10.59
N ALA B 762 24.07 -39.33 -11.56
CA ALA B 762 23.42 -40.22 -12.52
C ALA B 762 24.43 -40.87 -13.45
N THR B 763 24.10 -42.10 -13.87
CA THR B 763 24.91 -42.82 -14.82
C THR B 763 24.41 -42.57 -16.24
N ASP B 764 25.13 -43.11 -17.22
CA ASP B 764 24.77 -42.88 -18.63
C ASP B 764 23.41 -43.46 -18.96
N GLU B 765 23.12 -44.68 -18.48
CA GLU B 765 21.82 -45.29 -18.72
C GLU B 765 20.71 -44.48 -18.08
N GLN B 766 20.93 -44.03 -16.84
CA GLN B 766 19.95 -43.18 -16.19
C GLN B 766 19.77 -41.86 -16.94
N ILE B 767 20.86 -41.30 -17.45
CA ILE B 767 20.77 -40.07 -18.23
C ILE B 767 19.91 -40.28 -19.47
N ALA B 768 20.12 -41.39 -20.18
CA ALA B 768 19.32 -41.69 -21.36
C ALA B 768 17.85 -41.86 -21.01
N ILE B 769 17.57 -42.59 -19.92
CA ILE B 769 16.18 -42.81 -19.52
C ILE B 769 15.49 -41.50 -19.18
N MET B 770 16.16 -40.64 -18.41
CA MET B 770 15.56 -39.36 -18.06
C MET B 770 15.42 -38.45 -19.29
N VAL B 771 16.35 -38.54 -20.24
CA VAL B 771 16.21 -37.76 -21.47
C VAL B 771 14.97 -38.20 -22.24
N ASP B 772 14.76 -39.51 -22.34
CA ASP B 772 13.54 -40.00 -23.00
C ASP B 772 12.29 -39.53 -22.28
N VAL B 773 12.30 -39.59 -20.94
CA VAL B 773 11.13 -39.15 -20.18
C VAL B 773 10.88 -37.67 -20.39
N ILE B 774 11.95 -36.87 -20.40
CA ILE B 774 11.81 -35.42 -20.60
C ILE B 774 11.22 -35.13 -21.98
N LYS B 775 11.74 -35.81 -23.01
CA LYS B 775 11.21 -35.60 -24.35
C LYS B 775 9.75 -36.03 -24.44
N LYS B 776 9.36 -37.05 -23.67
CA LYS B 776 7.98 -37.52 -23.73
C LYS B 776 7.03 -36.56 -23.01
N HIS B 777 7.44 -36.04 -21.86
CA HIS B 777 6.52 -35.30 -20.99
C HIS B 777 6.92 -33.85 -20.77
N LEU B 778 8.18 -33.59 -20.44
CA LEU B 778 8.60 -32.27 -19.98
C LEU B 778 8.94 -31.31 -21.12
N LEU B 779 8.89 -31.74 -22.37
CA LEU B 779 9.23 -30.90 -23.50
C LEU B 779 7.96 -30.34 -24.12
N THR B 780 7.88 -29.03 -24.23
CA THR B 780 6.73 -28.31 -24.75
C THR B 780 7.19 -27.41 -25.89
N PRO B 781 6.27 -26.97 -26.76
CA PRO B 781 6.67 -26.06 -27.83
C PRO B 781 7.29 -24.77 -27.35
N TYR B 782 6.98 -24.34 -26.13
CA TYR B 782 7.54 -23.13 -25.56
C TYR B 782 8.75 -23.39 -24.68
N GLY B 783 9.19 -24.65 -24.55
CA GLY B 783 10.39 -24.96 -23.82
C GLY B 783 10.16 -26.09 -22.84
N LEU B 784 11.07 -26.22 -21.88
CA LEU B 784 11.03 -27.26 -20.87
C LEU B 784 10.23 -26.76 -19.68
N ARG B 785 9.08 -27.39 -19.42
CA ARG B 785 8.26 -26.98 -18.29
C ARG B 785 8.88 -27.45 -16.98
N LEU B 786 8.56 -26.72 -15.91
CA LEU B 786 9.14 -27.01 -14.60
C LEU B 786 8.68 -28.37 -14.07
N VAL B 787 7.40 -28.68 -14.21
CA VAL B 787 6.84 -29.88 -13.60
C VAL B 787 5.59 -30.28 -14.36
N THR B 788 5.35 -31.58 -14.48
CA THR B 788 4.14 -32.09 -15.08
C THR B 788 2.95 -31.82 -14.16
N PRO B 789 1.73 -31.89 -14.69
CA PRO B 789 0.55 -31.66 -13.84
C PRO B 789 0.54 -32.61 -12.64
N ALA B 790 0.20 -32.06 -11.48
CA ALA B 790 0.26 -32.79 -10.22
C ALA B 790 -1.00 -32.52 -9.41
N ASP B 791 -1.23 -33.39 -8.43
CA ASP B 791 -2.41 -33.35 -7.57
C ASP B 791 -1.98 -33.30 -6.10
N LEU B 792 -1.08 -32.37 -5.78
CA LEU B 792 -0.48 -32.29 -4.46
C LEU B 792 -1.49 -31.96 -3.37
N ASN B 793 -2.70 -31.50 -3.72
CA ASN B 793 -3.69 -31.17 -2.70
C ASN B 793 -4.10 -32.38 -1.88
N LYS B 794 -3.83 -33.60 -2.37
CA LYS B 794 -4.19 -34.79 -1.63
C LYS B 794 -3.27 -35.06 -0.45
N ILE B 795 -2.10 -34.43 -0.40
CA ILE B 795 -1.16 -34.68 0.70
C ILE B 795 -0.88 -33.38 1.44
N ALA B 796 -1.01 -32.25 0.76
CA ALA B 796 -0.70 -30.96 1.38
C ALA B 796 -1.31 -29.84 0.56
N ASN B 797 -1.93 -28.88 1.23
CA ASN B 797 -2.43 -27.69 0.58
C ASN B 797 -1.35 -26.62 0.56
N ASP B 798 -1.69 -25.44 0.06
CA ASP B 798 -0.78 -24.29 0.01
C ASP B 798 0.48 -24.63 -0.80
N THR B 799 0.32 -25.42 -1.84
CA THR B 799 1.40 -25.74 -2.76
C THR B 799 1.24 -24.92 -4.04
N ALA B 800 2.10 -25.20 -5.03
CA ALA B 800 2.01 -24.47 -6.29
C ALA B 800 0.71 -24.78 -7.01
N THR B 801 0.26 -26.03 -6.97
CA THR B 801 -0.98 -26.40 -7.64
C THR B 801 -2.20 -25.76 -7.00
N GLY B 802 -2.09 -25.29 -5.76
CA GLY B 802 -3.18 -24.62 -5.08
C GLY B 802 -3.12 -23.11 -5.10
N HIS B 803 -2.22 -22.52 -5.88
CA HIS B 803 -2.07 -21.07 -5.92
C HIS B 803 -2.28 -20.47 -7.31
N TYR B 804 -1.76 -21.10 -8.35
CA TYR B 804 -1.78 -20.52 -9.68
C TYR B 804 -2.53 -21.41 -10.65
N PHE B 805 -3.09 -20.79 -11.70
CA PHE B 805 -3.63 -21.56 -12.80
C PHE B 805 -2.52 -22.36 -13.46
N PHE B 806 -2.90 -23.48 -14.08
CA PHE B 806 -1.91 -24.30 -14.75
C PHE B 806 -1.21 -23.51 -15.84
N GLY B 807 0.11 -23.56 -15.85
CA GLY B 807 0.89 -22.79 -16.78
C GLY B 807 1.42 -21.47 -16.26
N ASP B 808 1.29 -21.20 -14.96
CA ASP B 808 1.79 -19.97 -14.36
C ASP B 808 2.78 -20.30 -13.26
N ARG B 809 3.96 -19.67 -13.33
CA ARG B 809 5.01 -19.80 -12.32
C ARG B 809 5.36 -21.26 -12.04
N GLU B 810 5.26 -21.69 -10.79
CA GLU B 810 5.65 -23.03 -10.42
C GLU B 810 4.64 -24.10 -10.81
N ASN B 811 3.44 -23.71 -11.25
CA ASN B 811 2.40 -24.68 -11.58
C ASN B 811 2.49 -25.05 -13.06
N GLY B 812 3.60 -25.70 -13.41
CA GLY B 812 3.76 -26.26 -14.73
C GLY B 812 4.18 -25.29 -15.82
N ALA B 813 4.55 -24.06 -15.48
CA ALA B 813 5.00 -23.12 -16.48
C ALA B 813 6.45 -23.42 -16.85
N VAL B 814 6.94 -22.70 -17.87
CA VAL B 814 8.34 -22.84 -18.29
C VAL B 814 9.14 -21.86 -17.45
N PHE B 815 9.51 -22.32 -16.26
CA PHE B 815 10.34 -21.52 -15.35
C PHE B 815 11.74 -21.46 -15.92
N LYS B 816 12.12 -20.30 -16.46
CA LYS B 816 13.34 -20.20 -17.25
C LYS B 816 14.60 -20.40 -16.42
N HIS B 817 14.55 -20.18 -15.10
CA HIS B 817 15.69 -20.48 -14.26
C HIS B 817 15.97 -21.98 -14.21
N ALA B 818 14.93 -22.77 -13.93
CA ALA B 818 15.08 -24.22 -13.94
C ALA B 818 15.38 -24.72 -15.34
N SER B 819 14.82 -24.08 -16.37
CA SER B 819 15.13 -24.47 -17.74
C SER B 819 16.60 -24.24 -18.05
N MET B 820 17.17 -23.13 -17.60
CA MET B 820 18.58 -22.87 -17.83
C MET B 820 19.46 -23.84 -17.03
N MET B 821 19.04 -24.20 -15.83
CA MET B 821 19.80 -25.21 -15.08
C MET B 821 19.77 -26.55 -15.80
N ALA B 822 18.62 -26.92 -16.35
CA ALA B 822 18.52 -28.16 -17.12
C ALA B 822 19.37 -28.09 -18.38
N VAL B 823 19.42 -26.93 -19.02
CA VAL B 823 20.27 -26.76 -20.20
C VAL B 823 21.73 -26.91 -19.82
N ALA B 824 22.12 -26.38 -18.66
CA ALA B 824 23.49 -26.57 -18.19
C ALA B 824 23.79 -28.04 -17.97
N ALA B 825 22.84 -28.78 -17.38
CA ALA B 825 23.01 -30.21 -17.20
C ALA B 825 23.16 -30.92 -18.53
N LEU B 826 22.34 -30.55 -19.52
CA LEU B 826 22.41 -31.17 -20.84
C LEU B 826 23.75 -30.89 -21.50
N ILE B 827 24.25 -29.66 -21.37
CA ILE B 827 25.54 -29.30 -21.94
C ILE B 827 26.65 -30.12 -21.28
N LYS B 828 26.61 -30.23 -19.95
CA LYS B 828 27.62 -31.00 -19.24
C LYS B 828 27.60 -32.46 -19.65
N ALA B 829 26.40 -33.03 -19.80
CA ALA B 829 26.29 -34.44 -20.20
C ALA B 829 26.76 -34.66 -21.63
N ALA B 830 26.44 -33.72 -22.53
CA ALA B 830 26.75 -33.90 -23.93
C ALA B 830 28.25 -33.93 -24.21
N LYS B 831 29.06 -33.40 -23.31
CA LYS B 831 30.50 -33.35 -23.53
C LYS B 831 31.22 -34.64 -23.16
N LYS B 832 30.55 -35.58 -22.48
CA LYS B 832 31.22 -36.76 -21.96
C LYS B 832 30.52 -38.08 -22.22
N VAL B 833 29.26 -38.07 -22.64
CA VAL B 833 28.56 -39.33 -22.88
C VAL B 833 29.16 -40.03 -24.09
N LYS B 834 29.23 -41.36 -24.01
CA LYS B 834 29.83 -42.14 -25.11
C LYS B 834 28.93 -42.16 -26.32
N ASP B 835 27.61 -42.23 -26.12
CA ASP B 835 26.68 -42.31 -27.23
C ASP B 835 26.63 -40.96 -27.95
N ASN B 836 27.03 -40.97 -29.23
CA ASN B 836 27.07 -39.72 -29.99
C ASN B 836 25.67 -39.21 -30.31
N GLU B 837 24.73 -40.13 -30.59
CA GLU B 837 23.36 -39.71 -30.90
C GLU B 837 22.70 -39.06 -29.71
N LEU B 838 22.90 -39.61 -28.51
CA LEU B 838 22.35 -39.00 -27.31
C LEU B 838 22.92 -37.60 -27.08
N ALA B 839 24.23 -37.44 -27.28
CA ALA B 839 24.83 -36.13 -27.14
C ALA B 839 24.27 -35.15 -28.17
N LYS B 840 24.07 -35.61 -29.41
CA LYS B 840 23.51 -34.75 -30.44
C LYS B 840 22.10 -34.30 -30.07
N GLU B 841 21.26 -35.23 -29.61
CA GLU B 841 19.90 -34.88 -29.20
C GLU B 841 19.91 -33.90 -28.03
N MET B 842 20.78 -34.14 -27.05
CA MET B 842 20.85 -33.25 -25.89
C MET B 842 21.30 -31.86 -26.29
N ALA B 843 22.28 -31.75 -27.19
CA ALA B 843 22.72 -30.44 -27.67
C ALA B 843 21.62 -29.74 -28.44
N ARG B 844 20.88 -30.49 -29.27
CA ARG B 844 19.77 -29.89 -29.99
C ARG B 844 18.71 -29.35 -29.03
N ILE B 845 18.38 -30.11 -28.00
CA ILE B 845 17.40 -29.65 -27.01
C ILE B 845 17.92 -28.42 -26.29
N ALA B 846 19.20 -28.41 -25.94
CA ALA B 846 19.78 -27.27 -25.23
C ALA B 846 19.70 -26.01 -26.07
N TYR B 847 20.05 -26.11 -27.35
CA TYR B 847 20.02 -24.93 -28.22
C TYR B 847 18.58 -24.49 -28.47
N PHE B 848 17.66 -25.44 -28.61
CA PHE B 848 16.25 -25.09 -28.77
C PHE B 848 15.73 -24.33 -27.56
N MET B 849 16.09 -24.76 -26.35
CA MET B 849 15.65 -24.07 -25.16
C MET B 849 16.33 -22.70 -25.04
N ILE B 850 17.59 -22.61 -25.43
CA ILE B 850 18.30 -21.33 -25.35
C ILE B 850 17.67 -20.31 -26.29
N ASP B 851 17.27 -20.74 -27.48
CA ASP B 851 16.67 -19.82 -28.44
C ASP B 851 15.38 -19.19 -27.92
N LEU B 852 14.73 -19.80 -26.93
CA LEU B 852 13.52 -19.27 -26.35
C LEU B 852 13.76 -18.33 -25.18
N VAL B 853 15.02 -18.04 -24.86
CA VAL B 853 15.35 -17.30 -23.64
C VAL B 853 16.08 -16.01 -23.99
N LEU B 854 16.78 -16.00 -25.13
CA LEU B 854 17.56 -14.83 -25.51
C LEU B 854 16.65 -13.62 -25.65
N PRO B 855 16.90 -12.53 -24.92
CA PRO B 855 15.98 -11.38 -24.96
C PRO B 855 15.84 -10.76 -26.34
N TYR B 856 16.91 -10.71 -27.13
CA TYR B 856 16.86 -10.02 -28.41
C TYR B 856 15.89 -10.68 -29.39
N LYS B 857 15.55 -11.94 -29.17
CA LYS B 857 14.59 -12.62 -30.03
C LYS B 857 13.15 -12.33 -29.64
N ASN B 858 12.92 -11.56 -28.57
CA ASN B 858 11.57 -11.18 -28.21
C ASN B 858 10.97 -10.18 -29.17
N LEU B 859 11.78 -9.55 -30.00
CA LEU B 859 11.28 -8.58 -30.97
C LEU B 859 10.77 -9.20 -32.26
N GLU B 860 10.96 -10.51 -32.43
CA GLU B 860 10.45 -11.17 -33.63
C GLU B 860 8.93 -11.22 -33.63
N ASN B 861 8.34 -11.57 -32.49
CA ASN B 861 6.88 -11.58 -32.31
C ASN B 861 6.56 -10.87 -31.00
N PRO B 862 6.83 -9.56 -30.92
CA PRO B 862 6.79 -8.88 -29.61
C PRO B 862 5.43 -8.88 -28.95
N PHE B 863 4.34 -8.82 -29.71
CA PHE B 863 3.03 -8.69 -29.12
C PHE B 863 2.42 -10.03 -28.71
N GLN B 864 3.13 -11.13 -28.92
CA GLN B 864 2.71 -12.43 -28.41
C GLN B 864 3.61 -12.94 -27.29
N VAL B 865 4.92 -12.80 -27.43
CA VAL B 865 5.83 -13.29 -26.39
C VAL B 865 6.07 -12.25 -25.30
N ALA B 866 5.93 -10.97 -25.62
CA ALA B 866 6.11 -9.86 -24.67
C ALA B 866 7.51 -9.97 -24.08
N GLY B 867 7.69 -9.86 -22.78
CA GLY B 867 9.01 -9.97 -22.17
C GLY B 867 9.74 -8.65 -22.19
N ASN B 868 11.00 -8.70 -22.58
CA ASN B 868 11.83 -7.50 -22.70
C ASN B 868 12.98 -7.79 -23.66
N PRO B 869 13.22 -6.91 -24.65
CA PRO B 869 14.26 -7.21 -25.64
C PRO B 869 15.67 -7.08 -25.12
N ARG B 870 15.87 -6.60 -23.90
CA ARG B 870 17.22 -6.43 -23.35
C ARG B 870 17.43 -7.08 -21.99
N ILE B 871 16.38 -7.46 -21.29
CA ILE B 871 16.49 -8.01 -19.94
C ILE B 871 15.69 -9.32 -19.88
N CYS B 872 16.31 -10.36 -19.32
CA CYS B 872 15.64 -11.65 -19.20
C CYS B 872 14.49 -11.58 -18.19
N THR B 873 13.38 -12.23 -18.52
CA THR B 873 12.23 -12.30 -17.64
C THR B 873 12.28 -13.58 -16.81
N GLN B 874 11.20 -13.88 -16.10
CA GLN B 874 11.21 -14.99 -15.15
C GLN B 874 10.74 -16.30 -15.78
N TYR B 875 9.52 -16.33 -16.30
CA TYR B 875 8.95 -17.57 -16.82
C TYR B 875 8.11 -17.28 -18.06
N ILE B 876 7.71 -18.37 -18.72
CA ILE B 876 6.89 -18.31 -19.92
C ILE B 876 5.59 -19.05 -19.65
N ASN B 877 4.47 -18.41 -19.93
CA ASN B 877 3.17 -19.06 -19.77
C ASN B 877 2.97 -20.08 -20.88
N THR B 878 2.68 -21.32 -20.50
CA THR B 878 2.58 -22.39 -21.48
C THR B 878 1.31 -22.30 -22.32
N ASP B 879 0.27 -21.65 -21.81
CA ASP B 879 -0.97 -21.53 -22.57
C ASP B 879 -0.86 -20.52 -23.71
N THR B 880 -0.14 -19.42 -23.49
CA THR B 880 -0.06 -18.35 -24.45
C THR B 880 1.33 -18.08 -25.00
N GLY B 881 2.38 -18.54 -24.34
CA GLY B 881 3.73 -18.27 -24.79
C GLY B 881 4.26 -16.92 -24.37
N GLU B 882 3.53 -16.17 -23.56
CA GLU B 882 3.97 -14.84 -23.14
C GLU B 882 5.04 -14.94 -22.07
N ASN B 883 6.05 -14.08 -22.19
CA ASN B 883 7.11 -13.99 -21.18
C ASN B 883 6.64 -13.05 -20.08
N ILE B 884 6.36 -13.60 -18.90
CA ILE B 884 5.86 -12.82 -17.78
C ILE B 884 6.89 -12.90 -16.66
N GLY B 885 6.71 -12.09 -15.62
CA GLY B 885 7.53 -12.19 -14.44
C GLY B 885 8.42 -10.99 -14.25
N PRO B 886 9.03 -10.89 -13.08
CA PRO B 886 9.95 -9.78 -12.81
C PRO B 886 11.20 -9.86 -13.68
N LEU B 887 11.78 -8.70 -13.93
CA LEU B 887 12.99 -8.62 -14.73
C LEU B 887 14.20 -9.22 -14.04
N LEU B 888 14.11 -9.51 -12.75
CA LEU B 888 15.21 -10.08 -11.98
C LEU B 888 14.96 -11.57 -11.77
N SER B 889 15.93 -12.39 -12.19
CA SER B 889 15.84 -13.83 -12.00
C SER B 889 17.21 -14.44 -12.26
N GLY B 890 17.38 -15.69 -11.83
CA GLY B 890 18.59 -16.42 -12.13
C GLY B 890 18.72 -16.83 -13.58
N THR B 891 17.69 -16.54 -14.38
CA THR B 891 17.72 -16.86 -15.80
C THR B 891 18.92 -16.22 -16.48
N ALA B 892 19.18 -14.94 -16.19
CA ALA B 892 20.30 -14.25 -16.83
C ALA B 892 21.63 -14.88 -16.44
N THR B 893 21.81 -15.17 -15.14
CA THR B 893 23.06 -15.75 -14.67
C THR B 893 23.32 -17.11 -15.31
N TRP B 894 22.31 -17.97 -15.30
CA TRP B 894 22.52 -19.31 -15.84
C TRP B 894 22.59 -19.30 -17.36
N LEU B 895 21.93 -18.34 -18.02
CA LEU B 895 22.11 -18.18 -19.46
C LEU B 895 23.53 -17.76 -19.80
N ASN B 896 24.10 -16.84 -19.03
CA ASN B 896 25.49 -16.46 -19.24
C ASN B 896 26.41 -17.65 -19.03
N LEU B 897 26.19 -18.42 -17.96
CA LEU B 897 27.03 -19.58 -17.71
C LEU B 897 26.91 -20.61 -18.83
N ASN B 898 25.69 -20.87 -19.30
CA ASN B 898 25.49 -21.86 -20.35
C ASN B 898 26.12 -21.41 -21.67
N LEU B 899 25.99 -20.13 -22.01
CA LEU B 899 26.57 -19.64 -23.24
C LEU B 899 28.10 -19.67 -23.19
N ILE B 900 28.68 -19.40 -22.01
CA ILE B 900 30.13 -19.54 -21.89
C ILE B 900 30.54 -21.00 -21.98
N SER B 901 29.76 -21.90 -21.37
CA SER B 901 30.09 -23.31 -21.39
C SER B 901 30.02 -23.89 -22.80
N LEU B 902 29.03 -23.45 -23.59
CA LEU B 902 28.89 -23.95 -24.95
C LEU B 902 30.12 -23.62 -25.79
N ALA B 903 30.73 -22.46 -25.55
CA ALA B 903 31.99 -22.13 -26.21
C ALA B 903 33.13 -23.02 -25.76
N GLY B 904 32.96 -23.76 -24.67
CA GLY B 904 33.96 -24.69 -24.22
C GLY B 904 34.85 -24.21 -23.09
N ILE B 905 34.56 -23.05 -22.51
CA ILE B 905 35.41 -22.47 -21.47
C ILE B 905 34.95 -23.00 -20.12
N GLU B 906 35.69 -23.96 -19.58
CA GLU B 906 35.46 -24.49 -18.25
C GLU B 906 36.78 -24.47 -17.49
N TYR B 907 36.76 -23.94 -16.28
CA TYR B 907 37.96 -23.77 -15.48
C TYR B 907 38.13 -24.96 -14.53
N THR B 908 39.28 -25.61 -14.62
CA THR B 908 39.64 -26.71 -13.74
C THR B 908 40.89 -26.35 -12.96
N ARG B 909 41.40 -27.30 -12.19
CA ARG B 909 42.60 -27.04 -11.40
C ARG B 909 43.86 -26.93 -12.24
N ASP B 910 43.86 -27.49 -13.44
CA ASP B 910 45.03 -27.46 -14.32
C ASP B 910 44.95 -26.39 -15.39
N GLY B 911 43.88 -25.58 -15.40
CA GLY B 911 43.75 -24.55 -16.40
C GLY B 911 42.36 -24.46 -16.99
N ILE B 912 42.27 -24.34 -18.32
CA ILE B 912 41.01 -24.21 -19.02
C ILE B 912 40.75 -25.52 -19.75
N SER B 913 39.62 -26.16 -19.43
CA SER B 913 39.22 -27.40 -20.08
C SER B 913 38.41 -27.05 -21.31
N PHE B 914 39.09 -26.91 -22.45
CA PHE B 914 38.45 -26.50 -23.68
C PHE B 914 37.68 -27.67 -24.27
N ASN B 915 36.38 -27.46 -24.50
CA ASN B 915 35.52 -28.49 -25.07
C ASN B 915 34.24 -27.85 -25.62
N PRO B 916 34.29 -27.25 -26.80
CA PRO B 916 33.13 -26.52 -27.31
C PRO B 916 32.07 -27.45 -27.90
N ILE B 917 30.83 -26.94 -27.89
CA ILE B 917 29.70 -27.61 -28.51
C ILE B 917 28.96 -26.55 -29.33
N LEU B 918 29.05 -26.65 -30.65
CA LEU B 918 28.51 -25.64 -31.55
C LEU B 918 27.18 -26.09 -32.14
N ARG B 919 26.48 -25.14 -32.76
CA ARG B 919 25.24 -25.46 -33.45
C ARG B 919 25.51 -26.30 -34.69
N GLU B 920 24.50 -27.06 -35.09
CA GLU B 920 24.65 -27.91 -36.28
C GLU B 920 24.87 -27.08 -37.53
N GLU B 921 24.11 -25.99 -37.68
CA GLU B 921 24.23 -25.16 -38.87
C GLU B 921 25.41 -24.20 -38.82
N GLU B 922 25.97 -23.96 -37.63
CA GLU B 922 27.11 -23.06 -37.52
C GLU B 922 28.36 -23.72 -38.07
N THR B 923 29.21 -22.91 -38.70
CA THR B 923 30.47 -23.40 -39.24
C THR B 923 31.68 -22.61 -38.78
N GLN B 924 31.48 -21.58 -37.95
CA GLN B 924 32.59 -20.74 -37.50
C GLN B 924 32.18 -20.07 -36.20
N LEU B 925 33.10 -20.04 -35.24
CA LEU B 925 32.83 -19.40 -33.95
C LEU B 925 34.12 -18.78 -33.43
N ASN B 926 34.15 -17.46 -33.33
CA ASN B 926 35.31 -16.74 -32.83
C ASN B 926 34.93 -15.93 -31.61
N PHE B 927 35.78 -15.94 -30.60
CA PHE B 927 35.55 -15.12 -29.42
C PHE B 927 36.88 -14.83 -28.74
N THR B 928 36.84 -13.89 -27.80
CA THR B 928 38.01 -13.48 -27.04
C THR B 928 37.73 -13.62 -25.55
N LEU B 929 38.71 -14.14 -24.82
CA LEU B 929 38.62 -14.38 -23.40
C LEU B 929 39.72 -13.62 -22.67
N LYS B 930 39.39 -13.04 -21.54
CA LYS B 930 40.32 -12.26 -20.75
C LYS B 930 40.71 -13.03 -19.49
N ALA B 931 42.00 -13.01 -19.18
CA ALA B 931 42.57 -13.70 -18.04
C ALA B 931 43.33 -12.71 -17.18
N PRO B 932 43.51 -13.00 -15.89
CA PRO B 932 44.20 -12.04 -15.01
C PRO B 932 45.61 -11.69 -15.47
N LYS B 933 46.32 -12.61 -16.10
CA LYS B 933 47.71 -12.38 -16.49
C LYS B 933 47.95 -12.62 -17.98
N CYS B 934 46.91 -12.81 -18.77
CA CYS B 934 47.06 -13.02 -20.22
C CYS B 934 45.69 -12.86 -20.86
N SER B 935 45.60 -13.20 -22.15
CA SER B 935 44.34 -13.16 -22.87
C SER B 935 44.40 -14.21 -23.97
N TYR B 936 43.22 -14.64 -24.42
CA TYR B 936 43.10 -15.69 -25.43
C TYR B 936 42.16 -15.24 -26.54
N LYS B 937 42.47 -15.68 -27.75
CA LYS B 937 41.60 -15.49 -28.91
C LYS B 937 41.28 -16.87 -29.48
N PHE B 938 40.05 -17.32 -29.29
CA PHE B 938 39.62 -18.65 -29.71
C PHE B 938 38.92 -18.56 -31.06
N SER B 939 39.31 -19.46 -31.97
CA SER B 939 38.65 -19.62 -33.26
C SER B 939 38.34 -21.09 -33.46
N ILE B 940 37.11 -21.40 -33.84
CA ILE B 940 36.65 -22.77 -34.03
C ILE B 940 36.01 -22.88 -35.40
N THR B 941 36.44 -23.88 -36.17
CA THR B 941 35.91 -24.13 -37.51
C THR B 941 35.45 -25.58 -37.60
N LYS B 942 34.29 -25.78 -38.23
CA LYS B 942 33.72 -27.12 -38.36
C LYS B 942 32.81 -27.14 -39.57
N PRO B 943 32.62 -28.30 -40.19
CA PRO B 943 31.62 -28.41 -41.27
C PRO B 943 30.21 -28.43 -40.69
N VAL B 944 29.24 -28.39 -41.60
CA VAL B 944 27.84 -28.38 -41.19
C VAL B 944 27.48 -29.73 -40.61
N GLY B 945 26.81 -29.72 -39.45
CA GLY B 945 26.45 -30.94 -38.76
C GLY B 945 27.00 -30.98 -37.34
N PHE B 946 26.48 -31.90 -36.53
CA PHE B 946 26.94 -32.00 -35.15
C PHE B 946 28.37 -32.51 -35.10
N ALA B 947 29.17 -31.90 -34.21
CA ALA B 947 30.57 -32.29 -34.06
C ALA B 947 31.02 -31.96 -32.65
N ARG B 948 31.82 -32.86 -32.08
CA ARG B 948 32.37 -32.68 -30.75
C ARG B 948 33.68 -33.44 -30.65
N MET B 949 34.56 -32.98 -29.76
CA MET B 949 35.87 -33.60 -29.63
C MET B 949 35.80 -35.01 -29.08
N GLU B 950 34.69 -35.38 -28.44
CA GLU B 950 34.55 -36.73 -27.92
C GLU B 950 34.54 -37.76 -29.04
N SER B 951 33.87 -37.45 -30.15
CA SER B 951 33.72 -38.39 -31.26
C SER B 951 34.35 -37.91 -32.56
N SER B 952 34.19 -36.64 -32.90
CA SER B 952 34.69 -36.13 -34.17
C SER B 952 36.21 -36.00 -34.14
N GLU B 953 36.81 -36.02 -35.33
CA GLU B 953 38.24 -35.82 -35.48
C GLU B 953 38.54 -34.32 -35.49
N TYR B 954 39.53 -33.92 -34.70
CA TYR B 954 39.82 -32.50 -34.54
C TYR B 954 41.32 -32.27 -34.46
N GLU B 955 41.71 -31.05 -34.79
CA GLU B 955 43.09 -30.57 -34.63
C GLU B 955 43.07 -29.30 -33.81
N LEU B 956 43.92 -29.23 -32.80
CA LEU B 956 43.98 -28.11 -31.88
C LEU B 956 45.37 -27.50 -31.92
N PHE B 957 45.43 -26.18 -32.12
CA PHE B 957 46.69 -25.44 -32.18
C PHE B 957 46.66 -24.32 -31.14
N VAL B 958 47.76 -24.18 -30.40
CA VAL B 958 47.93 -23.08 -29.47
C VAL B 958 49.21 -22.35 -29.86
N ASP B 959 49.07 -21.06 -30.19
CA ASP B 959 50.19 -20.24 -30.67
C ASP B 959 50.87 -20.89 -31.87
N GLY B 960 50.05 -21.48 -32.74
CA GLY B 960 50.58 -22.13 -33.93
C GLY B 960 51.26 -23.45 -33.68
N GLN B 961 51.11 -24.02 -32.49
CA GLN B 961 51.74 -25.28 -32.14
C GLN B 961 50.67 -26.35 -31.95
N LYS B 962 50.83 -27.47 -32.64
CA LYS B 962 49.91 -28.58 -32.48
C LYS B 962 50.12 -29.25 -31.13
N ILE B 963 49.02 -29.46 -30.40
CA ILE B 963 49.07 -30.09 -29.09
C ILE B 963 48.03 -31.19 -29.03
N ASP B 964 48.22 -32.10 -28.07
CA ASP B 964 47.30 -33.20 -27.84
C ASP B 964 46.45 -33.03 -26.59
N ASN B 965 47.01 -32.49 -25.52
CA ASN B 965 46.25 -32.25 -24.31
C ASN B 965 45.22 -31.15 -24.56
N THR B 966 44.00 -31.38 -24.08
CA THR B 966 42.89 -30.47 -24.32
C THR B 966 42.72 -29.43 -23.22
N VAL B 967 43.61 -29.40 -22.24
CA VAL B 967 43.55 -28.42 -21.15
C VAL B 967 44.52 -27.30 -21.47
N ILE B 968 43.99 -26.09 -21.65
CA ILE B 968 44.81 -24.92 -21.97
C ILE B 968 45.35 -24.34 -20.67
N PRO B 969 46.67 -24.26 -20.50
CA PRO B 969 47.21 -23.68 -19.26
C PRO B 969 46.94 -22.19 -19.18
N MET B 970 46.85 -21.70 -17.95
CA MET B 970 46.66 -20.27 -17.71
C MET B 970 48.02 -19.59 -17.73
N TYR B 971 48.35 -18.97 -18.86
CA TYR B 971 49.65 -18.32 -19.00
C TYR B 971 49.71 -17.05 -18.17
N THR B 972 50.94 -16.63 -17.87
CA THR B 972 51.18 -15.43 -17.07
C THR B 972 52.23 -14.54 -17.72
N ASP B 973 52.27 -14.48 -19.04
CA ASP B 973 53.27 -13.71 -19.76
C ASP B 973 52.72 -12.37 -20.25
N GLU B 974 51.50 -12.00 -19.87
CA GLU B 974 50.90 -10.72 -20.25
C GLU B 974 50.86 -10.54 -21.76
N LYS B 975 50.55 -11.61 -22.47
CA LYS B 975 50.45 -11.59 -23.93
C LYS B 975 49.12 -12.21 -24.34
N GLU B 976 48.85 -12.19 -25.63
CA GLU B 976 47.64 -12.77 -26.21
C GLU B 976 48.01 -14.06 -26.92
N HIS B 977 47.28 -15.13 -26.61
CA HIS B 977 47.52 -16.44 -27.18
C HIS B 977 46.37 -16.81 -28.11
N ILE B 978 46.71 -17.29 -29.30
CA ILE B 978 45.73 -17.65 -30.31
C ILE B 978 45.50 -19.16 -30.23
N VAL B 979 44.23 -19.55 -30.07
CA VAL B 979 43.84 -20.95 -30.01
C VAL B 979 42.93 -21.24 -31.18
N THR B 980 43.24 -22.29 -31.94
CA THR B 980 42.49 -22.65 -33.13
C THR B 980 42.07 -24.10 -33.04
N LEU B 981 40.79 -24.37 -33.28
CA LEU B 981 40.26 -25.72 -33.32
C LEU B 981 39.62 -25.96 -34.67
N LYS B 982 39.96 -27.08 -35.30
CA LYS B 982 39.45 -27.42 -36.63
C LYS B 982 38.90 -28.83 -36.61
N PHE B 983 37.63 -28.97 -36.98
CA PHE B 983 36.99 -30.27 -37.05
C PHE B 983 37.04 -30.79 -38.48
N LYS B 984 37.32 -32.08 -38.63
CA LYS B 984 37.44 -32.72 -39.93
C LYS B 984 36.30 -33.72 -40.10
N HIS B 985 35.64 -33.68 -41.24
CA HIS B 985 34.57 -34.62 -41.53
C HIS B 985 35.13 -36.00 -41.86
N HIS B 986 34.31 -37.02 -41.67
CA HIS B 986 34.70 -38.39 -41.98
C HIS B 986 34.84 -38.59 -43.49
#